data_2IGG
#
_entry.id   2IGG
#
_cell.length_a   1.000
_cell.length_b   1.000
_cell.length_c   1.000
_cell.angle_alpha   90.00
_cell.angle_beta   90.00
_cell.angle_gamma   90.00
#
_symmetry.space_group_name_H-M   'P 1'
#
_entity_poly.entity_id   1
_entity_poly.type   'polypeptide(L)'
_entity_poly.pdbx_seq_one_letter_code
;LTPAVTTYKLVINGKTLKGETTTEAVDAATAEKVFKQYANDNGVDGEWTYDDATKTFTVTEKPE
;
_entity_poly.pdbx_strand_id   A
#
# COMPACT_ATOMS: atom_id res chain seq x y z
N LEU A 1 10.22 -20.20 -1.92
CA LEU A 1 9.79 -18.79 -2.21
C LEU A 1 10.34 -18.41 -3.59
N THR A 2 9.82 -17.35 -4.13
CA THR A 2 10.27 -16.85 -5.47
C THR A 2 10.86 -15.44 -5.27
N PRO A 3 12.16 -15.31 -5.22
CA PRO A 3 12.85 -14.01 -5.03
C PRO A 3 12.88 -13.26 -6.38
N ALA A 4 11.70 -12.87 -6.80
CA ALA A 4 11.53 -12.13 -8.09
C ALA A 4 11.23 -10.67 -7.79
N VAL A 5 11.63 -9.82 -8.70
CA VAL A 5 11.41 -8.35 -8.52
C VAL A 5 10.18 -8.05 -9.37
N THR A 6 9.12 -7.71 -8.67
CA THR A 6 7.82 -7.38 -9.31
C THR A 6 7.35 -6.02 -8.83
N THR A 7 6.36 -5.47 -9.52
CA THR A 7 5.82 -4.14 -9.14
C THR A 7 4.38 -4.36 -8.67
N TYR A 8 4.00 -3.59 -7.68
CA TYR A 8 2.63 -3.68 -7.12
C TYR A 8 2.04 -2.28 -7.02
N LYS A 9 0.76 -2.24 -6.76
CA LYS A 9 0.07 -0.91 -6.64
C LYS A 9 -0.61 -0.71 -5.29
N LEU A 10 -0.71 0.53 -4.90
CA LEU A 10 -1.37 0.94 -3.62
C LEU A 10 -2.34 2.12 -3.77
N VAL A 11 -3.45 2.05 -3.09
CA VAL A 11 -4.47 3.15 -3.14
C VAL A 11 -4.65 3.59 -1.69
N ILE A 12 -4.91 4.85 -1.52
CA ILE A 12 -5.11 5.41 -0.16
C ILE A 12 -6.54 5.97 -0.13
N ASN A 13 -7.22 5.73 0.95
CA ASN A 13 -8.62 6.20 1.13
C ASN A 13 -8.73 6.84 2.54
N GLY A 14 -8.10 7.97 2.70
CA GLY A 14 -8.11 8.69 4.01
C GLY A 14 -8.78 10.06 3.88
N LYS A 15 -8.60 10.86 4.90
CA LYS A 15 -9.20 12.23 4.89
C LYS A 15 -8.06 13.24 4.62
N THR A 16 -7.12 12.75 3.85
CA THR A 16 -5.91 13.53 3.44
C THR A 16 -5.79 13.39 1.91
N LEU A 17 -5.66 12.16 1.50
CA LEU A 17 -5.52 11.82 0.05
C LEU A 17 -6.41 10.62 -0.35
N LYS A 18 -6.90 10.68 -1.56
CA LYS A 18 -7.77 9.60 -2.13
C LYS A 18 -7.24 9.36 -3.56
N GLY A 19 -6.00 8.97 -3.61
CA GLY A 19 -5.31 8.69 -4.91
C GLY A 19 -4.55 7.38 -4.82
N GLU A 20 -3.77 7.11 -5.84
CA GLU A 20 -2.97 5.85 -5.85
C GLU A 20 -1.51 6.15 -6.18
N THR A 21 -0.70 5.25 -5.71
CA THR A 21 0.79 5.30 -5.89
C THR A 21 1.17 3.83 -6.13
N THR A 22 2.41 3.60 -6.44
CA THR A 22 2.89 2.20 -6.68
C THR A 22 4.30 2.04 -6.11
N THR A 23 4.76 0.81 -6.02
CA THR A 23 6.13 0.53 -5.50
C THR A 23 6.62 -0.80 -6.07
N GLU A 24 7.87 -1.08 -5.80
CA GLU A 24 8.50 -2.36 -6.29
C GLU A 24 8.76 -3.20 -5.04
N ALA A 25 8.69 -4.49 -5.21
CA ALA A 25 8.92 -5.42 -4.07
C ALA A 25 9.50 -6.75 -4.52
N VAL A 26 9.89 -7.54 -3.55
CA VAL A 26 10.47 -8.89 -3.80
C VAL A 26 9.29 -9.82 -3.53
N ASP A 27 8.81 -9.74 -2.31
CA ASP A 27 7.64 -10.56 -1.87
C ASP A 27 6.62 -9.66 -1.16
N ALA A 28 5.53 -10.26 -0.77
CA ALA A 28 4.42 -9.53 -0.07
C ALA A 28 4.96 -8.57 1.00
N ALA A 29 5.82 -9.12 1.84
CA ALA A 29 6.43 -8.32 2.94
C ALA A 29 7.14 -7.06 2.43
N THR A 30 8.08 -7.22 1.53
CA THR A 30 8.81 -6.02 0.97
C THR A 30 7.82 -4.93 0.57
N ALA A 31 6.85 -5.33 -0.22
CA ALA A 31 5.81 -4.35 -0.68
C ALA A 31 5.22 -3.64 0.52
N GLU A 32 4.69 -4.42 1.42
CA GLU A 32 4.07 -3.86 2.65
C GLU A 32 5.02 -2.86 3.32
N LYS A 33 6.25 -3.24 3.50
CA LYS A 33 7.25 -2.34 4.15
C LYS A 33 7.43 -0.99 3.44
N VAL A 34 7.70 -1.00 2.16
CA VAL A 34 7.88 0.32 1.45
C VAL A 34 6.58 1.12 1.53
N PHE A 35 5.49 0.47 1.20
CA PHE A 35 4.18 1.16 1.25
C PHE A 35 3.98 1.74 2.66
N LYS A 36 4.22 0.97 3.70
CA LYS A 36 4.03 1.50 5.08
C LYS A 36 4.88 2.76 5.26
N GLN A 37 6.16 2.70 5.00
CA GLN A 37 7.03 3.92 5.16
C GLN A 37 6.33 5.14 4.53
N TYR A 38 5.94 4.97 3.30
CA TYR A 38 5.23 6.06 2.55
C TYR A 38 3.96 6.51 3.31
N ALA A 39 3.09 5.58 3.59
CA ALA A 39 1.83 5.89 4.34
C ALA A 39 2.11 6.62 5.65
N ASN A 40 3.14 6.21 6.33
CA ASN A 40 3.51 6.84 7.64
C ASN A 40 3.84 8.31 7.30
N ASP A 41 4.80 8.49 6.43
CA ASP A 41 5.24 9.86 5.99
C ASP A 41 3.99 10.75 5.78
N ASN A 42 3.13 10.22 4.94
CA ASN A 42 1.85 10.91 4.57
C ASN A 42 1.08 11.28 5.86
N GLY A 43 0.80 10.28 6.66
CA GLY A 43 0.06 10.46 7.95
C GLY A 43 -1.23 9.66 7.97
N VAL A 44 -1.19 8.49 7.36
CA VAL A 44 -2.37 7.57 7.30
C VAL A 44 -1.95 6.16 7.74
N ASP A 45 -2.92 5.37 8.13
CA ASP A 45 -2.74 3.94 8.60
C ASP A 45 -3.78 3.51 9.66
N GLY A 46 -4.98 3.21 9.20
CA GLY A 46 -6.09 2.77 10.11
C GLY A 46 -6.38 1.30 9.78
N GLU A 47 -6.60 1.08 8.51
CA GLU A 47 -6.91 -0.25 7.91
C GLU A 47 -5.78 -0.27 6.89
N TRP A 48 -4.69 -0.90 7.24
CA TRP A 48 -3.52 -0.95 6.30
C TRP A 48 -3.19 -2.38 5.85
N THR A 49 -3.70 -2.77 4.72
CA THR A 49 -3.44 -4.15 4.19
C THR A 49 -3.32 -4.23 2.66
N TYR A 50 -3.73 -5.37 2.18
CA TYR A 50 -3.74 -5.78 0.75
C TYR A 50 -5.16 -5.83 0.15
N ASP A 51 -5.19 -5.74 -1.15
CA ASP A 51 -6.45 -5.77 -1.94
C ASP A 51 -6.34 -6.81 -3.05
N ASP A 52 -7.34 -7.65 -3.08
CA ASP A 52 -7.43 -8.75 -4.09
C ASP A 52 -8.59 -8.42 -5.04
N ALA A 53 -8.87 -7.15 -5.10
CA ALA A 53 -9.96 -6.62 -5.97
C ALA A 53 -9.35 -5.60 -6.95
N THR A 54 -8.44 -6.15 -7.72
CA THR A 54 -7.61 -5.50 -8.80
C THR A 54 -6.09 -5.43 -8.46
N LYS A 55 -5.59 -6.51 -7.91
CA LYS A 55 -4.13 -6.65 -7.49
C LYS A 55 -3.50 -5.33 -7.01
N THR A 56 -4.10 -4.84 -5.96
CA THR A 56 -3.65 -3.55 -5.33
C THR A 56 -3.42 -3.75 -3.82
N PHE A 57 -2.97 -2.70 -3.18
CA PHE A 57 -2.70 -2.71 -1.71
C PHE A 57 -3.57 -1.55 -1.21
N THR A 58 -3.94 -1.52 0.05
CA THR A 58 -4.79 -0.36 0.51
C THR A 58 -4.62 0.08 1.94
N VAL A 59 -4.68 1.37 2.07
CA VAL A 59 -4.56 2.05 3.38
C VAL A 59 -5.79 2.96 3.46
N THR A 60 -6.70 2.48 4.24
CA THR A 60 -7.98 3.19 4.48
C THR A 60 -7.95 3.65 5.94
N GLU A 61 -8.82 4.55 6.28
CA GLU A 61 -8.86 5.06 7.69
C GLU A 61 -10.15 4.62 8.38
N LYS A 62 -10.22 3.32 8.52
CA LYS A 62 -11.39 2.64 9.16
C LYS A 62 -10.85 1.80 10.35
N PRO A 63 -10.57 2.44 11.46
CA PRO A 63 -10.05 1.75 12.67
C PRO A 63 -11.22 1.19 13.50
N GLU A 64 -10.90 0.30 14.40
CA GLU A 64 -11.93 -0.32 15.29
C GLU A 64 -11.56 0.01 16.75
N LEU A 1 15.61 -8.27 -14.54
CA LEU A 1 16.67 -8.40 -13.49
C LEU A 1 16.65 -7.07 -12.71
N THR A 2 15.70 -6.96 -11.83
CA THR A 2 15.55 -5.73 -10.99
C THR A 2 15.55 -6.16 -9.50
N PRO A 3 15.56 -5.22 -8.57
CA PRO A 3 15.56 -5.54 -7.12
C PRO A 3 14.16 -6.05 -6.69
N ALA A 4 13.28 -6.19 -7.65
CA ALA A 4 11.89 -6.66 -7.41
C ALA A 4 11.59 -7.93 -8.22
N VAL A 5 10.38 -8.39 -8.03
CA VAL A 5 9.85 -9.60 -8.70
C VAL A 5 8.66 -9.22 -9.58
N THR A 6 7.83 -8.51 -8.90
CA THR A 6 6.55 -7.97 -9.46
C THR A 6 6.38 -6.49 -9.06
N THR A 7 5.32 -5.92 -9.58
CA THR A 7 4.99 -4.48 -9.30
C THR A 7 3.67 -4.48 -8.53
N TYR A 8 3.54 -3.52 -7.65
CA TYR A 8 2.29 -3.41 -6.82
C TYR A 8 1.84 -1.96 -6.92
N LYS A 9 0.58 -1.78 -6.60
CA LYS A 9 -0.03 -0.41 -6.64
C LYS A 9 -0.59 -0.05 -5.27
N LEU A 10 -0.57 1.22 -4.93
CA LEU A 10 -1.09 1.65 -3.61
C LEU A 10 -1.94 2.91 -3.72
N VAL A 11 -3.10 2.84 -3.12
CA VAL A 11 -4.06 3.98 -3.12
C VAL A 11 -4.23 4.36 -1.65
N ILE A 12 -4.32 5.63 -1.42
CA ILE A 12 -4.50 6.17 -0.04
C ILE A 12 -5.83 6.89 -0.11
N ASN A 13 -6.78 6.52 0.72
CA ASN A 13 -8.11 7.20 0.69
C ASN A 13 -8.38 7.74 2.09
N GLY A 14 -7.39 8.46 2.57
CA GLY A 14 -7.40 9.11 3.92
C GLY A 14 -8.76 9.16 4.60
N LYS A 15 -9.57 10.08 4.13
CA LYS A 15 -10.96 10.26 4.67
C LYS A 15 -11.98 10.38 3.53
N THR A 16 -11.81 11.40 2.74
CA THR A 16 -12.72 11.68 1.57
C THR A 16 -11.94 11.75 0.24
N LEU A 17 -10.83 12.42 0.28
CA LEU A 17 -9.96 12.58 -0.93
C LEU A 17 -8.86 11.52 -0.91
N LYS A 18 -8.45 11.12 -2.09
CA LYS A 18 -7.38 10.09 -2.23
C LYS A 18 -6.21 10.51 -3.13
N GLY A 19 -5.17 9.73 -2.98
CA GLY A 19 -3.89 9.89 -3.72
C GLY A 19 -3.52 8.50 -4.25
N GLU A 20 -2.83 8.43 -5.37
CA GLU A 20 -2.44 7.11 -5.95
C GLU A 20 -0.96 7.07 -6.36
N THR A 21 -0.27 6.07 -5.88
CA THR A 21 1.18 5.88 -6.18
C THR A 21 1.46 4.38 -6.34
N THR A 22 2.60 4.03 -6.86
CA THR A 22 2.94 2.58 -7.04
C THR A 22 4.36 2.32 -6.54
N THR A 23 4.70 1.06 -6.44
CA THR A 23 6.07 0.67 -5.96
C THR A 23 6.33 -0.75 -6.48
N GLU A 24 7.52 -1.22 -6.24
CA GLU A 24 7.89 -2.60 -6.68
C GLU A 24 8.04 -3.50 -5.45
N ALA A 25 7.86 -4.79 -5.66
CA ALA A 25 7.99 -5.74 -4.51
C ALA A 25 8.58 -7.06 -4.98
N VAL A 26 9.06 -7.83 -4.04
CA VAL A 26 9.66 -9.16 -4.34
C VAL A 26 8.55 -10.13 -3.93
N ASP A 27 8.14 -9.97 -2.69
CA ASP A 27 7.05 -10.80 -2.08
C ASP A 27 5.94 -9.89 -1.57
N ALA A 28 4.83 -10.48 -1.22
CA ALA A 28 3.66 -9.70 -0.70
C ALA A 28 4.14 -8.81 0.46
N ALA A 29 4.87 -9.45 1.36
CA ALA A 29 5.42 -8.73 2.54
C ALA A 29 6.24 -7.51 2.09
N THR A 30 7.14 -7.72 1.15
CA THR A 30 7.98 -6.59 0.63
C THR A 30 7.09 -5.37 0.35
N ALA A 31 6.08 -5.60 -0.45
CA ALA A 31 5.13 -4.50 -0.82
C ALA A 31 4.66 -3.79 0.44
N GLU A 32 4.08 -4.56 1.32
CA GLU A 32 3.57 -4.00 2.60
C GLU A 32 4.63 -3.12 3.27
N LYS A 33 5.82 -3.64 3.40
CA LYS A 33 6.93 -2.86 4.04
C LYS A 33 7.28 -1.55 3.34
N VAL A 34 7.52 -1.58 2.05
CA VAL A 34 7.88 -0.30 1.35
C VAL A 34 6.74 0.70 1.47
N PHE A 35 5.56 0.26 1.11
CA PHE A 35 4.40 1.18 1.20
C PHE A 35 4.21 1.65 2.65
N LYS A 36 4.32 0.76 3.59
CA LYS A 36 4.15 1.14 5.02
C LYS A 36 5.14 2.24 5.38
N GLN A 37 6.42 2.06 5.11
CA GLN A 37 7.41 3.13 5.44
C GLN A 37 6.90 4.46 4.87
N TYR A 38 6.61 4.44 3.59
CA TYR A 38 6.08 5.67 2.89
C TYR A 38 4.87 6.26 3.66
N ALA A 39 3.88 5.44 3.88
CA ALA A 39 2.65 5.86 4.60
C ALA A 39 2.94 6.34 6.02
N ASN A 40 3.97 5.81 6.63
CA ASN A 40 4.35 6.21 8.02
C ASN A 40 4.91 7.63 7.90
N ASP A 41 5.90 7.76 7.05
CA ASP A 41 6.58 9.08 6.78
C ASP A 41 5.50 10.16 6.70
N ASN A 42 4.52 9.87 5.89
CA ASN A 42 3.37 10.80 5.67
C ASN A 42 2.56 10.97 6.98
N GLY A 43 2.03 9.89 7.50
CA GLY A 43 1.23 9.91 8.77
C GLY A 43 -0.21 9.42 8.54
N VAL A 44 -0.35 8.36 7.78
CA VAL A 44 -1.69 7.78 7.46
C VAL A 44 -1.71 6.26 7.74
N ASP A 45 -1.85 5.90 9.00
CA ASP A 45 -1.87 4.44 9.38
C ASP A 45 -3.05 4.03 10.30
N GLY A 46 -4.20 3.82 9.71
CA GLY A 46 -5.44 3.40 10.47
C GLY A 46 -5.88 2.01 10.00
N GLU A 47 -6.17 1.96 8.72
CA GLU A 47 -6.62 0.73 8.00
C GLU A 47 -5.48 0.60 6.99
N TRP A 48 -4.78 -0.50 6.96
CA TRP A 48 -3.65 -0.63 5.98
C TRP A 48 -3.55 -2.07 5.42
N THR A 49 -4.31 -2.35 4.41
CA THR A 49 -4.28 -3.74 3.81
C THR A 49 -4.41 -3.71 2.30
N TYR A 50 -4.52 -4.84 1.66
CA TYR A 50 -4.64 -4.88 0.17
C TYR A 50 -6.04 -5.23 -0.38
N ASP A 51 -6.30 -4.76 -1.58
CA ASP A 51 -7.62 -5.01 -2.26
C ASP A 51 -7.60 -5.03 -3.78
N ASP A 52 -7.06 -6.10 -4.25
CA ASP A 52 -6.97 -6.32 -5.73
C ASP A 52 -7.39 -7.71 -6.13
N ALA A 53 -6.92 -8.55 -5.25
CA ALA A 53 -7.08 -10.04 -5.27
C ALA A 53 -5.61 -10.45 -5.46
N THR A 54 -4.90 -9.69 -6.28
CA THR A 54 -3.45 -9.97 -6.54
C THR A 54 -2.48 -8.81 -6.28
N LYS A 55 -2.82 -7.56 -6.60
CA LYS A 55 -1.81 -6.47 -6.33
C LYS A 55 -2.14 -4.98 -6.02
N THR A 56 -3.15 -4.72 -5.23
CA THR A 56 -3.51 -3.29 -4.87
C THR A 56 -3.36 -3.23 -3.39
N PHE A 57 -2.79 -2.16 -2.93
CA PHE A 57 -2.60 -2.00 -1.47
C PHE A 57 -3.39 -0.73 -1.18
N THR A 58 -3.99 -0.68 -0.04
CA THR A 58 -4.79 0.51 0.33
C THR A 58 -4.63 0.83 1.78
N VAL A 59 -4.62 2.11 1.99
CA VAL A 59 -4.48 2.66 3.33
C VAL A 59 -5.59 3.71 3.46
N THR A 60 -6.25 3.61 4.56
CA THR A 60 -7.37 4.55 4.88
C THR A 60 -7.28 4.88 6.36
N GLU A 61 -7.95 5.90 6.80
CA GLU A 61 -7.90 6.25 8.25
C GLU A 61 -9.31 5.98 8.80
N LYS A 62 -9.74 4.80 8.44
CA LYS A 62 -11.07 4.25 8.82
C LYS A 62 -10.83 2.82 9.39
N PRO A 63 -10.26 2.72 10.57
CA PRO A 63 -9.97 1.41 11.25
C PRO A 63 -11.10 0.37 11.20
N GLU A 64 -12.31 0.85 11.32
CA GLU A 64 -13.51 -0.06 11.29
C GLU A 64 -14.32 0.19 10.01
N LEU A 1 4.03 -14.30 0.70
CA LEU A 1 4.82 -15.51 0.34
C LEU A 1 4.82 -15.67 -1.19
N THR A 2 5.11 -14.56 -1.84
CA THR A 2 5.15 -14.50 -3.34
C THR A 2 6.53 -13.92 -3.77
N PRO A 3 7.58 -14.70 -3.69
CA PRO A 3 8.96 -14.26 -4.07
C PRO A 3 9.08 -14.06 -5.60
N ALA A 4 8.57 -12.95 -6.04
CA ALA A 4 8.59 -12.57 -7.49
C ALA A 4 9.15 -11.16 -7.64
N VAL A 5 9.32 -10.74 -8.86
CA VAL A 5 9.86 -9.38 -9.18
C VAL A 5 8.74 -8.68 -9.97
N THR A 6 7.82 -8.14 -9.22
CA THR A 6 6.65 -7.43 -9.82
C THR A 6 6.47 -6.03 -9.21
N THR A 7 5.51 -5.34 -9.78
CA THR A 7 5.17 -3.97 -9.35
C THR A 7 3.80 -4.13 -8.70
N TYR A 8 3.61 -3.42 -7.61
CA TYR A 8 2.31 -3.50 -6.88
C TYR A 8 1.80 -2.07 -6.84
N LYS A 9 0.54 -1.96 -6.59
CA LYS A 9 -0.10 -0.61 -6.52
C LYS A 9 -0.80 -0.35 -5.19
N LEU A 10 -0.83 0.89 -4.76
CA LEU A 10 -1.51 1.24 -3.48
C LEU A 10 -2.45 2.43 -3.71
N VAL A 11 -3.60 2.38 -3.08
CA VAL A 11 -4.61 3.48 -3.20
C VAL A 11 -4.87 3.95 -1.76
N ILE A 12 -5.14 5.21 -1.60
CA ILE A 12 -5.40 5.76 -0.23
C ILE A 12 -6.86 6.24 -0.18
N ASN A 13 -7.43 6.11 0.98
CA ASN A 13 -8.83 6.52 1.23
C ASN A 13 -8.90 7.17 2.61
N GLY A 14 -8.36 8.36 2.70
CA GLY A 14 -8.35 9.11 3.99
C GLY A 14 -9.28 10.31 3.84
N LYS A 15 -9.20 11.21 4.78
CA LYS A 15 -10.08 12.43 4.73
C LYS A 15 -9.18 13.63 4.32
N THR A 16 -8.02 13.27 3.81
CA THR A 16 -7.00 14.27 3.35
C THR A 16 -6.66 13.97 1.89
N LEU A 17 -6.24 12.76 1.66
CA LEU A 17 -5.87 12.29 0.29
C LEU A 17 -6.70 11.07 -0.15
N LYS A 18 -7.05 11.08 -1.41
CA LYS A 18 -7.85 9.98 -2.00
C LYS A 18 -7.23 9.78 -3.41
N GLY A 19 -5.99 9.40 -3.40
CA GLY A 19 -5.23 9.18 -4.69
C GLY A 19 -4.55 7.81 -4.69
N GLU A 20 -3.76 7.59 -5.70
CA GLU A 20 -3.04 6.29 -5.82
C GLU A 20 -1.58 6.48 -6.28
N THR A 21 -0.75 5.58 -5.80
CA THR A 21 0.71 5.54 -6.11
C THR A 21 1.12 4.06 -6.22
N THR A 22 2.31 3.79 -6.72
CA THR A 22 2.75 2.35 -6.83
C THR A 22 4.23 2.18 -6.43
N THR A 23 4.65 0.94 -6.32
CA THR A 23 6.07 0.61 -5.95
C THR A 23 6.44 -0.77 -6.51
N GLU A 24 7.68 -1.13 -6.34
CA GLU A 24 8.18 -2.45 -6.83
C GLU A 24 8.39 -3.30 -5.57
N ALA A 25 8.09 -4.57 -5.66
CA ALA A 25 8.26 -5.46 -4.46
C ALA A 25 8.85 -6.82 -4.83
N VAL A 26 9.26 -7.52 -3.81
CA VAL A 26 9.85 -8.87 -3.99
C VAL A 26 8.79 -9.84 -3.48
N ASP A 27 8.45 -9.69 -2.22
CA ASP A 27 7.42 -10.57 -1.60
C ASP A 27 6.30 -9.69 -1.02
N ALA A 28 5.18 -10.31 -0.76
CA ALA A 28 3.99 -9.60 -0.17
C ALA A 28 4.45 -8.66 0.95
N ALA A 29 5.24 -9.23 1.83
CA ALA A 29 5.78 -8.45 2.98
C ALA A 29 6.54 -7.22 2.47
N THR A 30 7.44 -7.41 1.53
CA THR A 30 8.23 -6.26 0.97
C THR A 30 7.28 -5.10 0.62
N ALA A 31 6.30 -5.44 -0.18
CA ALA A 31 5.30 -4.42 -0.62
C ALA A 31 4.75 -3.67 0.60
N GLU A 32 4.21 -4.45 1.51
CA GLU A 32 3.64 -3.85 2.75
C GLU A 32 4.63 -2.89 3.41
N LYS A 33 5.84 -3.35 3.59
CA LYS A 33 6.87 -2.49 4.23
C LYS A 33 7.15 -1.18 3.50
N VAL A 34 7.38 -1.22 2.22
CA VAL A 34 7.65 0.07 1.49
C VAL A 34 6.42 0.96 1.56
N PHE A 35 5.31 0.42 1.15
CA PHE A 35 4.04 1.20 1.15
C PHE A 35 3.80 1.79 2.55
N LYS A 36 3.95 1.00 3.59
CA LYS A 36 3.75 1.53 4.97
C LYS A 36 4.72 2.67 5.25
N GLN A 37 6.02 2.42 5.10
CA GLN A 37 7.04 3.48 5.34
C GLN A 37 6.55 4.81 4.78
N TYR A 38 6.22 4.76 3.52
CA TYR A 38 5.70 5.97 2.80
C TYR A 38 4.50 6.54 3.57
N ALA A 39 3.48 5.73 3.71
CA ALA A 39 2.24 6.15 4.44
C ALA A 39 2.46 6.56 5.90
N ASN A 40 3.56 6.16 6.48
CA ASN A 40 3.88 6.50 7.90
C ASN A 40 4.49 7.90 7.83
N ASP A 41 5.45 8.05 6.96
CA ASP A 41 6.14 9.35 6.74
C ASP A 41 5.04 10.42 6.63
N ASN A 42 4.10 10.09 5.78
CA ASN A 42 2.91 10.98 5.52
C ASN A 42 2.07 11.11 6.81
N GLY A 43 1.53 10.02 7.29
CA GLY A 43 0.70 10.00 8.53
C GLY A 43 -0.75 9.56 8.26
N VAL A 44 -0.87 8.50 7.49
CA VAL A 44 -2.20 7.92 7.10
C VAL A 44 -2.15 6.40 7.30
N ASP A 45 -2.23 5.96 8.53
CA ASP A 45 -2.19 4.48 8.83
C ASP A 45 -3.35 3.99 9.72
N GLY A 46 -4.45 3.64 9.10
CA GLY A 46 -5.64 3.14 9.88
C GLY A 46 -5.88 1.66 9.54
N GLU A 47 -6.32 1.45 8.33
CA GLU A 47 -6.62 0.08 7.78
C GLU A 47 -5.67 0.03 6.60
N TRP A 48 -4.49 -0.46 6.87
CA TRP A 48 -3.43 -0.58 5.83
C TRP A 48 -3.21 -2.06 5.47
N THR A 49 -4.04 -2.50 4.56
CA THR A 49 -3.95 -3.93 4.12
C THR A 49 -4.04 -4.06 2.62
N TYR A 50 -4.04 -5.27 2.13
CA TYR A 50 -4.14 -5.50 0.65
C TYR A 50 -5.29 -6.31 0.05
N ASP A 51 -5.25 -6.23 -1.26
CA ASP A 51 -6.18 -6.87 -2.22
C ASP A 51 -5.35 -7.82 -3.08
N ASP A 52 -5.94 -8.95 -3.34
CA ASP A 52 -5.26 -9.98 -4.17
C ASP A 52 -6.17 -10.32 -5.35
N ALA A 53 -6.97 -9.35 -5.71
CA ALA A 53 -7.93 -9.52 -6.86
C ALA A 53 -7.31 -8.91 -8.12
N THR A 54 -6.68 -7.78 -7.92
CA THR A 54 -6.01 -7.02 -9.01
C THR A 54 -4.49 -7.06 -8.74
N LYS A 55 -4.19 -6.85 -7.48
CA LYS A 55 -2.83 -6.81 -6.84
C LYS A 55 -2.61 -5.35 -6.42
N THR A 56 -3.55 -4.92 -5.61
CA THR A 56 -3.53 -3.52 -5.08
C THR A 56 -3.41 -3.56 -3.55
N PHE A 57 -3.06 -2.43 -2.99
CA PHE A 57 -2.91 -2.34 -1.51
C PHE A 57 -3.78 -1.12 -1.15
N THR A 58 -4.29 -1.07 0.04
CA THR A 58 -5.15 0.10 0.43
C THR A 58 -4.88 0.54 1.86
N VAL A 59 -4.87 1.83 1.98
CA VAL A 59 -4.65 2.51 3.26
C VAL A 59 -5.82 3.46 3.48
N THR A 60 -6.72 2.95 4.25
CA THR A 60 -7.97 3.71 4.59
C THR A 60 -7.86 4.22 6.02
N GLU A 61 -8.44 5.38 6.26
CA GLU A 61 -8.40 5.99 7.62
C GLU A 61 -9.83 6.40 7.93
N LYS A 62 -10.65 5.39 7.99
CA LYS A 62 -12.10 5.59 8.28
C LYS A 62 -12.50 4.83 9.57
N PRO A 63 -13.67 5.10 10.11
CA PRO A 63 -14.19 4.46 11.35
C PRO A 63 -13.91 2.96 11.45
N GLU A 64 -14.10 2.31 10.33
CA GLU A 64 -13.88 0.85 10.22
C GLU A 64 -12.71 0.56 9.27
N LEU A 1 -0.14 -17.96 -6.13
CA LEU A 1 1.13 -17.34 -5.64
C LEU A 1 1.29 -15.94 -6.25
N THR A 2 2.33 -15.26 -5.84
CA THR A 2 2.62 -13.88 -6.36
C THR A 2 4.00 -13.89 -7.04
N PRO A 3 4.30 -12.91 -7.86
CA PRO A 3 5.61 -12.84 -8.57
C PRO A 3 6.69 -12.27 -7.63
N ALA A 4 7.90 -12.23 -8.13
CA ALA A 4 9.05 -11.70 -7.31
C ALA A 4 9.51 -10.39 -7.97
N VAL A 5 10.36 -9.66 -7.30
CA VAL A 5 10.91 -8.33 -7.79
C VAL A 5 10.14 -7.71 -9.00
N THR A 6 8.92 -7.35 -8.72
CA THR A 6 7.98 -6.72 -9.71
C THR A 6 7.35 -5.49 -9.06
N THR A 7 6.59 -4.75 -9.85
CA THR A 7 5.93 -3.52 -9.32
C THR A 7 4.50 -3.88 -8.89
N TYR A 8 4.12 -3.28 -7.79
CA TYR A 8 2.76 -3.48 -7.19
C TYR A 8 2.17 -2.09 -7.09
N LYS A 9 0.89 -2.04 -6.87
CA LYS A 9 0.21 -0.71 -6.76
C LYS A 9 -0.44 -0.47 -5.40
N LEU A 10 -0.55 0.79 -5.05
CA LEU A 10 -1.17 1.20 -3.75
C LEU A 10 -2.12 2.40 -3.89
N VAL A 11 -3.23 2.32 -3.19
CA VAL A 11 -4.24 3.42 -3.21
C VAL A 11 -4.35 3.84 -1.73
N ILE A 12 -4.55 5.10 -1.54
CA ILE A 12 -4.67 5.67 -0.15
C ILE A 12 -6.01 6.40 -0.05
N ASN A 13 -6.76 6.09 0.97
CA ASN A 13 -8.09 6.72 1.22
C ASN A 13 -7.97 7.43 2.59
N GLY A 14 -7.38 8.59 2.57
CA GLY A 14 -7.18 9.38 3.83
C GLY A 14 -8.47 9.58 4.65
N LYS A 15 -9.27 10.51 4.21
CA LYS A 15 -10.56 10.83 4.90
C LYS A 15 -11.69 10.97 3.86
N THR A 16 -11.53 11.99 3.05
CA THR A 16 -12.50 12.32 1.96
C THR A 16 -11.82 12.27 0.59
N LEU A 17 -10.52 12.50 0.60
CA LEU A 17 -9.72 12.49 -0.67
C LEU A 17 -8.79 11.27 -0.68
N LYS A 18 -8.71 10.67 -1.84
CA LYS A 18 -7.86 9.47 -2.06
C LYS A 18 -6.92 9.70 -3.25
N GLY A 19 -5.76 9.09 -3.17
CA GLY A 19 -4.72 9.21 -4.24
C GLY A 19 -4.10 7.83 -4.51
N GLU A 20 -3.30 7.75 -5.54
CA GLU A 20 -2.64 6.45 -5.88
C GLU A 20 -1.13 6.61 -6.12
N THR A 21 -0.41 5.60 -5.72
CA THR A 21 1.08 5.54 -5.85
C THR A 21 1.41 4.06 -6.11
N THR A 22 2.67 3.78 -6.36
CA THR A 22 3.11 2.37 -6.62
C THR A 22 4.50 2.14 -6.00
N THR A 23 4.89 0.89 -5.92
CA THR A 23 6.24 0.53 -5.34
C THR A 23 6.72 -0.80 -5.93
N GLU A 24 7.91 -1.18 -5.54
CA GLU A 24 8.51 -2.46 -6.03
C GLU A 24 8.58 -3.41 -4.82
N ALA A 25 8.17 -4.63 -5.04
CA ALA A 25 8.18 -5.66 -3.95
C ALA A 25 8.53 -7.05 -4.48
N VAL A 26 8.72 -7.95 -3.54
CA VAL A 26 9.06 -9.37 -3.85
C VAL A 26 7.82 -10.17 -3.45
N ASP A 27 7.50 -10.11 -2.19
CA ASP A 27 6.32 -10.84 -1.66
C ASP A 27 5.39 -9.88 -0.89
N ALA A 28 4.24 -10.40 -0.52
CA ALA A 28 3.20 -9.63 0.22
C ALA A 28 3.81 -8.71 1.29
N ALA A 29 4.60 -9.31 2.14
CA ALA A 29 5.27 -8.54 3.23
C ALA A 29 6.12 -7.40 2.67
N THR A 30 7.07 -7.73 1.84
CA THR A 30 7.97 -6.69 1.22
C THR A 30 7.16 -5.48 0.76
N ALA A 31 6.11 -5.78 0.03
CA ALA A 31 5.24 -4.70 -0.49
C ALA A 31 4.74 -3.87 0.69
N GLU A 32 4.08 -4.50 1.63
CA GLU A 32 3.57 -3.72 2.80
C GLU A 32 4.71 -2.90 3.42
N LYS A 33 5.87 -3.48 3.57
CA LYS A 33 7.01 -2.74 4.18
C LYS A 33 7.35 -1.43 3.45
N VAL A 34 7.61 -1.50 2.17
CA VAL A 34 7.96 -0.23 1.45
C VAL A 34 6.76 0.72 1.46
N PHE A 35 5.62 0.19 1.08
CA PHE A 35 4.38 1.03 1.07
C PHE A 35 4.17 1.67 2.44
N LYS A 36 4.28 0.91 3.50
CA LYS A 36 4.09 1.46 4.87
C LYS A 36 5.14 2.55 5.11
N GLN A 37 6.41 2.27 4.91
CA GLN A 37 7.48 3.32 5.13
C GLN A 37 6.97 4.66 4.58
N TYR A 38 6.57 4.63 3.34
CA TYR A 38 6.03 5.85 2.64
C TYR A 38 4.81 6.41 3.41
N ALA A 39 3.78 5.61 3.51
CA ALA A 39 2.53 6.04 4.24
C ALA A 39 2.81 6.59 5.64
N ASN A 40 3.81 6.04 6.29
CA ASN A 40 4.20 6.46 7.66
C ASN A 40 4.76 7.88 7.52
N ASP A 41 5.78 8.00 6.69
CA ASP A 41 6.43 9.32 6.42
C ASP A 41 5.34 10.40 6.30
N ASN A 42 4.39 10.07 5.46
CA ASN A 42 3.22 10.97 5.20
C ASN A 42 2.44 11.22 6.51
N GLY A 43 1.93 10.16 7.10
CA GLY A 43 1.15 10.23 8.37
C GLY A 43 -0.29 9.71 8.17
N VAL A 44 -0.41 8.63 7.44
CA VAL A 44 -1.75 8.00 7.16
C VAL A 44 -1.72 6.48 7.42
N ASP A 45 -1.58 6.11 8.67
CA ASP A 45 -1.53 4.66 9.05
C ASP A 45 -2.60 4.24 10.10
N GLY A 46 -3.79 3.95 9.63
CA GLY A 46 -4.92 3.52 10.53
C GLY A 46 -5.29 2.07 10.20
N GLU A 47 -5.62 1.88 8.95
CA GLU A 47 -6.01 0.55 8.35
C GLU A 47 -4.95 0.40 7.28
N TRP A 48 -4.27 -0.72 7.24
CA TRP A 48 -3.20 -0.87 6.19
C TRP A 48 -3.15 -2.34 5.70
N THR A 49 -3.82 -2.62 4.61
CA THR A 49 -3.81 -4.03 4.09
C THR A 49 -3.89 -4.05 2.58
N TYR A 50 -3.96 -5.22 2.01
CA TYR A 50 -4.03 -5.36 0.52
C TYR A 50 -5.32 -5.91 -0.09
N ASP A 51 -5.33 -5.77 -1.40
CA ASP A 51 -6.43 -6.20 -2.31
C ASP A 51 -5.86 -7.18 -3.32
N ASP A 52 -6.66 -8.18 -3.63
CA ASP A 52 -6.23 -9.21 -4.62
C ASP A 52 -7.25 -9.24 -5.75
N ALA A 53 -7.89 -8.11 -5.92
CA ALA A 53 -8.92 -7.99 -7.02
C ALA A 53 -8.15 -7.47 -8.23
N THR A 54 -7.44 -6.38 -8.00
CA THR A 54 -6.61 -5.71 -9.05
C THR A 54 -5.19 -5.65 -8.45
N LYS A 55 -4.89 -6.65 -7.65
CA LYS A 55 -3.58 -6.81 -6.95
C LYS A 55 -2.91 -5.47 -6.64
N THR A 56 -3.69 -4.74 -5.89
CA THR A 56 -3.35 -3.38 -5.40
C THR A 56 -3.24 -3.48 -3.87
N PHE A 57 -2.74 -2.44 -3.27
CA PHE A 57 -2.60 -2.43 -1.79
C PHE A 57 -3.42 -1.22 -1.33
N THR A 58 -3.86 -1.20 -0.11
CA THR A 58 -4.67 -0.03 0.36
C THR A 58 -4.44 0.35 1.81
N VAL A 59 -4.50 1.63 1.99
CA VAL A 59 -4.31 2.20 3.34
C VAL A 59 -5.41 3.23 3.55
N THR A 60 -5.90 3.26 4.76
CA THR A 60 -6.98 4.22 5.12
C THR A 60 -6.66 4.79 6.50
N GLU A 61 -7.20 5.93 6.78
CA GLU A 61 -6.97 6.59 8.10
C GLU A 61 -8.36 6.85 8.67
N LYS A 62 -8.88 5.85 9.33
CA LYS A 62 -10.24 5.92 9.95
C LYS A 62 -10.37 5.51 11.45
N PRO A 63 -9.75 4.44 11.92
CA PRO A 63 -9.86 4.01 13.33
C PRO A 63 -8.90 4.68 14.35
N GLU A 64 -9.18 5.93 14.65
CA GLU A 64 -8.34 6.72 15.63
C GLU A 64 -9.20 7.34 16.74
N LEU A 1 17.28 -16.49 -2.91
CA LEU A 1 16.07 -17.35 -2.83
C LEU A 1 15.00 -16.73 -3.75
N THR A 2 14.70 -15.48 -3.50
CA THR A 2 13.69 -14.73 -4.30
C THR A 2 14.37 -13.51 -4.97
N PRO A 3 15.29 -13.74 -5.88
CA PRO A 3 16.02 -12.65 -6.58
C PRO A 3 15.10 -11.87 -7.54
N ALA A 4 15.60 -10.77 -8.03
CA ALA A 4 14.85 -9.86 -8.97
C ALA A 4 13.74 -9.11 -8.24
N VAL A 5 13.15 -8.16 -8.94
CA VAL A 5 12.04 -7.34 -8.35
C VAL A 5 10.75 -7.49 -9.17
N THR A 6 9.68 -7.15 -8.52
CA THR A 6 8.31 -7.20 -9.11
C THR A 6 7.62 -5.89 -8.70
N THR A 7 6.63 -5.48 -9.45
CA THR A 7 5.92 -4.21 -9.11
C THR A 7 4.46 -4.52 -8.72
N TYR A 8 4.02 -3.84 -7.69
CA TYR A 8 2.62 -4.02 -7.18
C TYR A 8 1.98 -2.64 -7.15
N LYS A 9 0.71 -2.61 -6.86
CA LYS A 9 0.00 -1.29 -6.81
C LYS A 9 -0.70 -1.08 -5.47
N LEU A 10 -0.78 0.16 -5.07
CA LEU A 10 -1.44 0.53 -3.77
C LEU A 10 -2.32 1.79 -3.89
N VAL A 11 -3.48 1.76 -3.30
CA VAL A 11 -4.43 2.94 -3.33
C VAL A 11 -4.58 3.42 -1.88
N ILE A 12 -4.78 4.70 -1.73
CA ILE A 12 -4.94 5.28 -0.36
C ILE A 12 -6.34 5.93 -0.29
N ASN A 13 -7.04 5.63 0.77
CA ASN A 13 -8.42 6.18 0.99
C ASN A 13 -8.40 6.75 2.42
N GLY A 14 -7.68 7.85 2.57
CA GLY A 14 -7.55 8.53 3.89
C GLY A 14 -8.15 9.95 3.86
N LYS A 15 -7.82 10.72 4.86
CA LYS A 15 -8.32 12.12 4.95
C LYS A 15 -7.22 13.11 4.54
N THR A 16 -6.45 12.67 3.58
CA THR A 16 -5.32 13.47 3.02
C THR A 16 -5.58 13.48 1.51
N LEU A 17 -5.39 12.32 0.93
CA LEU A 17 -5.60 12.13 -0.54
C LEU A 17 -6.32 10.80 -0.81
N LYS A 18 -6.86 10.72 -1.99
CA LYS A 18 -7.59 9.50 -2.45
C LYS A 18 -7.08 9.18 -3.87
N GLY A 19 -5.83 8.80 -3.91
CA GLY A 19 -5.16 8.45 -5.20
C GLY A 19 -4.40 7.15 -5.06
N GLU A 20 -3.67 6.81 -6.08
CA GLU A 20 -2.88 5.54 -6.01
C GLU A 20 -1.41 5.79 -6.38
N THR A 21 -0.62 4.86 -5.94
CA THR A 21 0.86 4.84 -6.14
C THR A 21 1.23 3.39 -6.43
N THR A 22 2.46 3.17 -6.80
CA THR A 22 2.92 1.77 -7.10
C THR A 22 4.25 1.54 -6.36
N THR A 23 4.68 0.30 -6.33
CA THR A 23 5.97 -0.05 -5.64
C THR A 23 6.76 -1.08 -6.43
N GLU A 24 8.04 -1.10 -6.14
CA GLU A 24 9.02 -2.04 -6.77
C GLU A 24 9.51 -2.79 -5.53
N ALA A 25 8.87 -3.92 -5.31
CA ALA A 25 9.17 -4.81 -4.14
C ALA A 25 9.70 -6.16 -4.61
N VAL A 26 9.81 -7.07 -3.69
CA VAL A 26 10.30 -8.45 -4.00
C VAL A 26 9.12 -9.38 -3.81
N ASP A 27 8.51 -9.24 -2.66
CA ASP A 27 7.32 -10.07 -2.27
C ASP A 27 6.29 -9.16 -1.57
N ALA A 28 5.24 -9.77 -1.09
CA ALA A 28 4.17 -9.02 -0.39
C ALA A 28 4.71 -8.20 0.81
N ALA A 29 5.48 -8.83 1.66
CA ALA A 29 6.04 -8.12 2.85
C ALA A 29 6.81 -6.86 2.43
N THR A 30 7.82 -7.01 1.61
CA THR A 30 8.62 -5.81 1.17
C THR A 30 7.67 -4.69 0.72
N ALA A 31 6.77 -5.04 -0.18
CA ALA A 31 5.78 -4.05 -0.70
C ALA A 31 5.15 -3.29 0.48
N GLU A 32 4.58 -4.06 1.37
CA GLU A 32 3.93 -3.46 2.57
C GLU A 32 4.89 -2.47 3.23
N LYS A 33 6.11 -2.87 3.44
CA LYS A 33 7.11 -1.95 4.08
C LYS A 33 7.30 -0.62 3.36
N VAL A 34 7.57 -0.66 2.07
CA VAL A 34 7.76 0.63 1.32
C VAL A 34 6.50 1.47 1.41
N PHE A 35 5.40 0.88 1.02
CA PHE A 35 4.11 1.59 1.06
C PHE A 35 3.86 2.16 2.48
N LYS A 36 4.11 1.35 3.47
CA LYS A 36 3.92 1.78 4.89
C LYS A 36 4.80 2.99 5.18
N GLN A 37 6.09 2.92 4.94
CA GLN A 37 6.99 4.11 5.20
C GLN A 37 6.29 5.39 4.73
N TYR A 38 5.89 5.36 3.48
CA TYR A 38 5.19 6.54 2.88
C TYR A 38 3.92 6.88 3.71
N ALA A 39 3.03 5.93 3.82
CA ALA A 39 1.77 6.13 4.61
C ALA A 39 2.00 6.61 6.04
N ASN A 40 3.11 6.22 6.62
CA ASN A 40 3.45 6.61 8.02
C ASN A 40 3.80 8.10 7.95
N ASP A 41 4.76 8.41 7.10
CA ASP A 41 5.23 9.81 6.90
C ASP A 41 3.99 10.72 6.86
N ASN A 42 3.07 10.32 6.01
CA ASN A 42 1.79 11.04 5.82
C ASN A 42 1.03 11.10 7.17
N GLY A 43 0.68 9.94 7.66
CA GLY A 43 -0.06 9.80 8.95
C GLY A 43 -1.46 9.24 8.66
N VAL A 44 -1.48 8.24 7.81
CA VAL A 44 -2.77 7.57 7.42
C VAL A 44 -2.65 6.05 7.68
N ASP A 45 -2.62 5.69 8.94
CA ASP A 45 -2.50 4.26 9.34
C ASP A 45 -3.68 3.78 10.23
N GLY A 46 -4.78 3.44 9.59
CA GLY A 46 -5.99 2.95 10.31
C GLY A 46 -6.14 1.46 9.93
N GLU A 47 -6.32 1.27 8.66
CA GLU A 47 -6.49 -0.09 8.05
C GLU A 47 -5.32 -0.09 7.07
N TRP A 48 -4.43 -1.04 7.15
CA TRP A 48 -3.28 -1.04 6.20
C TRP A 48 -3.03 -2.48 5.74
N THR A 49 -3.63 -2.86 4.65
CA THR A 49 -3.45 -4.24 4.13
C THR A 49 -3.45 -4.34 2.60
N TYR A 50 -3.85 -5.48 2.13
CA TYR A 50 -3.93 -5.81 0.67
C TYR A 50 -5.38 -5.91 0.15
N ASP A 51 -5.46 -5.82 -1.15
CA ASP A 51 -6.75 -5.89 -1.91
C ASP A 51 -6.63 -7.01 -2.93
N ASP A 52 -7.72 -7.71 -3.10
CA ASP A 52 -7.77 -8.85 -4.07
C ASP A 52 -8.84 -8.59 -5.13
N ALA A 53 -9.35 -7.39 -5.12
CA ALA A 53 -10.41 -7.02 -6.12
C ALA A 53 -9.72 -6.71 -7.45
N THR A 54 -8.70 -5.89 -7.36
CA THR A 54 -7.91 -5.48 -8.56
C THR A 54 -6.42 -5.75 -8.21
N LYS A 55 -6.22 -6.76 -7.40
CA LYS A 55 -4.86 -7.21 -6.93
C LYS A 55 -3.91 -6.01 -6.71
N THR A 56 -4.41 -5.16 -5.86
CA THR A 56 -3.75 -3.88 -5.43
C THR A 56 -3.54 -4.00 -3.91
N PHE A 57 -3.06 -2.94 -3.33
CA PHE A 57 -2.80 -2.89 -1.86
C PHE A 57 -3.66 -1.72 -1.38
N THR A 58 -3.99 -1.65 -0.11
CA THR A 58 -4.83 -0.50 0.34
C THR A 58 -4.60 -0.08 1.78
N VAL A 59 -4.72 1.21 1.94
CA VAL A 59 -4.57 1.84 3.26
C VAL A 59 -5.78 2.76 3.37
N THR A 60 -6.49 2.57 4.44
CA THR A 60 -7.72 3.37 4.69
C THR A 60 -7.63 3.95 6.09
N GLU A 61 -8.42 4.97 6.32
CA GLU A 61 -8.44 5.64 7.64
C GLU A 61 -9.88 5.49 8.17
N LYS A 62 -10.22 4.26 8.43
CA LYS A 62 -11.58 3.91 8.95
C LYS A 62 -11.57 3.59 10.45
N PRO A 63 -10.83 2.60 10.93
CA PRO A 63 -10.81 2.29 12.39
C PRO A 63 -10.02 3.37 13.14
N GLU A 64 -10.12 3.35 14.45
CA GLU A 64 -9.40 4.35 15.29
C GLU A 64 -8.38 3.68 16.24
N LEU A 1 5.07 -21.25 -6.74
CA LEU A 1 5.04 -19.91 -7.41
C LEU A 1 6.37 -19.15 -7.25
N THR A 2 6.44 -18.00 -7.89
CA THR A 2 7.66 -17.13 -7.85
C THR A 2 7.33 -15.77 -7.20
N PRO A 3 7.55 -15.63 -5.90
CA PRO A 3 7.29 -14.38 -5.15
C PRO A 3 8.55 -13.50 -5.13
N ALA A 4 9.01 -13.18 -6.32
CA ALA A 4 10.23 -12.33 -6.51
C ALA A 4 9.93 -11.14 -7.44
N VAL A 5 10.90 -10.27 -7.54
CA VAL A 5 10.86 -9.02 -8.38
C VAL A 5 9.64 -8.76 -9.30
N THR A 6 8.59 -8.26 -8.68
CA THR A 6 7.30 -7.93 -9.41
C THR A 6 6.91 -6.50 -9.00
N THR A 7 5.99 -5.92 -9.73
CA THR A 7 5.54 -4.53 -9.41
C THR A 7 4.12 -4.61 -8.86
N TYR A 8 3.85 -3.79 -7.88
CA TYR A 8 2.51 -3.76 -7.23
C TYR A 8 2.04 -2.32 -7.14
N LYS A 9 0.77 -2.18 -6.83
CA LYS A 9 0.18 -0.81 -6.71
C LYS A 9 -0.54 -0.64 -5.37
N LEU A 10 -0.51 0.57 -4.87
CA LEU A 10 -1.17 0.88 -3.57
C LEU A 10 -2.01 2.16 -3.69
N VAL A 11 -3.18 2.12 -3.11
CA VAL A 11 -4.12 3.31 -3.13
C VAL A 11 -4.35 3.70 -1.66
N ILE A 12 -4.60 4.96 -1.45
CA ILE A 12 -4.86 5.45 -0.06
C ILE A 12 -6.28 6.01 -0.04
N ASN A 13 -6.97 5.76 1.06
CA ASN A 13 -8.37 6.23 1.23
C ASN A 13 -8.48 6.84 2.63
N GLY A 14 -8.06 8.08 2.77
CA GLY A 14 -8.14 8.74 4.12
C GLY A 14 -9.28 9.75 4.20
N LYS A 15 -8.98 11.01 3.98
CA LYS A 15 -10.03 12.08 4.04
C LYS A 15 -10.07 12.86 2.72
N THR A 16 -8.99 13.54 2.41
CA THR A 16 -8.92 14.36 1.15
C THR A 16 -7.75 13.86 0.27
N LEU A 17 -7.16 12.76 0.69
CA LEU A 17 -6.02 12.16 -0.04
C LEU A 17 -6.42 10.75 -0.52
N LYS A 18 -7.16 10.77 -1.61
CA LYS A 18 -7.65 9.51 -2.23
C LYS A 18 -6.92 9.38 -3.58
N GLY A 19 -5.65 9.10 -3.47
CA GLY A 19 -4.77 8.94 -4.68
C GLY A 19 -4.03 7.62 -4.57
N GLU A 20 -3.21 7.36 -5.56
CA GLU A 20 -2.44 6.10 -5.56
C GLU A 20 -0.96 6.34 -5.88
N THR A 21 -0.21 5.34 -5.53
CA THR A 21 1.27 5.30 -5.73
C THR A 21 1.60 3.84 -6.07
N THR A 22 2.76 3.61 -6.63
CA THR A 22 3.13 2.21 -6.97
C THR A 22 4.57 1.96 -6.51
N THR A 23 4.94 0.71 -6.45
CA THR A 23 6.34 0.36 -6.02
C THR A 23 6.68 -1.04 -6.54
N GLU A 24 7.91 -1.41 -6.32
CA GLU A 24 8.38 -2.75 -6.77
C GLU A 24 8.55 -3.52 -5.45
N ALA A 25 8.26 -4.78 -5.51
CA ALA A 25 8.37 -5.66 -4.31
C ALA A 25 8.88 -7.05 -4.68
N VAL A 26 9.22 -7.79 -3.67
CA VAL A 26 9.71 -9.18 -3.85
C VAL A 26 8.53 -10.01 -3.34
N ASP A 27 8.21 -9.77 -2.09
CA ASP A 27 7.08 -10.48 -1.43
C ASP A 27 6.08 -9.43 -0.92
N ALA A 28 4.90 -9.91 -0.60
CA ALA A 28 3.79 -9.03 -0.07
C ALA A 28 4.36 -8.03 0.95
N ALA A 29 5.12 -8.57 1.87
CA ALA A 29 5.75 -7.77 2.94
C ALA A 29 6.58 -6.62 2.35
N THR A 30 7.45 -6.93 1.41
CA THR A 30 8.30 -5.87 0.77
C THR A 30 7.43 -4.67 0.37
N ALA A 31 6.39 -4.97 -0.36
CA ALA A 31 5.44 -3.90 -0.82
C ALA A 31 4.99 -3.08 0.38
N GLU A 32 4.40 -3.77 1.33
CA GLU A 32 3.91 -3.09 2.56
C GLU A 32 5.00 -2.18 3.13
N LYS A 33 6.20 -2.70 3.27
CA LYS A 33 7.35 -1.91 3.82
C LYS A 33 7.58 -0.57 3.12
N VAL A 34 7.71 -0.59 1.81
CA VAL A 34 7.95 0.72 1.11
C VAL A 34 6.73 1.61 1.25
N PHE A 35 5.58 1.08 0.95
CA PHE A 35 4.35 1.91 1.07
C PHE A 35 4.14 2.31 2.54
N LYS A 36 4.66 1.52 3.45
CA LYS A 36 4.51 1.83 4.91
C LYS A 36 5.36 3.04 5.20
N GLN A 37 6.63 3.00 4.88
CA GLN A 37 7.54 4.16 5.12
C GLN A 37 6.78 5.44 4.74
N TYR A 38 6.28 5.42 3.52
CA TYR A 38 5.52 6.61 3.02
C TYR A 38 4.28 6.85 3.92
N ALA A 39 3.40 5.90 3.99
CA ALA A 39 2.16 6.02 4.83
C ALA A 39 2.41 6.48 6.26
N ASN A 40 3.58 6.19 6.77
CA ASN A 40 3.94 6.60 8.16
C ASN A 40 4.26 8.09 8.06
N ASP A 41 5.22 8.40 7.21
CA ASP A 41 5.63 9.82 6.97
C ASP A 41 4.40 10.72 6.88
N ASN A 42 3.48 10.24 6.08
CA ASN A 42 2.18 10.95 5.82
C ASN A 42 1.31 10.96 7.11
N GLY A 43 1.00 9.79 7.62
CA GLY A 43 0.16 9.66 8.86
C GLY A 43 -1.18 8.98 8.54
N VAL A 44 -1.09 7.89 7.81
CA VAL A 44 -2.28 7.10 7.39
C VAL A 44 -1.99 5.64 7.83
N ASP A 45 -2.21 5.36 9.08
CA ASP A 45 -1.97 3.99 9.63
C ASP A 45 -3.15 3.43 10.45
N GLY A 46 -4.18 2.98 9.76
CA GLY A 46 -5.40 2.42 10.43
C GLY A 46 -5.74 0.99 9.97
N GLU A 47 -6.11 0.91 8.72
CA GLU A 47 -6.50 -0.36 8.04
C GLU A 47 -5.50 -0.38 6.90
N TRP A 48 -4.40 -1.01 7.15
CA TRP A 48 -3.29 -1.13 6.15
C TRP A 48 -3.13 -2.57 5.67
N THR A 49 -3.86 -2.91 4.65
CA THR A 49 -3.79 -4.31 4.11
C THR A 49 -3.93 -4.31 2.61
N TYR A 50 -4.00 -5.49 2.04
CA TYR A 50 -4.13 -5.62 0.55
C TYR A 50 -5.50 -6.05 0.00
N ASP A 51 -5.56 -5.90 -1.30
CA ASP A 51 -6.75 -6.22 -2.14
C ASP A 51 -6.36 -7.30 -3.14
N ASP A 52 -7.27 -8.23 -3.30
CA ASP A 52 -7.05 -9.34 -4.24
C ASP A 52 -8.13 -9.29 -5.33
N ALA A 53 -8.59 -8.09 -5.56
CA ALA A 53 -9.65 -7.88 -6.60
C ALA A 53 -8.92 -7.40 -7.87
N THR A 54 -8.12 -6.38 -7.69
CA THR A 54 -7.33 -5.78 -8.80
C THR A 54 -5.84 -5.80 -8.41
N LYS A 55 -5.48 -6.80 -7.63
CA LYS A 55 -4.07 -6.99 -7.13
C LYS A 55 -3.40 -5.65 -6.80
N THR A 56 -4.07 -4.99 -5.90
CA THR A 56 -3.66 -3.64 -5.39
C THR A 56 -3.50 -3.76 -3.87
N PHE A 57 -2.95 -2.73 -3.28
CA PHE A 57 -2.75 -2.72 -1.80
C PHE A 57 -3.53 -1.48 -1.33
N THR A 58 -3.98 -1.44 -0.11
CA THR A 58 -4.76 -0.24 0.35
C THR A 58 -4.48 0.14 1.79
N VAL A 59 -4.63 1.41 2.03
CA VAL A 59 -4.43 1.96 3.39
C VAL A 59 -5.51 3.01 3.68
N THR A 60 -6.18 2.78 4.77
CA THR A 60 -7.28 3.71 5.22
C THR A 60 -7.03 4.11 6.68
N GLU A 61 -7.58 5.22 7.08
CA GLU A 61 -7.43 5.71 8.48
C GLU A 61 -8.83 6.10 8.99
N LYS A 62 -9.54 5.07 9.36
CA LYS A 62 -10.94 5.22 9.88
C LYS A 62 -11.11 4.85 11.38
N PRO A 63 -10.86 3.63 11.80
CA PRO A 63 -11.01 3.21 13.24
C PRO A 63 -10.35 4.19 14.22
N GLU A 64 -9.14 4.53 13.90
CA GLU A 64 -8.33 5.47 14.74
C GLU A 64 -8.02 6.79 13.97
N LEU A 1 15.58 -11.07 -4.99
CA LEU A 1 15.45 -9.88 -4.09
C LEU A 1 15.14 -8.65 -4.95
N THR A 2 16.04 -8.37 -5.86
CA THR A 2 15.89 -7.20 -6.79
C THR A 2 15.91 -7.64 -8.27
N PRO A 3 16.83 -8.47 -8.70
CA PRO A 3 16.93 -8.94 -10.11
C PRO A 3 15.90 -10.06 -10.39
N ALA A 4 14.68 -9.64 -10.61
CA ALA A 4 13.46 -10.49 -10.91
C ALA A 4 12.34 -10.16 -9.91
N VAL A 5 11.81 -8.98 -10.09
CA VAL A 5 10.70 -8.46 -9.24
C VAL A 5 9.47 -8.12 -10.09
N THR A 6 8.38 -7.86 -9.40
CA THR A 6 7.08 -7.50 -10.05
C THR A 6 6.66 -6.14 -9.46
N THR A 7 5.73 -5.49 -10.09
CA THR A 7 5.27 -4.16 -9.57
C THR A 7 3.86 -4.28 -8.98
N TYR A 8 3.69 -3.57 -7.89
CA TYR A 8 2.39 -3.54 -7.16
C TYR A 8 2.02 -2.09 -6.98
N LYS A 9 0.77 -1.89 -6.69
CA LYS A 9 0.26 -0.50 -6.49
C LYS A 9 -0.39 -0.31 -5.12
N LEU A 10 -0.35 0.92 -4.67
CA LEU A 10 -0.93 1.32 -3.35
C LEU A 10 -1.79 2.58 -3.51
N VAL A 11 -2.93 2.57 -2.89
CA VAL A 11 -3.85 3.75 -2.95
C VAL A 11 -3.98 4.19 -1.49
N ILE A 12 -4.13 5.46 -1.34
CA ILE A 12 -4.27 6.10 0.01
C ILE A 12 -5.69 6.67 -0.05
N ASN A 13 -6.53 6.30 0.88
CA ASN A 13 -7.94 6.80 0.91
C ASN A 13 -8.20 7.43 2.28
N GLY A 14 -7.34 8.38 2.58
CA GLY A 14 -7.37 9.17 3.86
C GLY A 14 -8.74 9.17 4.55
N LYS A 15 -9.56 10.11 4.16
CA LYS A 15 -10.94 10.27 4.73
C LYS A 15 -11.98 10.51 3.62
N THR A 16 -11.72 11.52 2.82
CA THR A 16 -12.65 11.90 1.70
C THR A 16 -11.99 11.78 0.31
N LEU A 17 -10.78 12.28 0.20
CA LEU A 17 -10.06 12.21 -1.11
C LEU A 17 -8.96 11.16 -1.06
N LYS A 18 -8.58 10.73 -2.24
CA LYS A 18 -7.53 9.69 -2.39
C LYS A 18 -6.50 10.00 -3.50
N GLY A 19 -5.38 9.34 -3.34
CA GLY A 19 -4.22 9.47 -4.29
C GLY A 19 -3.56 8.10 -4.40
N GLU A 20 -2.69 7.91 -5.38
CA GLU A 20 -2.01 6.58 -5.52
C GLU A 20 -0.50 6.68 -5.85
N THR A 21 0.17 5.64 -5.42
CA THR A 21 1.65 5.48 -5.60
C THR A 21 1.90 3.99 -5.88
N THR A 22 3.10 3.65 -6.27
CA THR A 22 3.43 2.22 -6.57
C THR A 22 4.77 1.81 -5.95
N THR A 23 5.01 0.52 -5.95
CA THR A 23 6.27 -0.06 -5.39
C THR A 23 6.66 -1.32 -6.18
N GLU A 24 7.91 -1.70 -6.02
CA GLU A 24 8.44 -2.92 -6.72
C GLU A 24 8.71 -3.88 -5.56
N ALA A 25 8.31 -5.11 -5.74
CA ALA A 25 8.52 -6.13 -4.68
C ALA A 25 8.81 -7.52 -5.25
N VAL A 26 9.20 -8.39 -4.37
CA VAL A 26 9.52 -9.80 -4.73
C VAL A 26 8.39 -10.63 -4.09
N ASP A 27 8.12 -10.32 -2.85
CA ASP A 27 7.05 -11.00 -2.07
C ASP A 27 6.05 -9.97 -1.51
N ALA A 28 4.96 -10.47 -0.98
CA ALA A 28 3.90 -9.58 -0.40
C ALA A 28 4.50 -8.70 0.71
N ALA A 29 5.18 -9.34 1.64
CA ALA A 29 5.81 -8.62 2.77
C ALA A 29 6.64 -7.42 2.28
N THR A 30 7.50 -7.66 1.32
CA THR A 30 8.35 -6.55 0.77
C THR A 30 7.48 -5.33 0.46
N ALA A 31 6.47 -5.56 -0.35
CA ALA A 31 5.53 -4.45 -0.73
C ALA A 31 5.03 -3.75 0.52
N GLU A 32 4.44 -4.53 1.40
CA GLU A 32 3.89 -3.97 2.67
C GLU A 32 4.94 -3.09 3.37
N LYS A 33 6.15 -3.58 3.49
CA LYS A 33 7.23 -2.78 4.17
C LYS A 33 7.51 -1.43 3.51
N VAL A 34 7.76 -1.41 2.22
CA VAL A 34 8.05 -0.09 1.58
C VAL A 34 6.81 0.81 1.69
N PHE A 35 5.69 0.27 1.30
CA PHE A 35 4.44 1.06 1.37
C PHE A 35 4.22 1.58 2.80
N LYS A 36 4.46 0.75 3.79
CA LYS A 36 4.28 1.15 5.21
C LYS A 36 5.16 2.38 5.49
N GLN A 37 6.44 2.28 5.23
CA GLN A 37 7.35 3.44 5.46
C GLN A 37 6.73 4.70 4.84
N TYR A 38 6.34 4.58 3.60
CA TYR A 38 5.70 5.75 2.90
C TYR A 38 4.50 6.27 3.71
N ALA A 39 3.55 5.41 3.98
CA ALA A 39 2.35 5.81 4.75
C ALA A 39 2.72 6.51 6.05
N ASN A 40 3.79 6.06 6.68
CA ASN A 40 4.23 6.71 7.96
C ASN A 40 4.70 8.12 7.61
N ASP A 41 5.64 8.19 6.70
CA ASP A 41 6.21 9.50 6.24
C ASP A 41 5.07 10.52 6.06
N ASN A 42 4.08 10.05 5.34
CA ASN A 42 2.86 10.85 5.05
C ASN A 42 2.11 11.20 6.36
N GLY A 43 1.68 10.17 7.06
CA GLY A 43 0.94 10.32 8.35
C GLY A 43 -0.48 9.78 8.17
N VAL A 44 -0.59 8.66 7.50
CA VAL A 44 -1.91 8.01 7.25
C VAL A 44 -1.93 6.53 7.71
N ASP A 45 -2.21 6.30 8.97
CA ASP A 45 -2.25 4.90 9.52
C ASP A 45 -3.50 4.54 10.38
N GLY A 46 -4.52 4.02 9.75
CA GLY A 46 -5.79 3.61 10.47
C GLY A 46 -6.05 2.11 10.24
N GLU A 47 -6.41 1.82 9.02
CA GLU A 47 -6.71 0.44 8.52
C GLU A 47 -5.71 0.42 7.38
N TRP A 48 -4.70 -0.40 7.56
CA TRP A 48 -3.60 -0.54 6.54
C TRP A 48 -3.45 -1.99 6.06
N THR A 49 -3.94 -2.28 4.89
CA THR A 49 -3.83 -3.69 4.36
C THR A 49 -3.88 -3.71 2.85
N TYR A 50 -3.94 -4.89 2.28
CA TYR A 50 -3.97 -5.03 0.79
C TYR A 50 -5.27 -5.58 0.14
N ASP A 51 -5.24 -5.42 -1.17
CA ASP A 51 -6.32 -5.85 -2.11
C ASP A 51 -5.77 -6.87 -3.08
N ASP A 52 -6.60 -7.86 -3.31
CA ASP A 52 -6.26 -8.97 -4.24
C ASP A 52 -7.36 -9.08 -5.30
N ALA A 53 -7.97 -7.95 -5.54
CA ALA A 53 -9.08 -7.89 -6.56
C ALA A 53 -8.40 -7.56 -7.90
N THR A 54 -7.46 -6.66 -7.81
CA THR A 54 -6.67 -6.18 -8.99
C THR A 54 -5.20 -6.58 -8.74
N LYS A 55 -4.73 -6.16 -7.60
CA LYS A 55 -3.34 -6.37 -7.03
C LYS A 55 -2.83 -5.01 -6.54
N THR A 56 -3.70 -4.40 -5.78
CA THR A 56 -3.43 -3.06 -5.18
C THR A 56 -3.30 -3.20 -3.67
N PHE A 57 -2.81 -2.16 -3.04
CA PHE A 57 -2.62 -2.16 -1.56
C PHE A 57 -3.42 -0.93 -1.10
N THR A 58 -3.84 -0.88 0.14
CA THR A 58 -4.62 0.32 0.59
C THR A 58 -4.48 0.69 2.04
N VAL A 59 -4.57 1.97 2.25
CA VAL A 59 -4.47 2.53 3.62
C VAL A 59 -5.52 3.61 3.74
N THR A 60 -6.32 3.48 4.74
CA THR A 60 -7.42 4.47 5.00
C THR A 60 -7.51 4.76 6.49
N GLU A 61 -8.07 5.88 6.87
CA GLU A 61 -8.21 6.22 8.32
C GLU A 61 -9.44 7.10 8.53
N LYS A 62 -10.53 6.56 8.07
CA LYS A 62 -11.85 7.26 8.18
C LYS A 62 -12.48 6.71 9.48
N PRO A 63 -12.50 5.40 9.72
CA PRO A 63 -13.07 4.85 10.97
C PRO A 63 -11.95 4.90 12.03
N GLU A 64 -10.83 5.47 11.63
CA GLU A 64 -9.58 5.68 12.44
C GLU A 64 -9.56 4.91 13.78
N LEU A 1 14.03 -15.82 0.96
CA LEU A 1 13.06 -16.18 -0.11
C LEU A 1 12.72 -14.96 -0.97
N THR A 2 13.57 -14.74 -1.94
CA THR A 2 13.43 -13.60 -2.89
C THR A 2 13.35 -14.18 -4.34
N PRO A 3 12.29 -14.90 -4.63
CA PRO A 3 12.08 -15.53 -5.97
C PRO A 3 12.16 -14.55 -7.17
N ALA A 4 11.20 -13.66 -7.26
CA ALA A 4 11.18 -12.67 -8.38
C ALA A 4 10.97 -11.23 -7.89
N VAL A 5 11.04 -10.34 -8.85
CA VAL A 5 10.87 -8.88 -8.60
C VAL A 5 9.65 -8.49 -9.44
N THR A 6 8.64 -7.99 -8.77
CA THR A 6 7.38 -7.57 -9.47
C THR A 6 6.97 -6.18 -9.00
N THR A 7 6.06 -5.57 -9.71
CA THR A 7 5.57 -4.22 -9.35
C THR A 7 4.17 -4.39 -8.77
N TYR A 8 3.89 -3.64 -7.74
CA TYR A 8 2.55 -3.70 -7.08
C TYR A 8 2.04 -2.27 -7.01
N LYS A 9 0.77 -2.17 -6.71
CA LYS A 9 0.12 -0.81 -6.63
C LYS A 9 -0.51 -0.56 -5.26
N LEU A 10 -0.55 0.69 -4.89
CA LEU A 10 -1.15 1.14 -3.59
C LEU A 10 -2.06 2.37 -3.76
N VAL A 11 -3.18 2.35 -3.08
CA VAL A 11 -4.15 3.49 -3.14
C VAL A 11 -4.19 3.99 -1.69
N ILE A 12 -4.37 5.27 -1.57
CA ILE A 12 -4.42 5.94 -0.22
C ILE A 12 -5.83 6.56 -0.07
N ASN A 13 -6.55 6.20 0.96
CA ASN A 13 -7.93 6.76 1.20
C ASN A 13 -8.01 7.07 2.70
N GLY A 14 -7.11 7.91 3.16
CA GLY A 14 -7.09 8.28 4.61
C GLY A 14 -7.16 9.78 4.94
N LYS A 15 -7.56 10.61 4.01
CA LYS A 15 -7.64 12.09 4.31
C LYS A 15 -9.04 12.63 3.94
N THR A 16 -9.22 12.96 2.70
CA THR A 16 -10.53 13.51 2.18
C THR A 16 -10.82 12.85 0.83
N LEU A 17 -9.81 12.89 0.00
CA LEU A 17 -9.86 12.31 -1.38
C LEU A 17 -8.89 11.13 -1.40
N LYS A 18 -8.82 10.51 -2.55
CA LYS A 18 -7.90 9.33 -2.69
C LYS A 18 -6.82 9.62 -3.74
N GLY A 19 -5.68 9.03 -3.49
CA GLY A 19 -4.48 9.18 -4.38
C GLY A 19 -3.94 7.79 -4.72
N GLU A 20 -3.15 7.71 -5.76
CA GLU A 20 -2.57 6.39 -6.17
C GLU A 20 -1.05 6.46 -6.38
N THR A 21 -0.39 5.45 -5.88
CA THR A 21 1.11 5.32 -5.96
C THR A 21 1.46 3.85 -6.23
N THR A 22 2.67 3.58 -6.61
CA THR A 22 3.10 2.16 -6.89
C THR A 22 4.50 1.92 -6.30
N THR A 23 4.88 0.67 -6.24
CA THR A 23 6.22 0.31 -5.68
C THR A 23 6.74 -0.97 -6.35
N GLU A 24 7.99 -1.25 -6.07
CA GLU A 24 8.68 -2.46 -6.61
C GLU A 24 8.85 -3.34 -5.38
N ALA A 25 8.38 -4.55 -5.48
CA ALA A 25 8.46 -5.52 -4.34
C ALA A 25 8.93 -6.90 -4.79
N VAL A 26 9.20 -7.73 -3.82
CA VAL A 26 9.67 -9.11 -4.06
C VAL A 26 8.49 -10.01 -3.64
N ASP A 27 8.10 -9.82 -2.41
CA ASP A 27 6.96 -10.60 -1.83
C ASP A 27 5.90 -9.64 -1.29
N ALA A 28 4.77 -10.18 -0.93
CA ALA A 28 3.64 -9.37 -0.37
C ALA A 28 4.18 -8.43 0.72
N ALA A 29 4.91 -9.02 1.64
CA ALA A 29 5.50 -8.25 2.77
C ALA A 29 6.37 -7.11 2.23
N THR A 30 7.26 -7.40 1.31
CA THR A 30 8.15 -6.34 0.74
C THR A 30 7.30 -5.12 0.35
N ALA A 31 6.27 -5.38 -0.42
CA ALA A 31 5.36 -4.28 -0.86
C ALA A 31 4.85 -3.53 0.37
N GLU A 32 4.20 -4.26 1.24
CA GLU A 32 3.64 -3.68 2.48
C GLU A 32 4.68 -2.81 3.20
N LYS A 33 5.92 -3.23 3.19
CA LYS A 33 7.02 -2.45 3.86
C LYS A 33 7.29 -1.10 3.17
N VAL A 34 7.57 -1.08 1.89
CA VAL A 34 7.84 0.25 1.22
C VAL A 34 6.59 1.13 1.35
N PHE A 35 5.48 0.53 1.03
CA PHE A 35 4.19 1.25 1.11
C PHE A 35 4.02 1.77 2.55
N LYS A 36 4.24 0.92 3.52
CA LYS A 36 4.11 1.32 4.96
C LYS A 36 5.00 2.53 5.23
N GLN A 37 6.28 2.42 4.94
CA GLN A 37 7.23 3.55 5.16
C GLN A 37 6.58 4.86 4.72
N TYR A 38 6.10 4.85 3.49
CA TYR A 38 5.44 6.07 2.94
C TYR A 38 4.21 6.47 3.78
N ALA A 39 3.26 5.57 3.92
CA ALA A 39 2.03 5.88 4.72
C ALA A 39 2.33 6.42 6.11
N ASN A 40 3.37 5.89 6.71
CA ASN A 40 3.79 6.33 8.07
C ASN A 40 4.26 7.78 7.92
N ASP A 41 5.24 7.98 7.07
CA ASP A 41 5.80 9.34 6.80
C ASP A 41 4.66 10.36 6.69
N ASN A 42 3.71 9.99 5.87
CA ASN A 42 2.50 10.84 5.62
C ASN A 42 1.71 11.06 6.92
N GLY A 43 1.27 9.98 7.54
CA GLY A 43 0.50 10.04 8.81
C GLY A 43 -0.92 9.47 8.64
N VAL A 44 -1.00 8.40 7.87
CA VAL A 44 -2.30 7.72 7.59
C VAL A 44 -2.15 6.22 7.82
N ASP A 45 -2.18 5.81 9.06
CA ASP A 45 -2.03 4.36 9.40
C ASP A 45 -3.17 3.85 10.31
N GLY A 46 -4.31 3.56 9.72
CA GLY A 46 -5.50 3.06 10.49
C GLY A 46 -5.86 1.62 10.06
N GLU A 47 -6.22 1.49 8.80
CA GLU A 47 -6.60 0.19 8.19
C GLU A 47 -5.54 0.10 7.09
N TRP A 48 -4.48 -0.60 7.37
CA TRP A 48 -3.37 -0.72 6.38
C TRP A 48 -3.22 -2.18 5.91
N THR A 49 -3.83 -2.49 4.80
CA THR A 49 -3.73 -3.89 4.29
C THR A 49 -3.80 -3.92 2.78
N TYR A 50 -3.85 -5.10 2.23
CA TYR A 50 -3.92 -5.28 0.75
C TYR A 50 -5.22 -5.82 0.16
N ASP A 51 -5.23 -5.71 -1.15
CA ASP A 51 -6.34 -6.13 -2.05
C ASP A 51 -5.76 -7.16 -3.02
N ASP A 52 -6.56 -8.17 -3.21
CA ASP A 52 -6.19 -9.30 -4.11
C ASP A 52 -7.24 -9.43 -5.22
N ALA A 53 -7.88 -8.33 -5.48
CA ALA A 53 -8.93 -8.29 -6.54
C ALA A 53 -8.24 -7.79 -7.82
N THR A 54 -7.51 -6.73 -7.66
CA THR A 54 -6.75 -6.07 -8.77
C THR A 54 -5.33 -5.81 -8.22
N LYS A 55 -4.85 -6.81 -7.52
CA LYS A 55 -3.49 -6.82 -6.88
C LYS A 55 -2.95 -5.43 -6.50
N THR A 56 -3.79 -4.78 -5.75
CA THR A 56 -3.52 -3.39 -5.24
C THR A 56 -3.36 -3.47 -3.72
N PHE A 57 -2.89 -2.40 -3.14
CA PHE A 57 -2.69 -2.36 -1.65
C PHE A 57 -3.49 -1.13 -1.20
N THR A 58 -3.87 -1.06 0.05
CA THR A 58 -4.65 0.14 0.49
C THR A 58 -4.47 0.49 1.95
N VAL A 59 -4.54 1.77 2.15
CA VAL A 59 -4.41 2.35 3.49
C VAL A 59 -5.57 3.32 3.64
N THR A 60 -6.37 3.03 4.62
CA THR A 60 -7.57 3.87 4.90
C THR A 60 -7.41 4.36 6.35
N GLU A 61 -8.17 5.36 6.71
CA GLU A 61 -8.09 5.91 8.10
C GLU A 61 -9.53 5.95 8.57
N LYS A 62 -9.73 6.50 9.73
CA LYS A 62 -11.11 6.60 10.29
C LYS A 62 -11.86 5.24 10.26
N PRO A 63 -11.39 4.27 11.02
CA PRO A 63 -12.00 2.93 11.09
C PRO A 63 -13.01 2.92 12.25
N GLU A 64 -13.95 3.82 12.13
CA GLU A 64 -15.03 4.00 13.14
C GLU A 64 -16.43 3.86 12.51
N LEU A 1 8.84 -18.57 -9.60
CA LEU A 1 9.33 -17.17 -9.66
C LEU A 1 8.09 -16.25 -9.69
N THR A 2 7.27 -16.43 -8.67
CA THR A 2 6.01 -15.64 -8.51
C THR A 2 6.13 -14.66 -7.32
N PRO A 3 6.68 -15.06 -6.18
CA PRO A 3 6.82 -14.14 -5.02
C PRO A 3 8.21 -13.47 -5.05
N ALA A 4 8.56 -13.04 -6.23
CA ALA A 4 9.86 -12.35 -6.49
C ALA A 4 9.59 -11.09 -7.34
N VAL A 5 10.60 -10.26 -7.46
CA VAL A 5 10.55 -8.96 -8.24
C VAL A 5 9.30 -8.72 -9.13
N THR A 6 8.26 -8.19 -8.51
CA THR A 6 6.97 -7.88 -9.20
C THR A 6 6.53 -6.45 -8.87
N THR A 7 5.74 -5.89 -9.74
CA THR A 7 5.25 -4.49 -9.52
C THR A 7 3.82 -4.57 -9.00
N TYR A 8 3.62 -3.92 -7.89
CA TYR A 8 2.28 -3.89 -7.22
C TYR A 8 1.95 -2.43 -7.01
N LYS A 9 0.72 -2.19 -6.64
CA LYS A 9 0.33 -0.76 -6.40
C LYS A 9 -0.44 -0.61 -5.09
N LEU A 10 -0.36 0.58 -4.56
CA LEU A 10 -1.03 0.92 -3.27
C LEU A 10 -1.72 2.29 -3.33
N VAL A 11 -2.90 2.34 -2.78
CA VAL A 11 -3.70 3.59 -2.73
C VAL A 11 -3.84 3.93 -1.25
N ILE A 12 -3.87 5.21 -1.00
CA ILE A 12 -4.00 5.73 0.40
C ILE A 12 -5.29 6.54 0.47
N ASN A 13 -5.82 6.70 1.66
CA ASN A 13 -7.08 7.48 1.82
C ASN A 13 -7.27 7.97 3.26
N GLY A 14 -7.99 9.06 3.34
CA GLY A 14 -8.34 9.74 4.62
C GLY A 14 -9.86 9.74 4.71
N LYS A 15 -10.47 10.25 3.67
CA LYS A 15 -11.96 10.35 3.56
C LYS A 15 -12.43 9.61 2.30
N THR A 16 -11.96 10.08 1.17
CA THR A 16 -12.31 9.48 -0.17
C THR A 16 -11.04 8.86 -0.78
N LEU A 17 -10.07 9.70 -0.98
CA LEU A 17 -8.74 9.29 -1.55
C LEU A 17 -7.66 10.12 -0.84
N LYS A 18 -6.43 9.66 -0.89
CA LYS A 18 -5.32 10.41 -0.23
C LYS A 18 -4.28 10.75 -1.31
N GLY A 19 -3.80 9.65 -1.79
CA GLY A 19 -2.77 9.60 -2.86
C GLY A 19 -2.70 8.18 -3.47
N GLU A 20 -2.02 8.05 -4.56
CA GLU A 20 -1.87 6.73 -5.24
C GLU A 20 -0.43 6.55 -5.71
N THR A 21 0.18 5.45 -5.33
CA THR A 21 1.60 5.17 -5.73
C THR A 21 1.77 3.68 -6.04
N THR A 22 2.85 3.34 -6.67
CA THR A 22 3.12 1.90 -7.02
C THR A 22 4.54 1.58 -6.51
N THR A 23 4.88 0.31 -6.45
CA THR A 23 6.24 -0.10 -5.98
C THR A 23 6.71 -1.39 -6.65
N GLU A 24 7.99 -1.64 -6.49
CA GLU A 24 8.68 -2.84 -7.03
C GLU A 24 9.04 -3.59 -5.75
N ALA A 25 8.34 -4.67 -5.52
CA ALA A 25 8.56 -5.50 -4.29
C ALA A 25 8.89 -6.95 -4.64
N VAL A 26 9.19 -7.70 -3.61
CA VAL A 26 9.55 -9.15 -3.77
C VAL A 26 8.32 -9.94 -3.32
N ASP A 27 7.94 -9.73 -2.08
CA ASP A 27 6.77 -10.43 -1.49
C ASP A 27 5.73 -9.39 -1.01
N ALA A 28 4.55 -9.88 -0.73
CA ALA A 28 3.42 -9.02 -0.24
C ALA A 28 3.94 -8.08 0.86
N ALA A 29 4.64 -8.67 1.79
CA ALA A 29 5.21 -7.89 2.93
C ALA A 29 6.13 -6.79 2.38
N THR A 30 7.09 -7.15 1.56
CA THR A 30 8.03 -6.12 0.98
C THR A 30 7.23 -4.90 0.50
N ALA A 31 6.23 -5.16 -0.28
CA ALA A 31 5.37 -4.06 -0.82
C ALA A 31 4.87 -3.20 0.33
N GLU A 32 4.17 -3.82 1.23
CA GLU A 32 3.63 -3.08 2.40
C GLU A 32 4.74 -2.24 3.05
N LYS A 33 5.88 -2.84 3.30
CA LYS A 33 7.04 -2.14 3.93
C LYS A 33 7.44 -0.84 3.22
N VAL A 34 7.64 -0.88 1.92
CA VAL A 34 8.02 0.39 1.20
C VAL A 34 6.88 1.39 1.34
N PHE A 35 5.70 0.93 1.00
CA PHE A 35 4.52 1.83 1.10
C PHE A 35 4.35 2.31 2.55
N LYS A 36 4.78 1.50 3.49
CA LYS A 36 4.66 1.87 4.94
C LYS A 36 5.59 3.04 5.16
N GLN A 37 6.87 2.91 4.88
CA GLN A 37 7.82 4.06 5.07
C GLN A 37 7.17 5.36 4.61
N TYR A 38 6.69 5.30 3.39
CA TYR A 38 6.00 6.50 2.79
C TYR A 38 4.78 6.92 3.62
N ALA A 39 3.84 6.03 3.78
CA ALA A 39 2.59 6.32 4.56
C ALA A 39 2.91 6.88 5.95
N ASN A 40 3.97 6.40 6.55
CA ASN A 40 4.38 6.85 7.91
C ASN A 40 4.79 8.32 7.74
N ASP A 41 5.76 8.53 6.88
CA ASP A 41 6.29 9.92 6.59
C ASP A 41 5.10 10.90 6.54
N ASN A 42 4.14 10.50 5.74
CA ASN A 42 2.90 11.31 5.55
C ASN A 42 2.15 11.48 6.89
N GLY A 43 1.77 10.37 7.47
CA GLY A 43 1.04 10.35 8.78
C GLY A 43 -0.36 9.73 8.62
N VAL A 44 -0.42 8.66 7.86
CA VAL A 44 -1.72 7.94 7.62
C VAL A 44 -1.58 6.44 7.94
N ASP A 45 -2.69 5.74 7.96
CA ASP A 45 -2.81 4.26 8.26
C ASP A 45 -4.12 3.97 9.03
N GLY A 46 -4.32 2.71 9.33
CA GLY A 46 -5.54 2.25 10.07
C GLY A 46 -6.02 0.93 9.47
N GLU A 47 -6.36 1.01 8.22
CA GLU A 47 -6.86 -0.16 7.43
C GLU A 47 -5.71 -0.20 6.42
N TRP A 48 -4.65 -0.80 6.89
CA TRP A 48 -3.41 -0.93 6.08
C TRP A 48 -3.20 -2.40 5.66
N THR A 49 -4.00 -2.78 4.71
CA THR A 49 -3.95 -4.18 4.18
C THR A 49 -4.07 -4.19 2.67
N TYR A 50 -4.16 -5.36 2.11
CA TYR A 50 -4.28 -5.48 0.62
C TYR A 50 -5.64 -5.92 0.04
N ASP A 51 -5.70 -5.74 -1.25
CA ASP A 51 -6.87 -6.06 -2.12
C ASP A 51 -6.44 -7.05 -3.18
N ASP A 52 -7.33 -7.96 -3.46
CA ASP A 52 -7.09 -9.01 -4.47
C ASP A 52 -8.17 -8.93 -5.56
N ALA A 53 -8.72 -7.74 -5.67
CA ALA A 53 -9.78 -7.51 -6.70
C ALA A 53 -9.08 -6.95 -7.94
N THR A 54 -8.31 -5.92 -7.72
CA THR A 54 -7.55 -5.24 -8.81
C THR A 54 -6.07 -5.21 -8.35
N LYS A 55 -5.68 -6.28 -7.70
CA LYS A 55 -4.29 -6.50 -7.15
C LYS A 55 -3.58 -5.20 -6.74
N THR A 56 -4.28 -4.55 -5.85
CA THR A 56 -3.83 -3.25 -5.26
C THR A 56 -3.67 -3.45 -3.75
N PHE A 57 -3.13 -2.45 -3.11
CA PHE A 57 -2.90 -2.51 -1.64
C PHE A 57 -3.58 -1.23 -1.10
N THR A 58 -3.99 -1.20 0.14
CA THR A 58 -4.66 0.03 0.66
C THR A 58 -4.29 0.36 2.10
N VAL A 59 -4.21 1.63 2.32
CA VAL A 59 -3.88 2.20 3.67
C VAL A 59 -4.84 3.38 3.89
N THR A 60 -5.95 2.99 4.42
CA THR A 60 -7.03 3.99 4.72
C THR A 60 -6.95 4.34 6.20
N GLU A 61 -7.49 5.48 6.54
CA GLU A 61 -7.49 5.95 7.96
C GLU A 61 -8.95 6.23 8.34
N LYS A 62 -9.60 5.15 8.64
CA LYS A 62 -11.04 5.18 9.04
C LYS A 62 -11.12 4.86 10.56
N PRO A 63 -10.41 3.88 11.09
CA PRO A 63 -10.45 3.53 12.53
C PRO A 63 -9.27 4.28 13.19
N GLU A 64 -8.71 3.77 14.25
CA GLU A 64 -7.56 4.48 14.92
C GLU A 64 -6.49 5.01 13.92
N LEU A 1 19.35 -9.99 -18.03
CA LEU A 1 18.68 -8.99 -17.15
C LEU A 1 17.65 -9.78 -16.34
N THR A 2 16.74 -10.35 -17.09
CA THR A 2 15.61 -11.20 -16.58
C THR A 2 15.50 -11.31 -15.04
N PRO A 3 15.04 -10.25 -14.40
CA PRO A 3 14.88 -10.18 -12.92
C PRO A 3 13.65 -11.00 -12.48
N ALA A 4 13.54 -11.23 -11.20
CA ALA A 4 12.39 -12.01 -10.65
C ALA A 4 11.59 -11.17 -9.67
N VAL A 5 11.12 -10.06 -10.17
CA VAL A 5 10.32 -9.09 -9.36
C VAL A 5 8.97 -8.82 -10.07
N THR A 6 8.07 -8.26 -9.31
CA THR A 6 6.71 -7.93 -9.82
C THR A 6 6.38 -6.50 -9.35
N THR A 7 5.43 -5.88 -10.01
CA THR A 7 5.03 -4.51 -9.65
C THR A 7 3.72 -4.61 -8.87
N TYR A 8 3.62 -3.77 -7.88
CA TYR A 8 2.40 -3.73 -7.02
C TYR A 8 1.92 -2.30 -7.02
N LYS A 9 0.65 -2.15 -6.78
CA LYS A 9 0.06 -0.77 -6.76
C LYS A 9 -0.63 -0.51 -5.43
N LEU A 10 -0.53 0.71 -4.97
CA LEU A 10 -1.17 1.11 -3.68
C LEU A 10 -1.98 2.40 -3.77
N VAL A 11 -3.12 2.39 -3.13
CA VAL A 11 -4.03 3.58 -3.09
C VAL A 11 -4.20 3.94 -1.60
N ILE A 12 -4.33 5.20 -1.31
CA ILE A 12 -4.50 5.66 0.10
C ILE A 12 -5.84 6.37 0.25
N ASN A 13 -6.45 6.19 1.40
CA ASN A 13 -7.76 6.82 1.71
C ASN A 13 -7.69 7.42 3.13
N GLY A 14 -7.39 8.68 3.24
CA GLY A 14 -7.29 9.33 4.59
C GLY A 14 -8.49 10.24 4.85
N LYS A 15 -8.36 11.49 4.49
CA LYS A 15 -9.46 12.48 4.68
C LYS A 15 -9.78 13.01 3.28
N THR A 16 -8.84 13.73 2.76
CA THR A 16 -8.94 14.34 1.39
C THR A 16 -7.63 13.97 0.68
N LEU A 17 -7.12 12.83 1.07
CA LEU A 17 -5.84 12.28 0.51
C LEU A 17 -6.16 10.92 -0.13
N LYS A 18 -6.82 11.02 -1.26
CA LYS A 18 -7.22 9.81 -2.04
C LYS A 18 -6.39 9.76 -3.33
N GLY A 19 -5.12 9.42 -3.15
CA GLY A 19 -4.18 9.32 -4.31
C GLY A 19 -3.61 7.90 -4.38
N GLU A 20 -2.88 7.64 -5.44
CA GLU A 20 -2.25 6.31 -5.63
C GLU A 20 -0.81 6.40 -6.14
N THR A 21 -0.06 5.41 -5.75
CA THR A 21 1.39 5.26 -6.12
C THR A 21 1.68 3.78 -6.37
N THR A 22 2.83 3.48 -6.93
CA THR A 22 3.17 2.03 -7.20
C THR A 22 4.62 1.70 -6.74
N THR A 23 4.89 0.42 -6.64
CA THR A 23 6.22 -0.11 -6.22
C THR A 23 6.64 -1.34 -7.03
N GLU A 24 7.84 -1.75 -6.73
CA GLU A 24 8.51 -2.92 -7.35
C GLU A 24 8.79 -3.76 -6.09
N ALA A 25 8.12 -4.88 -6.02
CA ALA A 25 8.26 -5.80 -4.85
C ALA A 25 8.55 -7.23 -5.29
N VAL A 26 8.73 -8.06 -4.29
CA VAL A 26 9.03 -9.50 -4.50
C VAL A 26 7.75 -10.21 -4.06
N ASP A 27 7.38 -9.96 -2.83
CA ASP A 27 6.16 -10.56 -2.23
C ASP A 27 5.30 -9.40 -1.66
N ALA A 28 4.29 -9.77 -0.93
CA ALA A 28 3.38 -8.76 -0.31
C ALA A 28 4.11 -7.92 0.74
N ALA A 29 4.89 -8.57 1.58
CA ALA A 29 5.63 -7.84 2.65
C ALA A 29 6.46 -6.67 2.07
N THR A 30 7.34 -6.98 1.15
CA THR A 30 8.20 -5.92 0.53
C THR A 30 7.37 -4.68 0.20
N ALA A 31 6.29 -4.92 -0.52
CA ALA A 31 5.38 -3.81 -0.90
C ALA A 31 4.95 -3.04 0.34
N GLU A 32 4.36 -3.77 1.26
CA GLU A 32 3.89 -3.17 2.54
C GLU A 32 4.96 -2.29 3.18
N LYS A 33 6.19 -2.74 3.19
CA LYS A 33 7.29 -1.95 3.79
C LYS A 33 7.47 -0.56 3.17
N VAL A 34 7.64 -0.50 1.86
CA VAL A 34 7.84 0.84 1.22
C VAL A 34 6.56 1.67 1.39
N PHE A 35 5.47 1.06 1.04
CA PHE A 35 4.15 1.75 1.16
C PHE A 35 3.93 2.19 2.61
N LYS A 36 4.39 1.39 3.55
CA LYS A 36 4.22 1.74 4.99
C LYS A 36 5.02 2.99 5.31
N GLN A 37 6.31 3.00 5.02
CA GLN A 37 7.14 4.21 5.32
C GLN A 37 6.38 5.47 4.86
N TYR A 38 5.95 5.42 3.62
CA TYR A 38 5.19 6.57 3.05
C TYR A 38 3.93 6.83 3.89
N ALA A 39 3.07 5.85 3.99
CA ALA A 39 1.80 5.97 4.77
C ALA A 39 2.01 6.52 6.19
N ASN A 40 3.11 6.16 6.78
CA ASN A 40 3.44 6.63 8.16
C ASN A 40 3.72 8.13 8.04
N ASP A 41 4.70 8.45 7.21
CA ASP A 41 5.09 9.87 6.96
C ASP A 41 3.84 10.74 6.80
N ASN A 42 2.98 10.26 5.95
CA ASN A 42 1.70 10.95 5.63
C ASN A 42 0.79 11.05 6.89
N GLY A 43 0.49 9.93 7.50
CA GLY A 43 -0.37 9.91 8.73
C GLY A 43 -1.70 9.20 8.48
N VAL A 44 -1.61 8.09 7.80
CA VAL A 44 -2.81 7.24 7.46
C VAL A 44 -2.57 5.81 7.93
N ASP A 45 -2.76 5.59 9.20
CA ASP A 45 -2.56 4.24 9.80
C ASP A 45 -3.78 3.69 10.56
N GLY A 46 -4.75 3.21 9.80
CA GLY A 46 -6.01 2.63 10.39
C GLY A 46 -6.02 1.14 10.04
N GLU A 47 -6.24 0.87 8.78
CA GLU A 47 -6.28 -0.52 8.24
C GLU A 47 -5.18 -0.45 7.18
N TRP A 48 -4.44 -1.51 7.02
CA TRP A 48 -3.34 -1.47 6.00
C TRP A 48 -3.24 -2.87 5.37
N THR A 49 -3.96 -3.08 4.31
CA THR A 49 -3.93 -4.44 3.63
C THR A 49 -4.01 -4.35 2.12
N TYR A 50 -4.37 -5.43 1.49
CA TYR A 50 -4.49 -5.48 -0.01
C TYR A 50 -5.94 -5.59 -0.51
N ASP A 51 -6.20 -5.01 -1.68
CA ASP A 51 -7.59 -5.05 -2.26
C ASP A 51 -7.69 -5.07 -3.77
N ASP A 52 -7.25 -6.18 -4.27
CA ASP A 52 -7.27 -6.43 -5.74
C ASP A 52 -7.86 -7.77 -6.05
N ALA A 53 -7.40 -8.63 -5.19
CA ALA A 53 -7.71 -10.08 -5.16
C ALA A 53 -6.38 -10.66 -5.69
N THR A 54 -5.69 -9.84 -6.48
CA THR A 54 -4.39 -10.19 -7.10
C THR A 54 -3.23 -9.28 -6.62
N LYS A 55 -3.29 -8.00 -6.87
CA LYS A 55 -2.15 -7.11 -6.41
C LYS A 55 -2.32 -5.58 -6.14
N THR A 56 -3.30 -5.21 -5.37
CA THR A 56 -3.53 -3.75 -5.06
C THR A 56 -3.36 -3.71 -3.55
N PHE A 57 -2.84 -2.60 -3.09
CA PHE A 57 -2.62 -2.44 -1.65
C PHE A 57 -3.43 -1.20 -1.29
N THR A 58 -3.97 -1.19 -0.12
CA THR A 58 -4.79 -0.04 0.34
C THR A 58 -4.57 0.21 1.81
N VAL A 59 -4.54 1.47 2.10
CA VAL A 59 -4.36 1.95 3.49
C VAL A 59 -5.52 2.91 3.69
N THR A 60 -6.28 2.62 4.68
CA THR A 60 -7.45 3.51 4.97
C THR A 60 -7.44 3.89 6.43
N GLU A 61 -7.89 5.09 6.70
CA GLU A 61 -7.95 5.59 8.09
C GLU A 61 -9.39 6.09 8.26
N LYS A 62 -10.30 5.14 8.16
CA LYS A 62 -11.80 5.33 8.28
C LYS A 62 -12.57 4.23 7.50
N PRO A 63 -13.88 4.20 7.64
CA PRO A 63 -14.77 3.22 6.95
C PRO A 63 -15.19 3.81 5.60
N GLU A 64 -14.19 4.08 4.79
CA GLU A 64 -14.39 4.66 3.43
C GLU A 64 -13.81 3.75 2.33
N LEU A 1 7.65 -16.48 -2.08
CA LEU A 1 8.44 -15.22 -2.16
C LEU A 1 8.36 -14.68 -3.60
N THR A 2 8.76 -15.54 -4.51
CA THR A 2 8.80 -15.32 -6.00
C THR A 2 10.28 -15.11 -6.39
N PRO A 3 10.87 -16.03 -7.14
CA PRO A 3 12.29 -15.94 -7.58
C PRO A 3 12.78 -14.54 -7.98
N ALA A 4 11.92 -13.85 -8.68
CA ALA A 4 12.23 -12.46 -9.15
C ALA A 4 11.41 -11.42 -8.39
N VAL A 5 11.58 -10.19 -8.79
CA VAL A 5 10.85 -9.06 -8.14
C VAL A 5 9.65 -8.69 -9.01
N THR A 6 8.69 -8.07 -8.35
CA THR A 6 7.43 -7.65 -9.03
C THR A 6 7.09 -6.20 -8.66
N THR A 7 6.13 -5.68 -9.38
CA THR A 7 5.67 -4.27 -9.14
C THR A 7 4.22 -4.39 -8.67
N TYR A 8 3.88 -3.61 -7.69
CA TYR A 8 2.49 -3.63 -7.14
C TYR A 8 1.97 -2.20 -7.05
N LYS A 9 0.68 -2.12 -6.80
CA LYS A 9 0.01 -0.78 -6.69
C LYS A 9 -0.64 -0.59 -5.32
N LEU A 10 -0.67 0.65 -4.90
CA LEU A 10 -1.28 1.03 -3.58
C LEU A 10 -2.16 2.28 -3.71
N VAL A 11 -3.26 2.28 -3.01
CA VAL A 11 -4.19 3.44 -3.03
C VAL A 11 -4.15 3.91 -1.57
N ILE A 12 -4.15 5.19 -1.43
CA ILE A 12 -4.10 5.84 -0.07
C ILE A 12 -5.45 6.53 0.13
N ASN A 13 -6.02 6.37 1.28
CA ASN A 13 -7.35 7.00 1.62
C ASN A 13 -7.10 7.79 2.92
N GLY A 14 -7.31 9.09 2.86
CA GLY A 14 -7.08 9.92 4.09
C GLY A 14 -8.37 10.46 4.72
N LYS A 15 -8.79 11.61 4.26
CA LYS A 15 -10.04 12.25 4.81
C LYS A 15 -11.13 12.29 3.73
N THR A 16 -11.31 11.14 3.12
CA THR A 16 -12.31 10.89 2.02
C THR A 16 -11.66 11.14 0.65
N LEU A 17 -10.49 11.73 0.70
CA LEU A 17 -9.73 12.04 -0.55
C LEU A 17 -8.74 10.89 -0.74
N LYS A 18 -8.48 10.58 -1.98
CA LYS A 18 -7.55 9.47 -2.29
C LYS A 18 -6.43 9.88 -3.26
N GLY A 19 -5.34 9.18 -3.11
CA GLY A 19 -4.12 9.37 -3.94
C GLY A 19 -3.67 7.96 -4.33
N GLU A 20 -3.06 7.81 -5.48
CA GLU A 20 -2.59 6.45 -5.90
C GLU A 20 -1.09 6.49 -6.16
N THR A 21 -0.43 5.47 -5.68
CA THR A 21 1.04 5.33 -5.83
C THR A 21 1.38 3.86 -6.11
N THR A 22 2.58 3.61 -6.54
CA THR A 22 3.00 2.20 -6.84
C THR A 22 4.43 1.98 -6.30
N THR A 23 4.83 0.74 -6.20
CA THR A 23 6.20 0.43 -5.69
C THR A 23 6.68 -0.91 -6.24
N GLU A 24 7.93 -1.21 -5.97
CA GLU A 24 8.55 -2.49 -6.43
C GLU A 24 8.83 -3.27 -5.13
N ALA A 25 8.51 -4.54 -5.18
CA ALA A 25 8.70 -5.43 -3.99
C ALA A 25 9.15 -6.83 -4.41
N VAL A 26 9.42 -7.63 -3.41
CA VAL A 26 9.87 -9.03 -3.62
C VAL A 26 8.62 -9.88 -3.39
N ASP A 27 8.12 -9.80 -2.19
CA ASP A 27 6.90 -10.56 -1.81
C ASP A 27 5.85 -9.63 -1.15
N ALA A 28 4.70 -10.21 -0.89
CA ALA A 28 3.56 -9.46 -0.25
C ALA A 28 4.03 -8.53 0.87
N ALA A 29 4.80 -9.10 1.77
CA ALA A 29 5.33 -8.32 2.93
C ALA A 29 6.17 -7.13 2.47
N THR A 30 7.22 -7.39 1.73
CA THR A 30 8.12 -6.28 1.23
C THR A 30 7.28 -5.11 0.75
N ALA A 31 6.30 -5.42 -0.07
CA ALA A 31 5.41 -4.37 -0.63
C ALA A 31 4.81 -3.53 0.50
N GLU A 32 4.08 -4.21 1.37
CA GLU A 32 3.45 -3.49 2.51
C GLU A 32 4.49 -2.67 3.29
N LYS A 33 5.65 -3.23 3.48
CA LYS A 33 6.74 -2.54 4.22
C LYS A 33 7.21 -1.24 3.54
N VAL A 34 7.58 -1.29 2.29
CA VAL A 34 8.04 -0.04 1.61
C VAL A 34 6.89 0.96 1.62
N PHE A 35 5.75 0.51 1.19
CA PHE A 35 4.57 1.39 1.17
C PHE A 35 4.33 1.97 2.58
N LYS A 36 4.48 1.13 3.58
CA LYS A 36 4.28 1.57 5.00
C LYS A 36 5.27 2.67 5.35
N GLN A 37 6.55 2.46 5.19
CA GLN A 37 7.55 3.53 5.52
C GLN A 37 7.06 4.87 4.97
N TYR A 38 6.72 4.84 3.70
CA TYR A 38 6.21 6.08 3.05
C TYR A 38 4.93 6.57 3.78
N ALA A 39 3.93 5.74 3.81
CA ALA A 39 2.62 6.06 4.47
C ALA A 39 2.80 6.70 5.85
N ASN A 40 3.71 6.14 6.61
CA ASN A 40 3.99 6.66 7.97
C ASN A 40 4.51 8.09 7.79
N ASP A 41 5.57 8.23 7.04
CA ASP A 41 6.16 9.58 6.78
C ASP A 41 5.05 10.59 6.44
N ASN A 42 4.25 10.19 5.48
CA ASN A 42 3.10 11.00 4.98
C ASN A 42 2.18 11.42 6.14
N GLY A 43 1.72 10.45 6.89
CA GLY A 43 0.83 10.72 8.07
C GLY A 43 -0.49 9.95 7.97
N VAL A 44 -0.41 8.78 7.36
CA VAL A 44 -1.61 7.90 7.19
C VAL A 44 -1.20 6.52 7.76
N ASP A 45 -2.15 5.62 7.79
CA ASP A 45 -2.06 4.19 8.28
C ASP A 45 -3.12 3.97 9.38
N GLY A 46 -3.84 2.88 9.27
CA GLY A 46 -4.91 2.51 10.25
C GLY A 46 -5.49 1.14 9.83
N GLU A 47 -6.00 1.16 8.63
CA GLU A 47 -6.63 -0.03 7.97
C GLU A 47 -5.62 -0.17 6.83
N TRP A 48 -4.55 -0.84 7.15
CA TRP A 48 -3.42 -1.07 6.18
C TRP A 48 -3.35 -2.53 5.71
N THR A 49 -3.99 -2.79 4.61
CA THR A 49 -3.99 -4.19 4.06
C THR A 49 -4.13 -4.16 2.54
N TYR A 50 -4.16 -5.33 1.95
CA TYR A 50 -4.28 -5.44 0.48
C TYR A 50 -5.57 -5.99 -0.15
N ASP A 51 -5.56 -5.83 -1.45
CA ASP A 51 -6.67 -6.24 -2.37
C ASP A 51 -6.10 -7.24 -3.37
N ASP A 52 -6.89 -8.25 -3.60
CA ASP A 52 -6.53 -9.35 -4.54
C ASP A 52 -7.56 -9.45 -5.66
N ALA A 53 -8.22 -8.34 -5.88
CA ALA A 53 -9.27 -8.27 -6.95
C ALA A 53 -8.63 -7.62 -8.19
N THR A 54 -7.97 -6.52 -7.94
CA THR A 54 -7.28 -5.74 -9.00
C THR A 54 -5.81 -5.53 -8.53
N LYS A 55 -5.32 -6.56 -7.88
CA LYS A 55 -3.92 -6.63 -7.32
C LYS A 55 -3.31 -5.28 -6.95
N THR A 56 -4.05 -4.69 -6.04
CA THR A 56 -3.71 -3.35 -5.46
C THR A 56 -3.59 -3.50 -3.94
N PHE A 57 -3.13 -2.46 -3.30
CA PHE A 57 -2.96 -2.49 -1.81
C PHE A 57 -3.72 -1.25 -1.30
N THR A 58 -4.05 -1.20 -0.04
CA THR A 58 -4.79 0.01 0.48
C THR A 58 -4.47 0.36 1.93
N VAL A 59 -4.33 1.63 2.12
CA VAL A 59 -4.02 2.16 3.48
C VAL A 59 -5.00 3.29 3.74
N THR A 60 -5.80 3.07 4.74
CA THR A 60 -6.83 4.08 5.13
C THR A 60 -6.62 4.47 6.59
N GLU A 61 -6.93 5.69 6.92
CA GLU A 61 -6.77 6.17 8.32
C GLU A 61 -8.12 6.77 8.74
N LYS A 62 -9.11 5.91 8.71
CA LYS A 62 -10.51 6.30 9.09
C LYS A 62 -11.03 5.31 10.16
N PRO A 63 -11.88 5.76 11.07
CA PRO A 63 -12.45 4.89 12.13
C PRO A 63 -13.64 4.13 11.50
N GLU A 64 -13.29 3.31 10.53
CA GLU A 64 -14.27 2.48 9.77
C GLU A 64 -13.95 0.98 9.98
N LEU A 1 12.90 -13.69 -16.73
CA LEU A 1 12.74 -12.26 -16.30
C LEU A 1 12.24 -12.16 -14.86
N THR A 2 12.17 -10.94 -14.39
CA THR A 2 11.71 -10.58 -12.99
C THR A 2 11.55 -11.77 -12.03
N PRO A 3 12.65 -12.44 -11.71
CA PRO A 3 12.66 -13.62 -10.80
C PRO A 3 11.95 -13.39 -9.47
N ALA A 4 12.48 -12.48 -8.69
CA ALA A 4 11.90 -12.15 -7.35
C ALA A 4 11.58 -10.65 -7.27
N VAL A 5 10.74 -10.22 -8.17
CA VAL A 5 10.32 -8.78 -8.23
C VAL A 5 8.80 -8.71 -8.03
N THR A 6 8.40 -7.72 -7.27
CA THR A 6 6.97 -7.48 -6.97
C THR A 6 6.59 -6.02 -7.29
N THR A 7 6.09 -5.85 -8.49
CA THR A 7 5.67 -4.49 -8.96
C THR A 7 4.16 -4.52 -8.72
N TYR A 8 3.79 -3.97 -7.60
CA TYR A 8 2.36 -3.92 -7.18
C TYR A 8 1.87 -2.48 -7.11
N LYS A 9 0.58 -2.35 -6.93
CA LYS A 9 -0.04 -0.98 -6.86
C LYS A 9 -0.75 -0.76 -5.51
N LEU A 10 -0.88 0.50 -5.15
CA LEU A 10 -1.56 0.91 -3.88
C LEU A 10 -2.48 2.14 -4.04
N VAL A 11 -3.59 2.11 -3.35
CA VAL A 11 -4.56 3.25 -3.40
C VAL A 11 -4.60 3.75 -1.94
N ILE A 12 -4.73 5.04 -1.80
CA ILE A 12 -4.78 5.66 -0.45
C ILE A 12 -6.22 6.17 -0.34
N ASN A 13 -6.92 5.79 0.69
CA ASN A 13 -8.33 6.23 0.89
C ASN A 13 -8.46 6.80 2.32
N GLY A 14 -7.78 7.89 2.54
CA GLY A 14 -7.79 8.54 3.88
C GLY A 14 -8.71 9.77 3.83
N LYS A 15 -8.98 10.29 5.01
CA LYS A 15 -9.85 11.49 5.19
C LYS A 15 -9.72 12.54 4.07
N THR A 16 -8.49 12.89 3.79
CA THR A 16 -8.19 13.89 2.72
C THR A 16 -7.03 13.42 1.81
N LEU A 17 -6.67 12.17 1.95
CA LEU A 17 -5.57 11.58 1.12
C LEU A 17 -6.17 10.49 0.23
N LYS A 18 -6.63 10.92 -0.93
CA LYS A 18 -7.25 9.97 -1.90
C LYS A 18 -6.51 9.98 -3.25
N GLY A 19 -5.32 9.41 -3.23
CA GLY A 19 -4.45 9.33 -4.46
C GLY A 19 -4.02 7.88 -4.70
N GLU A 20 -3.23 7.69 -5.74
CA GLU A 20 -2.73 6.33 -6.09
C GLU A 20 -1.19 6.36 -6.23
N THR A 21 -0.58 5.30 -5.77
CA THR A 21 0.91 5.13 -5.83
C THR A 21 1.24 3.66 -6.11
N THR A 22 2.48 3.36 -6.35
CA THR A 22 2.87 1.94 -6.63
C THR A 22 4.21 1.59 -5.93
N THR A 23 4.54 0.33 -5.95
CA THR A 23 5.81 -0.16 -5.31
C THR A 23 6.51 -1.20 -6.17
N GLU A 24 7.81 -1.13 -6.08
CA GLU A 24 8.73 -2.04 -6.82
C GLU A 24 9.55 -2.67 -5.69
N ALA A 25 9.01 -3.74 -5.16
CA ALA A 25 9.64 -4.50 -4.03
C ALA A 25 10.20 -5.84 -4.51
N VAL A 26 10.64 -6.61 -3.55
CA VAL A 26 11.21 -7.96 -3.84
C VAL A 26 10.11 -8.99 -3.68
N ASP A 27 9.64 -9.13 -2.46
CA ASP A 27 8.55 -10.11 -2.14
C ASP A 27 7.37 -9.44 -1.43
N ALA A 28 6.34 -10.24 -1.20
CA ALA A 28 5.10 -9.76 -0.51
C ALA A 28 5.40 -8.87 0.72
N ALA A 29 6.21 -9.39 1.60
CA ALA A 29 6.56 -8.62 2.84
C ALA A 29 7.22 -7.29 2.46
N THR A 30 8.25 -7.36 1.65
CA THR A 30 8.98 -6.13 1.20
C THR A 30 7.96 -5.08 0.75
N ALA A 31 7.04 -5.51 -0.09
CA ALA A 31 5.99 -4.59 -0.61
C ALA A 31 5.34 -3.86 0.56
N GLU A 32 4.79 -4.63 1.47
CA GLU A 32 4.14 -3.98 2.64
C GLU A 32 5.11 -3.00 3.29
N LYS A 33 6.32 -3.41 3.55
CA LYS A 33 7.31 -2.49 4.20
C LYS A 33 7.45 -1.15 3.45
N VAL A 34 7.71 -1.19 2.16
CA VAL A 34 7.86 0.10 1.41
C VAL A 34 6.57 0.90 1.50
N PHE A 35 5.48 0.27 1.14
CA PHE A 35 4.17 0.97 1.19
C PHE A 35 3.96 1.56 2.59
N LYS A 36 4.17 0.78 3.62
CA LYS A 36 4.00 1.24 5.02
C LYS A 36 4.87 2.48 5.28
N GLN A 37 6.15 2.39 5.01
CA GLN A 37 7.06 3.56 5.24
C GLN A 37 6.40 4.82 4.65
N TYR A 38 6.03 4.73 3.40
CA TYR A 38 5.38 5.88 2.72
C TYR A 38 4.11 6.29 3.49
N ALA A 39 3.20 5.37 3.68
CA ALA A 39 1.93 5.64 4.41
C ALA A 39 2.17 6.35 5.75
N ASN A 40 3.23 5.97 6.42
CA ASN A 40 3.55 6.61 7.74
C ASN A 40 3.95 8.06 7.42
N ASP A 41 4.97 8.19 6.60
CA ASP A 41 5.49 9.54 6.17
C ASP A 41 4.32 10.48 5.88
N ASN A 42 3.44 9.96 5.07
CA ASN A 42 2.21 10.67 4.62
C ASN A 42 1.31 11.01 5.83
N GLY A 43 0.89 10.00 6.56
CA GLY A 43 0.02 10.19 7.75
C GLY A 43 -1.34 9.53 7.55
N VAL A 44 -1.31 8.33 7.05
CA VAL A 44 -2.55 7.50 6.78
C VAL A 44 -2.33 6.14 7.45
N ASP A 45 -2.46 6.13 8.76
CA ASP A 45 -2.28 4.89 9.56
C ASP A 45 -3.52 4.48 10.38
N GLY A 46 -4.53 3.98 9.70
CA GLY A 46 -5.80 3.55 10.36
C GLY A 46 -6.02 2.05 10.06
N GLU A 47 -6.28 1.79 8.81
CA GLU A 47 -6.53 0.41 8.26
C GLU A 47 -5.43 0.29 7.22
N TRP A 48 -4.70 -0.79 7.19
CA TRP A 48 -3.61 -0.93 6.17
C TRP A 48 -3.43 -2.37 5.68
N THR A 49 -3.99 -2.69 4.55
CA THR A 49 -3.86 -4.09 4.01
C THR A 49 -3.98 -4.07 2.50
N TYR A 50 -4.15 -5.23 1.91
CA TYR A 50 -4.27 -5.32 0.43
C TYR A 50 -5.65 -5.73 -0.12
N ASP A 51 -5.72 -5.59 -1.42
CA ASP A 51 -6.93 -5.89 -2.24
C ASP A 51 -6.61 -7.02 -3.22
N ASP A 52 -7.56 -7.89 -3.34
CA ASP A 52 -7.42 -9.06 -4.27
C ASP A 52 -8.63 -9.05 -5.22
N ALA A 53 -9.12 -7.85 -5.45
CA ALA A 53 -10.30 -7.68 -6.37
C ALA A 53 -9.77 -7.25 -7.76
N THR A 54 -8.82 -6.36 -7.71
CA THR A 54 -8.16 -5.80 -8.94
C THR A 54 -6.70 -6.28 -8.93
N LYS A 55 -6.14 -6.29 -7.74
CA LYS A 55 -4.74 -6.70 -7.37
C LYS A 55 -3.92 -5.44 -7.06
N THR A 56 -4.51 -4.72 -6.13
CA THR A 56 -3.93 -3.42 -5.64
C THR A 56 -3.78 -3.54 -4.12
N PHE A 57 -3.20 -2.55 -3.50
CA PHE A 57 -2.99 -2.56 -2.02
C PHE A 57 -3.85 -1.40 -1.52
N THR A 58 -4.15 -1.34 -0.25
CA THR A 58 -5.00 -0.20 0.25
C THR A 58 -4.79 0.21 1.71
N VAL A 59 -4.78 1.49 1.89
CA VAL A 59 -4.63 2.07 3.25
C VAL A 59 -5.80 3.04 3.40
N THR A 60 -6.39 3.02 4.56
CA THR A 60 -7.56 3.92 4.84
C THR A 60 -7.34 4.59 6.19
N GLU A 61 -7.91 5.76 6.37
CA GLU A 61 -7.75 6.47 7.69
C GLU A 61 -9.04 7.21 7.98
N LYS A 62 -10.10 6.44 7.92
CA LYS A 62 -11.47 6.96 8.18
C LYS A 62 -12.00 6.41 9.52
N PRO A 63 -11.88 5.14 9.82
CA PRO A 63 -12.35 4.57 11.11
C PRO A 63 -11.11 4.60 12.03
N GLU A 64 -10.61 5.79 12.22
CA GLU A 64 -9.41 6.06 13.07
C GLU A 64 -9.85 6.54 14.45
N LEU A 1 13.22 -16.31 -8.40
CA LEU A 1 13.29 -17.06 -9.69
C LEU A 1 12.18 -16.52 -10.60
N THR A 2 10.95 -16.78 -10.19
CA THR A 2 9.76 -16.33 -10.96
C THR A 2 9.00 -15.21 -10.21
N PRO A 3 8.79 -15.32 -8.91
CA PRO A 3 8.08 -14.29 -8.12
C PRO A 3 9.12 -13.35 -7.50
N ALA A 4 9.88 -12.76 -8.38
CA ALA A 4 10.98 -11.80 -7.99
C ALA A 4 10.70 -10.41 -8.58
N VAL A 5 11.43 -9.45 -8.06
CA VAL A 5 11.34 -7.99 -8.47
C VAL A 5 10.21 -7.62 -9.46
N THR A 6 9.06 -7.41 -8.88
CA THR A 6 7.81 -7.03 -9.59
C THR A 6 7.34 -5.67 -9.06
N THR A 7 6.38 -5.10 -9.75
CA THR A 7 5.83 -3.78 -9.32
C THR A 7 4.39 -3.98 -8.86
N TYR A 8 4.04 -3.29 -7.81
CA TYR A 8 2.66 -3.38 -7.23
C TYR A 8 2.13 -1.97 -7.07
N LYS A 9 0.85 -1.90 -6.80
CA LYS A 9 0.19 -0.57 -6.62
C LYS A 9 -0.44 -0.42 -5.24
N LEU A 10 -0.57 0.83 -4.84
CA LEU A 10 -1.18 1.17 -3.52
C LEU A 10 -2.10 2.38 -3.64
N VAL A 11 -3.25 2.28 -3.03
CA VAL A 11 -4.25 3.39 -3.04
C VAL A 11 -4.48 3.77 -1.58
N ILE A 12 -4.76 5.02 -1.40
CA ILE A 12 -5.01 5.58 -0.03
C ILE A 12 -6.44 6.15 -0.03
N ASN A 13 -7.14 6.00 1.06
CA ASN A 13 -8.55 6.53 1.14
C ASN A 13 -8.65 7.72 2.11
N GLY A 14 -7.85 8.71 1.81
CA GLY A 14 -7.75 10.00 2.58
C GLY A 14 -8.87 10.31 3.59
N LYS A 15 -10.09 10.31 3.07
CA LYS A 15 -11.36 10.57 3.82
C LYS A 15 -12.35 11.33 2.91
N THR A 16 -11.83 12.25 2.14
CA THR A 16 -12.65 13.06 1.19
C THR A 16 -12.24 12.66 -0.21
N LEU A 17 -10.94 12.65 -0.39
CA LEU A 17 -10.32 12.27 -1.68
C LEU A 17 -9.44 11.04 -1.44
N LYS A 18 -8.88 10.55 -2.52
CA LYS A 18 -7.98 9.35 -2.45
C LYS A 18 -6.65 9.69 -3.14
N GLY A 19 -5.67 8.89 -2.85
CA GLY A 19 -4.31 9.07 -3.43
C GLY A 19 -3.89 7.75 -4.06
N GLU A 20 -3.01 7.81 -5.03
CA GLU A 20 -2.55 6.55 -5.70
C GLU A 20 -1.02 6.63 -5.88
N THR A 21 -0.35 5.64 -5.36
CA THR A 21 1.14 5.56 -5.44
C THR A 21 1.48 4.10 -5.78
N THR A 22 2.71 3.86 -6.13
CA THR A 22 3.12 2.47 -6.48
C THR A 22 4.53 2.18 -5.91
N THR A 23 4.92 0.94 -5.93
CA THR A 23 6.27 0.54 -5.40
C THR A 23 6.79 -0.72 -6.08
N GLU A 24 8.02 -1.04 -5.76
CA GLU A 24 8.71 -2.24 -6.32
C GLU A 24 8.86 -3.19 -5.12
N ALA A 25 8.47 -4.41 -5.31
CA ALA A 25 8.55 -5.45 -4.24
C ALA A 25 8.88 -6.83 -4.80
N VAL A 26 9.19 -7.74 -3.92
CA VAL A 26 9.54 -9.13 -4.33
C VAL A 26 8.32 -9.98 -3.99
N ASP A 27 7.93 -9.91 -2.75
CA ASP A 27 6.75 -10.68 -2.25
C ASP A 27 5.72 -9.74 -1.61
N ALA A 28 4.57 -10.30 -1.32
CA ALA A 28 3.46 -9.52 -0.67
C ALA A 28 4.02 -8.73 0.53
N ALA A 29 4.73 -9.45 1.36
CA ALA A 29 5.36 -8.84 2.57
C ALA A 29 6.25 -7.66 2.17
N THR A 30 7.16 -7.88 1.26
CA THR A 30 8.08 -6.79 0.80
C THR A 30 7.28 -5.52 0.50
N ALA A 31 6.27 -5.70 -0.33
CA ALA A 31 5.39 -4.56 -0.71
C ALA A 31 4.88 -3.88 0.55
N GLU A 32 4.24 -4.66 1.38
CA GLU A 32 3.68 -4.12 2.66
C GLU A 32 4.71 -3.24 3.36
N LYS A 33 5.90 -3.75 3.51
CA LYS A 33 6.97 -2.97 4.19
C LYS A 33 7.32 -1.66 3.51
N VAL A 34 7.63 -1.68 2.23
CA VAL A 34 7.97 -0.38 1.55
C VAL A 34 6.80 0.59 1.65
N PHE A 35 5.63 0.12 1.29
CA PHE A 35 4.43 1.00 1.35
C PHE A 35 4.23 1.52 2.77
N LYS A 36 4.31 0.66 3.76
CA LYS A 36 4.14 1.09 5.18
C LYS A 36 5.16 2.19 5.49
N GLN A 37 6.42 1.95 5.21
CA GLN A 37 7.47 2.98 5.49
C GLN A 37 6.97 4.33 4.93
N TYR A 38 6.66 4.31 3.66
CA TYR A 38 6.15 5.53 2.94
C TYR A 38 4.97 6.18 3.69
N ALA A 39 3.93 5.42 3.90
CA ALA A 39 2.72 5.94 4.60
C ALA A 39 2.98 6.37 6.05
N ASN A 40 4.01 5.82 6.64
CA ASN A 40 4.36 6.18 8.06
C ASN A 40 5.03 7.55 7.97
N ASP A 41 6.06 7.60 7.15
CA ASP A 41 6.86 8.85 6.91
C ASP A 41 5.87 10.01 6.75
N ASN A 42 4.93 9.77 5.88
CA ASN A 42 3.87 10.78 5.56
C ASN A 42 3.01 11.02 6.83
N GLY A 43 2.38 9.97 7.31
CA GLY A 43 1.50 10.05 8.53
C GLY A 43 0.03 9.85 8.14
N VAL A 44 -0.23 8.82 7.39
CA VAL A 44 -1.64 8.51 6.94
C VAL A 44 -1.99 7.03 7.20
N ASP A 45 -2.06 6.69 8.47
CA ASP A 45 -2.39 5.28 8.86
C ASP A 45 -3.56 5.15 9.85
N GLY A 46 -4.17 3.99 9.78
CA GLY A 46 -5.34 3.60 10.64
C GLY A 46 -5.56 2.10 10.40
N GLU A 47 -5.78 1.83 9.13
CA GLU A 47 -6.03 0.46 8.60
C GLU A 47 -4.97 0.38 7.51
N TRP A 48 -4.18 -0.67 7.49
CA TRP A 48 -3.12 -0.77 6.43
C TRP A 48 -2.99 -2.23 5.95
N THR A 49 -3.57 -2.54 4.84
CA THR A 49 -3.48 -3.95 4.33
C THR A 49 -3.55 -3.98 2.82
N TYR A 50 -3.62 -5.15 2.26
CA TYR A 50 -3.69 -5.29 0.78
C TYR A 50 -5.02 -5.81 0.20
N ASP A 51 -5.08 -5.69 -1.11
CA ASP A 51 -6.25 -6.10 -1.93
C ASP A 51 -5.80 -7.17 -2.92
N ASP A 52 -6.70 -8.10 -3.12
CA ASP A 52 -6.44 -9.23 -4.06
C ASP A 52 -7.53 -9.24 -5.13
N ALA A 53 -8.09 -8.08 -5.35
CA ALA A 53 -9.17 -7.94 -6.38
C ALA A 53 -8.55 -7.37 -7.66
N THR A 54 -7.84 -6.29 -7.51
CA THR A 54 -7.17 -5.60 -8.65
C THR A 54 -5.67 -5.44 -8.30
N LYS A 55 -5.17 -6.48 -7.67
CA LYS A 55 -3.73 -6.58 -7.23
C LYS A 55 -3.12 -5.23 -6.83
N THR A 56 -3.79 -4.67 -5.86
CA THR A 56 -3.41 -3.35 -5.28
C THR A 56 -3.24 -3.48 -3.76
N PHE A 57 -2.73 -2.45 -3.15
CA PHE A 57 -2.52 -2.46 -1.67
C PHE A 57 -3.37 -1.27 -1.19
N THR A 58 -3.79 -1.24 0.05
CA THR A 58 -4.64 -0.09 0.52
C THR A 58 -4.41 0.36 1.95
N VAL A 59 -4.56 1.64 2.12
CA VAL A 59 -4.40 2.25 3.46
C VAL A 59 -5.49 3.29 3.73
N THR A 60 -5.91 3.31 4.96
CA THR A 60 -6.96 4.27 5.41
C THR A 60 -6.52 4.78 6.78
N GLU A 61 -7.19 5.79 7.24
CA GLU A 61 -6.88 6.40 8.57
C GLU A 61 -8.15 6.34 9.42
N LYS A 62 -8.66 5.14 9.48
CA LYS A 62 -9.89 4.83 10.25
C LYS A 62 -9.57 3.78 11.34
N PRO A 63 -10.48 3.55 12.27
CA PRO A 63 -10.28 2.56 13.36
C PRO A 63 -10.29 1.12 12.83
N GLU A 64 -9.97 0.21 13.71
CA GLU A 64 -9.93 -1.25 13.37
C GLU A 64 -10.83 -2.07 14.31
N LEU A 1 21.93 -15.11 -11.74
CA LEU A 1 21.47 -15.94 -10.58
C LEU A 1 20.76 -14.99 -9.60
N THR A 2 19.79 -14.29 -10.14
CA THR A 2 19.00 -13.32 -9.33
C THR A 2 17.49 -13.64 -9.46
N PRO A 3 16.68 -13.15 -8.53
CA PRO A 3 15.21 -13.38 -8.52
C PRO A 3 14.51 -12.36 -9.44
N ALA A 4 13.20 -12.41 -9.44
CA ALA A 4 12.40 -11.46 -10.28
C ALA A 4 11.60 -10.61 -9.30
N VAL A 5 11.50 -9.34 -9.62
CA VAL A 5 10.74 -8.40 -8.73
C VAL A 5 9.56 -7.90 -9.57
N THR A 6 8.56 -7.37 -8.91
CA THR A 6 7.35 -6.87 -9.62
C THR A 6 6.94 -5.51 -9.05
N THR A 7 6.13 -4.82 -9.80
CA THR A 7 5.64 -3.48 -9.36
C THR A 7 4.28 -3.74 -8.73
N TYR A 8 4.08 -3.16 -7.57
CA TYR A 8 2.79 -3.33 -6.84
C TYR A 8 2.21 -1.93 -6.74
N LYS A 9 0.94 -1.89 -6.48
CA LYS A 9 0.26 -0.55 -6.37
C LYS A 9 -0.42 -0.34 -5.03
N LEU A 10 -0.48 0.91 -4.66
CA LEU A 10 -1.11 1.35 -3.37
C LEU A 10 -2.11 2.48 -3.60
N VAL A 11 -3.25 2.38 -2.98
CA VAL A 11 -4.32 3.41 -3.10
C VAL A 11 -4.66 3.81 -1.66
N ILE A 12 -5.02 5.05 -1.49
CA ILE A 12 -5.39 5.56 -0.13
C ILE A 12 -6.86 5.95 -0.24
N ASN A 13 -7.66 5.55 0.72
CA ASN A 13 -9.11 5.91 0.65
C ASN A 13 -9.73 6.35 1.99
N GLY A 14 -9.15 7.35 2.60
CA GLY A 14 -9.74 7.81 3.89
C GLY A 14 -9.01 8.97 4.58
N LYS A 15 -8.50 9.90 3.83
CA LYS A 15 -7.78 11.06 4.46
C LYS A 15 -8.47 12.36 4.00
N THR A 16 -8.28 12.68 2.75
CA THR A 16 -8.88 13.90 2.12
C THR A 16 -9.52 13.46 0.81
N LEU A 17 -8.67 12.90 -0.02
CA LEU A 17 -9.05 12.38 -1.36
C LEU A 17 -8.69 10.90 -1.49
N LYS A 18 -8.91 10.40 -2.67
CA LYS A 18 -8.62 8.96 -2.99
C LYS A 18 -7.60 8.94 -4.15
N GLY A 19 -6.33 8.91 -3.78
CA GLY A 19 -5.24 8.89 -4.80
C GLY A 19 -4.44 7.60 -4.71
N GLU A 20 -3.59 7.39 -5.69
CA GLU A 20 -2.75 6.16 -5.73
C GLU A 20 -1.31 6.42 -6.20
N THR A 21 -0.47 5.55 -5.72
CA THR A 21 1.01 5.55 -6.02
C THR A 21 1.45 4.09 -6.15
N THR A 22 2.68 3.85 -6.55
CA THR A 22 3.16 2.43 -6.68
C THR A 22 4.55 2.23 -6.03
N THR A 23 4.93 0.99 -5.89
CA THR A 23 6.25 0.61 -5.28
C THR A 23 6.84 -0.59 -6.05
N GLU A 24 8.08 -0.90 -5.75
CA GLU A 24 8.79 -2.04 -6.40
C GLU A 24 9.09 -3.00 -5.24
N ALA A 25 8.54 -4.19 -5.34
CA ALA A 25 8.73 -5.25 -4.29
C ALA A 25 8.97 -6.61 -4.94
N VAL A 26 9.23 -7.61 -4.12
CA VAL A 26 9.48 -8.97 -4.65
C VAL A 26 8.23 -9.80 -4.32
N ASP A 27 7.84 -9.77 -3.07
CA ASP A 27 6.63 -10.51 -2.60
C ASP A 27 5.67 -9.60 -1.81
N ALA A 28 4.52 -10.13 -1.52
CA ALA A 28 3.46 -9.39 -0.76
C ALA A 28 4.01 -8.66 0.49
N ALA A 29 4.70 -9.40 1.31
CA ALA A 29 5.28 -8.81 2.56
C ALA A 29 6.15 -7.57 2.25
N THR A 30 7.12 -7.75 1.40
CA THR A 30 8.03 -6.63 1.00
C THR A 30 7.19 -5.40 0.66
N ALA A 31 6.23 -5.61 -0.21
CA ALA A 31 5.33 -4.48 -0.62
C ALA A 31 4.78 -3.80 0.63
N GLU A 32 4.14 -4.59 1.46
CA GLU A 32 3.55 -4.05 2.72
C GLU A 32 4.56 -3.18 3.46
N LYS A 33 5.75 -3.71 3.66
CA LYS A 33 6.81 -2.93 4.36
C LYS A 33 7.16 -1.60 3.71
N VAL A 34 7.48 -1.60 2.44
CA VAL A 34 7.83 -0.30 1.77
C VAL A 34 6.65 0.66 1.83
N PHE A 35 5.51 0.18 1.40
CA PHE A 35 4.29 1.02 1.41
C PHE A 35 4.06 1.55 2.83
N LYS A 36 4.17 0.70 3.82
CA LYS A 36 3.97 1.13 5.23
C LYS A 36 4.94 2.26 5.57
N GLN A 37 6.23 2.03 5.40
CA GLN A 37 7.23 3.10 5.71
C GLN A 37 6.77 4.44 5.11
N TYR A 38 6.47 4.41 3.83
CA TYR A 38 6.01 5.64 3.12
C TYR A 38 4.75 6.22 3.76
N ALA A 39 3.73 5.42 3.87
CA ALA A 39 2.44 5.86 4.48
C ALA A 39 2.64 6.46 5.87
N ASN A 40 3.51 5.86 6.64
CA ASN A 40 3.78 6.36 8.02
C ASN A 40 4.37 7.77 7.85
N ASP A 41 5.46 7.84 7.11
CA ASP A 41 6.16 9.14 6.84
C ASP A 41 5.12 10.23 6.53
N ASN A 42 4.30 9.89 5.56
CA ASN A 42 3.20 10.80 5.08
C ASN A 42 2.28 11.19 6.25
N GLY A 43 1.71 10.21 6.91
CA GLY A 43 0.79 10.43 8.06
C GLY A 43 -0.61 9.87 7.78
N VAL A 44 -0.63 8.74 7.12
CA VAL A 44 -1.89 8.02 6.73
C VAL A 44 -1.77 6.53 7.11
N ASP A 45 -1.70 6.28 8.40
CA ASP A 45 -1.57 4.89 8.92
C ASP A 45 -2.59 4.51 10.02
N GLY A 46 -3.80 4.20 9.61
CA GLY A 46 -4.89 3.81 10.57
C GLY A 46 -5.27 2.34 10.28
N GLU A 47 -5.70 2.13 9.08
CA GLU A 47 -6.12 0.78 8.55
C GLU A 47 -5.11 0.60 7.43
N TRP A 48 -4.39 -0.48 7.40
CA TRP A 48 -3.39 -0.67 6.30
C TRP A 48 -3.26 -2.13 5.90
N THR A 49 -3.90 -2.52 4.82
CA THR A 49 -3.81 -3.95 4.37
C THR A 49 -3.87 -4.00 2.86
N TYR A 50 -3.91 -5.19 2.32
CA TYR A 50 -3.96 -5.34 0.83
C TYR A 50 -5.26 -5.86 0.19
N ASP A 51 -5.27 -5.66 -1.11
CA ASP A 51 -6.38 -6.02 -2.04
C ASP A 51 -5.89 -7.04 -3.05
N ASP A 52 -6.64 -8.11 -3.09
CA ASP A 52 -6.33 -9.24 -4.01
C ASP A 52 -7.34 -9.28 -5.14
N ALA A 53 -7.77 -8.10 -5.50
CA ALA A 53 -8.76 -7.95 -6.61
C ALA A 53 -7.96 -7.50 -7.84
N THR A 54 -7.18 -6.48 -7.63
CA THR A 54 -6.31 -5.89 -8.70
C THR A 54 -4.88 -5.76 -8.14
N LYS A 55 -4.51 -6.72 -7.32
CA LYS A 55 -3.14 -6.77 -6.67
C LYS A 55 -2.64 -5.36 -6.29
N THR A 56 -3.48 -4.75 -5.52
CA THR A 56 -3.26 -3.36 -4.99
C THR A 56 -3.16 -3.45 -3.48
N PHE A 57 -2.70 -2.39 -2.87
CA PHE A 57 -2.55 -2.38 -1.39
C PHE A 57 -3.43 -1.18 -1.01
N THR A 58 -4.07 -1.23 0.11
CA THR A 58 -4.97 -0.11 0.51
C THR A 58 -4.79 0.34 1.94
N VAL A 59 -4.84 1.62 2.07
CA VAL A 59 -4.70 2.27 3.39
C VAL A 59 -5.87 3.23 3.58
N THR A 60 -6.35 3.24 4.78
CA THR A 60 -7.51 4.13 5.16
C THR A 60 -7.19 4.74 6.53
N GLU A 61 -7.88 5.79 6.89
CA GLU A 61 -7.65 6.45 8.21
C GLU A 61 -9.01 6.63 8.85
N LYS A 62 -9.76 5.57 8.68
CA LYS A 62 -11.15 5.39 9.17
C LYS A 62 -11.70 6.55 10.04
N PRO A 63 -12.22 7.60 9.43
CA PRO A 63 -12.78 8.78 10.14
C PRO A 63 -13.84 8.43 11.19
N GLU A 64 -14.80 7.63 10.78
CA GLU A 64 -15.91 7.19 11.68
C GLU A 64 -15.91 5.67 11.85
N LEU A 1 4.59 -16.12 -13.32
CA LEU A 1 5.28 -15.67 -12.09
C LEU A 1 6.37 -14.63 -12.43
N THR A 2 7.02 -14.15 -11.40
CA THR A 2 8.12 -13.12 -11.55
C THR A 2 9.44 -13.60 -10.92
N PRO A 3 10.57 -13.18 -11.46
CA PRO A 3 11.91 -13.54 -10.93
C PRO A 3 12.01 -13.11 -9.44
N ALA A 4 11.19 -12.13 -9.13
CA ALA A 4 11.00 -11.44 -7.80
C ALA A 4 11.31 -9.95 -7.96
N VAL A 5 10.76 -9.44 -9.03
CA VAL A 5 10.90 -8.00 -9.43
C VAL A 5 9.57 -7.66 -10.11
N THR A 6 8.55 -7.41 -9.31
CA THR A 6 7.20 -7.08 -9.89
C THR A 6 6.66 -5.80 -9.28
N THR A 7 5.67 -5.23 -9.93
CA THR A 7 5.08 -3.96 -9.41
C THR A 7 3.77 -4.26 -8.69
N TYR A 8 3.50 -3.42 -7.73
CA TYR A 8 2.25 -3.56 -6.91
C TYR A 8 1.65 -2.15 -6.93
N LYS A 9 0.39 -2.08 -6.63
CA LYS A 9 -0.29 -0.74 -6.64
C LYS A 9 -0.88 -0.44 -5.27
N LEU A 10 -0.97 0.83 -4.95
CA LEU A 10 -1.54 1.26 -3.64
C LEU A 10 -2.40 2.51 -3.78
N VAL A 11 -3.59 2.44 -3.22
CA VAL A 11 -4.55 3.58 -3.25
C VAL A 11 -4.69 4.08 -1.80
N ILE A 12 -4.90 5.35 -1.67
CA ILE A 12 -5.06 5.97 -0.32
C ILE A 12 -6.53 6.41 -0.23
N ASN A 13 -7.23 5.96 0.78
CA ASN A 13 -8.67 6.33 0.94
C ASN A 13 -8.82 6.87 2.38
N GLY A 14 -8.15 7.97 2.63
CA GLY A 14 -8.19 8.62 3.98
C GLY A 14 -8.81 10.02 3.85
N LYS A 15 -8.54 10.86 4.81
CA LYS A 15 -9.08 12.27 4.78
C LYS A 15 -7.90 13.23 4.61
N THR A 16 -6.90 12.75 3.92
CA THR A 16 -5.66 13.53 3.64
C THR A 16 -5.37 13.44 2.14
N LEU A 17 -5.17 12.22 1.71
CA LEU A 17 -4.87 11.93 0.27
C LEU A 17 -5.93 10.92 -0.22
N LYS A 18 -6.45 11.19 -1.39
CA LYS A 18 -7.50 10.30 -2.01
C LYS A 18 -6.99 10.03 -3.45
N GLY A 19 -5.80 9.51 -3.53
CA GLY A 19 -5.17 9.20 -4.87
C GLY A 19 -4.61 7.79 -5.00
N GLU A 20 -3.97 7.57 -6.13
CA GLU A 20 -3.35 6.24 -6.45
C GLU A 20 -1.85 6.40 -6.78
N THR A 21 -1.07 5.54 -6.18
CA THR A 21 0.42 5.50 -6.37
C THR A 21 0.83 4.04 -6.50
N THR A 22 2.03 3.76 -6.95
CA THR A 22 2.47 2.33 -7.09
C THR A 22 3.93 2.19 -6.60
N THR A 23 4.36 0.96 -6.47
CA THR A 23 5.76 0.68 -6.01
C THR A 23 6.32 -0.57 -6.73
N GLU A 24 7.57 -0.83 -6.45
CA GLU A 24 8.31 -1.98 -7.03
C GLU A 24 8.59 -2.88 -5.80
N ALA A 25 8.20 -4.12 -5.88
CA ALA A 25 8.41 -5.07 -4.74
C ALA A 25 9.06 -6.38 -5.19
N VAL A 26 9.44 -7.14 -4.19
CA VAL A 26 10.10 -8.47 -4.41
C VAL A 26 9.03 -9.50 -4.05
N ASP A 27 8.60 -9.44 -2.82
CA ASP A 27 7.56 -10.37 -2.29
C ASP A 27 6.35 -9.55 -1.77
N ALA A 28 5.28 -10.25 -1.49
CA ALA A 28 4.04 -9.61 -0.97
C ALA A 28 4.41 -8.73 0.24
N ALA A 29 5.15 -9.32 1.13
CA ALA A 29 5.61 -8.61 2.37
C ALA A 29 6.34 -7.33 1.97
N THR A 30 7.27 -7.43 1.05
CA THR A 30 8.04 -6.21 0.60
C THR A 30 7.07 -5.07 0.31
N ALA A 31 6.11 -5.36 -0.54
CA ALA A 31 5.10 -4.33 -0.92
C ALA A 31 4.51 -3.69 0.34
N GLU A 32 3.97 -4.55 1.18
CA GLU A 32 3.37 -4.07 2.46
C GLU A 32 4.31 -3.10 3.17
N LYS A 33 5.51 -3.55 3.41
CA LYS A 33 6.51 -2.69 4.12
C LYS A 33 6.80 -1.36 3.43
N VAL A 34 7.11 -1.37 2.16
CA VAL A 34 7.41 -0.06 1.49
C VAL A 34 6.20 0.86 1.57
N PHE A 35 5.07 0.37 1.13
CA PHE A 35 3.83 1.21 1.16
C PHE A 35 3.58 1.69 2.59
N LYS A 36 3.63 0.79 3.54
CA LYS A 36 3.40 1.14 4.97
C LYS A 36 4.35 2.25 5.41
N GLN A 37 5.64 2.07 5.23
CA GLN A 37 6.61 3.13 5.65
C GLN A 37 6.15 4.49 5.12
N TYR A 38 5.91 4.53 3.83
CA TYR A 38 5.45 5.77 3.16
C TYR A 38 4.21 6.37 3.84
N ALA A 39 3.15 5.59 3.93
CA ALA A 39 1.91 6.08 4.58
C ALA A 39 2.11 6.49 6.04
N ASN A 40 2.98 5.80 6.74
CA ASN A 40 3.24 6.14 8.17
C ASN A 40 3.93 7.50 8.19
N ASP A 41 5.04 7.59 7.46
CA ASP A 41 5.85 8.84 7.34
C ASP A 41 4.89 10.02 7.18
N ASN A 42 4.02 9.85 6.21
CA ASN A 42 2.99 10.88 5.89
C ASN A 42 2.05 11.13 7.09
N GLY A 43 1.38 10.08 7.51
CA GLY A 43 0.43 10.14 8.66
C GLY A 43 -1.00 9.91 8.15
N VAL A 44 -1.13 8.98 7.24
CA VAL A 44 -2.47 8.65 6.66
C VAL A 44 -2.74 7.14 6.73
N ASP A 45 -2.72 6.62 7.93
CA ASP A 45 -2.97 5.17 8.15
C ASP A 45 -3.91 4.83 9.32
N GLY A 46 -4.97 4.11 8.99
CA GLY A 46 -6.00 3.66 9.99
C GLY A 46 -6.08 2.14 9.83
N GLU A 47 -6.50 1.75 8.66
CA GLU A 47 -6.65 0.31 8.27
C GLU A 47 -5.57 0.23 7.19
N TRP A 48 -4.75 -0.79 7.20
CA TRP A 48 -3.67 -0.87 6.15
C TRP A 48 -3.51 -2.30 5.61
N THR A 49 -4.14 -2.59 4.51
CA THR A 49 -4.03 -3.97 3.92
C THR A 49 -4.17 -3.93 2.40
N TYR A 50 -4.23 -5.08 1.78
CA TYR A 50 -4.36 -5.16 0.28
C TYR A 50 -5.71 -5.69 -0.22
N ASP A 51 -6.14 -5.17 -1.36
CA ASP A 51 -7.45 -5.60 -1.97
C ASP A 51 -7.55 -5.73 -3.48
N ASP A 52 -6.94 -6.77 -3.91
CA ASP A 52 -6.91 -7.10 -5.37
C ASP A 52 -7.26 -8.56 -5.57
N ALA A 53 -6.60 -9.25 -4.69
CA ALA A 53 -6.60 -10.72 -4.51
C ALA A 53 -5.16 -11.05 -4.96
N THR A 54 -4.63 -10.18 -5.81
CA THR A 54 -3.25 -10.32 -6.35
C THR A 54 -2.34 -9.07 -6.22
N LYS A 55 -2.75 -7.91 -6.73
CA LYS A 55 -1.87 -6.68 -6.62
C LYS A 55 -2.34 -5.25 -6.25
N THR A 56 -3.24 -5.10 -5.32
CA THR A 56 -3.72 -3.72 -4.93
C THR A 56 -3.48 -3.61 -3.45
N PHE A 57 -3.07 -2.45 -3.04
CA PHE A 57 -2.81 -2.25 -1.59
C PHE A 57 -3.66 -1.03 -1.26
N THR A 58 -4.12 -0.95 -0.05
CA THR A 58 -4.97 0.20 0.36
C THR A 58 -4.81 0.53 1.82
N VAL A 59 -4.85 1.80 2.03
CA VAL A 59 -4.73 2.35 3.40
C VAL A 59 -5.98 3.21 3.51
N THR A 60 -6.68 2.98 4.56
CA THR A 60 -7.94 3.74 4.81
C THR A 60 -7.90 4.39 6.19
N GLU A 61 -7.75 5.69 6.18
CA GLU A 61 -7.70 6.43 7.47
C GLU A 61 -8.97 7.28 7.45
N LYS A 62 -10.06 6.56 7.30
CA LYS A 62 -11.42 7.17 7.24
C LYS A 62 -12.29 6.48 8.32
N PRO A 63 -11.97 6.71 9.59
CA PRO A 63 -12.71 6.10 10.74
C PRO A 63 -14.22 6.19 10.56
N GLU A 64 -14.64 7.35 10.13
CA GLU A 64 -16.09 7.64 9.88
C GLU A 64 -16.19 7.98 8.38
N LEU A 1 13.23 -8.00 -18.26
CA LEU A 1 13.75 -9.31 -17.76
C LEU A 1 12.84 -9.79 -16.62
N THR A 2 12.60 -8.89 -15.69
CA THR A 2 11.74 -9.15 -14.49
C THR A 2 11.78 -10.65 -14.06
N PRO A 3 12.87 -11.07 -13.46
CA PRO A 3 13.06 -12.47 -13.00
C PRO A 3 12.29 -12.75 -11.71
N ALA A 4 12.79 -12.23 -10.62
CA ALA A 4 12.12 -12.42 -9.29
C ALA A 4 11.80 -11.05 -8.69
N VAL A 5 11.17 -10.26 -9.52
CA VAL A 5 10.75 -8.86 -9.17
C VAL A 5 9.25 -8.74 -9.43
N THR A 6 8.61 -7.98 -8.60
CA THR A 6 7.14 -7.77 -8.72
C THR A 6 6.84 -6.28 -8.58
N THR A 7 5.84 -5.82 -9.29
CA THR A 7 5.45 -4.38 -9.24
C THR A 7 4.02 -4.45 -8.71
N TYR A 8 3.75 -3.72 -7.67
CA TYR A 8 2.39 -3.72 -7.07
C TYR A 8 1.87 -2.29 -7.02
N LYS A 9 0.60 -2.19 -6.73
CA LYS A 9 -0.06 -0.85 -6.65
C LYS A 9 -0.69 -0.63 -5.27
N LEU A 10 -0.78 0.62 -4.88
CA LEU A 10 -1.38 0.99 -3.56
C LEU A 10 -2.23 2.26 -3.66
N VAL A 11 -3.40 2.20 -3.10
CA VAL A 11 -4.34 3.36 -3.09
C VAL A 11 -4.48 3.78 -1.62
N ILE A 12 -4.65 5.06 -1.45
CA ILE A 12 -4.80 5.62 -0.07
C ILE A 12 -6.18 6.29 0.01
N ASN A 13 -6.82 6.09 1.13
CA ASN A 13 -8.17 6.67 1.40
C ASN A 13 -8.09 7.42 2.74
N GLY A 14 -7.46 8.58 2.68
CA GLY A 14 -7.30 9.44 3.90
C GLY A 14 -8.62 10.04 4.38
N LYS A 15 -9.43 10.44 3.42
CA LYS A 15 -10.79 11.09 3.60
C LYS A 15 -10.78 12.35 2.73
N THR A 16 -9.68 13.04 2.82
CA THR A 16 -9.45 14.31 2.04
C THR A 16 -8.15 14.15 1.24
N LEU A 17 -7.29 13.29 1.73
CA LEU A 17 -5.98 13.01 1.08
C LEU A 17 -5.96 11.54 0.58
N LYS A 18 -6.65 11.33 -0.51
CA LYS A 18 -6.74 9.97 -1.14
C LYS A 18 -6.05 9.99 -2.53
N GLY A 19 -4.92 9.33 -2.62
CA GLY A 19 -4.16 9.28 -3.91
C GLY A 19 -3.83 7.83 -4.31
N GLU A 20 -3.17 7.69 -5.44
CA GLU A 20 -2.78 6.34 -5.93
C GLU A 20 -1.28 6.38 -6.26
N THR A 21 -0.57 5.42 -5.72
CA THR A 21 0.91 5.31 -5.94
C THR A 21 1.25 3.82 -6.13
N THR A 22 2.43 3.53 -6.59
CA THR A 22 2.83 2.10 -6.80
C THR A 22 4.23 1.84 -6.20
N THR A 23 4.58 0.58 -6.14
CA THR A 23 5.92 0.15 -5.58
C THR A 23 6.53 -1.02 -6.33
N GLU A 24 7.83 -1.11 -6.20
CA GLU A 24 8.65 -2.18 -6.83
C GLU A 24 9.09 -2.99 -5.59
N ALA A 25 8.66 -4.23 -5.58
CA ALA A 25 8.97 -5.17 -4.47
C ALA A 25 9.53 -6.49 -4.99
N VAL A 26 9.87 -7.34 -4.07
CA VAL A 26 10.42 -8.68 -4.40
C VAL A 26 9.32 -9.66 -4.02
N ASP A 27 8.95 -9.60 -2.77
CA ASP A 27 7.88 -10.50 -2.22
C ASP A 27 6.67 -9.65 -1.74
N ALA A 28 5.61 -10.35 -1.43
CA ALA A 28 4.36 -9.67 -0.94
C ALA A 28 4.71 -8.79 0.28
N ALA A 29 5.40 -9.39 1.21
CA ALA A 29 5.82 -8.67 2.45
C ALA A 29 6.58 -7.38 2.08
N THR A 30 7.56 -7.51 1.21
CA THR A 30 8.36 -6.32 0.77
C THR A 30 7.42 -5.16 0.43
N ALA A 31 6.46 -5.45 -0.42
CA ALA A 31 5.47 -4.42 -0.84
C ALA A 31 4.89 -3.73 0.39
N GLU A 32 4.29 -4.54 1.24
CA GLU A 32 3.68 -4.00 2.48
C GLU A 32 4.65 -3.07 3.21
N LYS A 33 5.86 -3.51 3.40
CA LYS A 33 6.86 -2.64 4.11
C LYS A 33 7.13 -1.30 3.41
N VAL A 34 7.45 -1.31 2.14
CA VAL A 34 7.72 0.00 1.45
C VAL A 34 6.48 0.89 1.53
N PHE A 35 5.38 0.32 1.14
CA PHE A 35 4.10 1.08 1.16
C PHE A 35 3.89 1.63 2.58
N LYS A 36 4.06 0.80 3.58
CA LYS A 36 3.89 1.24 5.01
C LYS A 36 4.76 2.48 5.27
N GLN A 37 6.05 2.37 5.04
CA GLN A 37 6.97 3.54 5.27
C GLN A 37 6.34 4.79 4.67
N TYR A 38 5.97 4.69 3.41
CA TYR A 38 5.34 5.85 2.71
C TYR A 38 4.10 6.33 3.49
N ALA A 39 3.17 5.45 3.72
CA ALA A 39 1.92 5.80 4.47
C ALA A 39 2.23 6.44 5.82
N ASN A 40 3.30 6.02 6.45
CA ASN A 40 3.67 6.61 7.77
C ASN A 40 4.10 8.05 7.50
N ASP A 41 5.07 8.20 6.64
CA ASP A 41 5.61 9.54 6.25
C ASP A 41 4.43 10.50 5.98
N ASN A 42 3.57 10.01 5.13
CA ASN A 42 2.34 10.75 4.71
C ASN A 42 1.46 11.11 5.93
N GLY A 43 1.07 10.10 6.67
CA GLY A 43 0.23 10.29 7.88
C GLY A 43 -1.15 9.64 7.69
N VAL A 44 -1.13 8.39 7.28
CA VAL A 44 -2.39 7.60 7.05
C VAL A 44 -2.32 6.35 7.94
N ASP A 45 -2.80 6.48 9.15
CA ASP A 45 -2.82 5.36 10.15
C ASP A 45 -4.17 4.91 10.74
N GLY A 46 -4.98 4.25 9.94
CA GLY A 46 -6.32 3.74 10.41
C GLY A 46 -6.38 2.22 10.20
N GLU A 47 -6.43 1.86 8.95
CA GLU A 47 -6.49 0.43 8.49
C GLU A 47 -5.35 0.32 7.47
N TRP A 48 -4.69 -0.81 7.38
CA TRP A 48 -3.58 -0.92 6.38
C TRP A 48 -3.41 -2.36 5.88
N THR A 49 -3.96 -2.67 4.73
CA THR A 49 -3.83 -4.07 4.22
C THR A 49 -3.92 -4.14 2.70
N TYR A 50 -3.88 -5.34 2.19
CA TYR A 50 -3.95 -5.56 0.71
C TYR A 50 -5.21 -6.22 0.11
N ASP A 51 -5.25 -6.12 -1.19
CA ASP A 51 -6.33 -6.64 -2.07
C ASP A 51 -5.71 -7.59 -3.10
N ASP A 52 -6.46 -8.61 -3.44
CA ASP A 52 -5.97 -9.62 -4.43
C ASP A 52 -7.04 -9.72 -5.52
N ALA A 53 -7.82 -8.67 -5.64
CA ALA A 53 -8.90 -8.64 -6.68
C ALA A 53 -8.24 -8.06 -7.93
N THR A 54 -7.64 -6.90 -7.74
CA THR A 54 -6.94 -6.18 -8.83
C THR A 54 -5.51 -5.94 -8.29
N LYS A 55 -5.05 -6.92 -7.55
CA LYS A 55 -3.71 -6.96 -6.90
C LYS A 55 -3.12 -5.58 -6.57
N THR A 56 -3.91 -4.93 -5.76
CA THR A 56 -3.61 -3.55 -5.26
C THR A 56 -3.47 -3.65 -3.74
N PHE A 57 -2.99 -2.58 -3.15
CA PHE A 57 -2.81 -2.55 -1.66
C PHE A 57 -3.63 -1.32 -1.22
N THR A 58 -4.07 -1.27 0.01
CA THR A 58 -4.87 -0.09 0.46
C THR A 58 -4.66 0.29 1.92
N VAL A 59 -4.70 1.56 2.12
CA VAL A 59 -4.53 2.13 3.48
C VAL A 59 -5.65 3.15 3.68
N THR A 60 -6.16 3.19 4.87
CA THR A 60 -7.25 4.15 5.18
C THR A 60 -6.97 4.79 6.54
N GLU A 61 -7.51 5.97 6.76
CA GLU A 61 -7.30 6.67 8.06
C GLU A 61 -8.66 7.25 8.46
N LYS A 62 -9.57 6.34 8.60
CA LYS A 62 -10.98 6.67 8.98
C LYS A 62 -11.33 5.88 10.26
N PRO A 63 -12.41 6.23 10.96
CA PRO A 63 -12.86 5.53 12.21
C PRO A 63 -12.97 4.00 12.00
N GLU A 64 -11.83 3.37 12.08
CA GLU A 64 -11.71 1.89 11.91
C GLU A 64 -11.11 1.28 13.19
N LEU A 1 -1.85 -14.10 -5.92
CA LEU A 1 -1.15 -13.89 -7.22
C LEU A 1 -0.25 -12.65 -7.09
N THR A 2 0.75 -12.80 -6.27
CA THR A 2 1.75 -11.73 -5.99
C THR A 2 3.16 -12.33 -6.23
N PRO A 3 3.59 -12.41 -7.48
CA PRO A 3 4.93 -12.97 -7.87
C PRO A 3 6.12 -12.19 -7.27
N ALA A 4 7.31 -12.50 -7.71
CA ALA A 4 8.53 -11.79 -7.19
C ALA A 4 8.87 -10.58 -8.06
N VAL A 5 9.86 -9.83 -7.63
CA VAL A 5 10.37 -8.60 -8.32
C VAL A 5 9.42 -8.01 -9.38
N THR A 6 8.30 -7.56 -8.88
CA THR A 6 7.22 -6.95 -9.72
C THR A 6 6.81 -5.62 -9.13
N THR A 7 6.04 -4.89 -9.89
CA THR A 7 5.56 -3.57 -9.44
C THR A 7 4.20 -3.86 -8.82
N TYR A 8 3.93 -3.22 -7.72
CA TYR A 8 2.65 -3.40 -6.99
C TYR A 8 2.02 -2.02 -6.92
N LYS A 9 0.77 -2.03 -6.58
CA LYS A 9 0.01 -0.75 -6.48
C LYS A 9 -0.52 -0.51 -5.07
N LEU A 10 -0.73 0.74 -4.77
CA LEU A 10 -1.27 1.17 -3.43
C LEU A 10 -2.30 2.31 -3.56
N VAL A 11 -3.37 2.20 -2.83
CA VAL A 11 -4.44 3.25 -2.85
C VAL A 11 -4.50 3.73 -1.41
N ILE A 12 -4.78 5.00 -1.25
CA ILE A 12 -4.87 5.62 0.10
C ILE A 12 -6.32 6.10 0.25
N ASN A 13 -6.99 5.76 1.33
CA ASN A 13 -8.40 6.22 1.52
C ASN A 13 -8.54 6.52 3.01
N GLY A 14 -7.97 7.63 3.41
CA GLY A 14 -8.03 8.04 4.85
C GLY A 14 -9.03 9.16 5.14
N LYS A 15 -8.55 10.38 5.11
CA LYS A 15 -9.42 11.58 5.38
C LYS A 15 -9.34 12.64 4.26
N THR A 16 -8.12 12.94 3.89
CA THR A 16 -7.84 13.96 2.83
C THR A 16 -7.12 13.33 1.63
N LEU A 17 -6.36 12.30 1.90
CA LEU A 17 -5.59 11.59 0.82
C LEU A 17 -6.42 10.40 0.31
N LYS A 18 -7.05 10.64 -0.81
CA LYS A 18 -7.92 9.63 -1.50
C LYS A 18 -7.42 9.51 -2.95
N GLY A 19 -6.17 9.11 -3.06
CA GLY A 19 -5.49 8.93 -4.38
C GLY A 19 -4.74 7.60 -4.44
N GLU A 20 -4.00 7.42 -5.51
CA GLU A 20 -3.21 6.16 -5.68
C GLU A 20 -1.74 6.42 -6.04
N THR A 21 -0.93 5.48 -5.62
CA THR A 21 0.55 5.48 -5.82
C THR A 21 0.99 4.02 -6.10
N THR A 22 2.23 3.84 -6.45
CA THR A 22 2.75 2.46 -6.73
C THR A 22 4.17 2.30 -6.14
N THR A 23 4.64 1.08 -6.11
CA THR A 23 6.01 0.73 -5.57
C THR A 23 6.53 -0.56 -6.22
N GLU A 24 7.80 -0.85 -6.03
CA GLU A 24 8.41 -2.09 -6.60
C GLU A 24 8.66 -2.99 -5.37
N ALA A 25 8.19 -4.21 -5.44
CA ALA A 25 8.37 -5.15 -4.28
C ALA A 25 8.65 -6.58 -4.76
N VAL A 26 8.89 -7.42 -3.79
CA VAL A 26 9.19 -8.84 -4.08
C VAL A 26 7.88 -9.58 -3.80
N ASP A 27 7.50 -9.67 -2.56
CA ASP A 27 6.23 -10.38 -2.19
C ASP A 27 5.28 -9.46 -1.39
N ALA A 28 4.12 -9.98 -1.13
CA ALA A 28 3.05 -9.25 -0.37
C ALA A 28 3.64 -8.48 0.82
N ALA A 29 4.39 -9.19 1.63
CA ALA A 29 5.01 -8.55 2.84
C ALA A 29 5.91 -7.39 2.44
N THR A 30 6.87 -7.65 1.59
CA THR A 30 7.81 -6.57 1.11
C THR A 30 7.03 -5.32 0.76
N ALA A 31 6.03 -5.52 -0.06
CA ALA A 31 5.16 -4.40 -0.50
C ALA A 31 4.66 -3.67 0.74
N GLU A 32 3.98 -4.41 1.59
CA GLU A 32 3.43 -3.83 2.84
C GLU A 32 4.45 -2.93 3.54
N LYS A 33 5.64 -3.44 3.71
CA LYS A 33 6.71 -2.65 4.39
C LYS A 33 7.10 -1.36 3.66
N VAL A 34 7.42 -1.43 2.39
CA VAL A 34 7.81 -0.16 1.68
C VAL A 34 6.62 0.80 1.67
N PHE A 35 5.48 0.30 1.27
CA PHE A 35 4.26 1.15 1.24
C PHE A 35 4.02 1.76 2.64
N LYS A 36 4.12 0.94 3.67
CA LYS A 36 3.91 1.43 5.06
C LYS A 36 4.89 2.59 5.33
N GLN A 37 6.17 2.35 5.15
CA GLN A 37 7.19 3.43 5.38
C GLN A 37 6.70 4.73 4.73
N TYR A 38 6.34 4.63 3.48
CA TYR A 38 5.84 5.81 2.72
C TYR A 38 4.66 6.46 3.46
N ALA A 39 3.61 5.70 3.69
CA ALA A 39 2.42 6.26 4.41
C ALA A 39 2.78 6.89 5.74
N ASN A 40 3.72 6.31 6.43
CA ASN A 40 4.16 6.85 7.75
C ASN A 40 4.79 8.23 7.50
N ASP A 41 5.80 8.24 6.66
CA ASP A 41 6.53 9.49 6.28
C ASP A 41 5.50 10.59 5.98
N ASN A 42 4.59 10.23 5.10
CA ASN A 42 3.49 11.12 4.65
C ASN A 42 2.69 11.63 5.87
N GLY A 43 2.14 10.71 6.61
CA GLY A 43 1.33 11.04 7.83
C GLY A 43 -0.15 10.70 7.61
N VAL A 44 -0.42 9.55 7.05
CA VAL A 44 -1.85 9.13 6.79
C VAL A 44 -2.16 7.76 7.46
N ASP A 45 -3.44 7.51 7.66
CA ASP A 45 -3.92 6.23 8.29
C ASP A 45 -4.98 5.50 7.45
N GLY A 46 -5.46 4.41 8.02
CA GLY A 46 -6.50 3.54 7.38
C GLY A 46 -6.11 2.05 7.40
N GLU A 47 -7.09 1.19 7.22
CA GLU A 47 -6.89 -0.32 7.20
C GLU A 47 -5.67 -0.52 6.33
N TRP A 48 -4.58 -0.84 6.95
CA TRP A 48 -3.32 -1.01 6.17
C TRP A 48 -3.03 -2.48 5.83
N THR A 49 -3.75 -2.91 4.84
CA THR A 49 -3.62 -4.32 4.34
C THR A 49 -3.61 -4.34 2.83
N TYR A 50 -3.70 -5.52 2.25
CA TYR A 50 -3.67 -5.65 0.76
C TYR A 50 -4.96 -6.16 0.06
N ASP A 51 -4.92 -5.97 -1.24
CA ASP A 51 -5.98 -6.34 -2.21
C ASP A 51 -5.48 -7.40 -3.17
N ASP A 52 -6.25 -8.46 -3.21
CA ASP A 52 -5.90 -9.61 -4.10
C ASP A 52 -6.96 -9.67 -5.21
N ALA A 53 -7.41 -8.50 -5.60
CA ALA A 53 -8.44 -8.39 -6.68
C ALA A 53 -7.64 -8.16 -7.97
N THR A 54 -6.72 -7.24 -7.87
CA THR A 54 -5.84 -6.87 -9.02
C THR A 54 -4.40 -7.21 -8.62
N LYS A 55 -4.07 -6.77 -7.44
CA LYS A 55 -2.74 -6.92 -6.73
C LYS A 55 -2.31 -5.50 -6.29
N THR A 56 -3.21 -4.93 -5.53
CA THR A 56 -3.04 -3.55 -4.96
C THR A 56 -2.88 -3.62 -3.45
N PHE A 57 -2.55 -2.50 -2.86
CA PHE A 57 -2.38 -2.46 -1.38
C PHE A 57 -3.28 -1.32 -0.92
N THR A 58 -3.67 -1.31 0.33
CA THR A 58 -4.57 -0.22 0.84
C THR A 58 -4.42 0.15 2.31
N VAL A 59 -4.60 1.41 2.54
CA VAL A 59 -4.53 2.04 3.89
C VAL A 59 -5.89 2.77 3.89
N THR A 60 -6.86 1.93 4.06
CA THR A 60 -8.31 2.35 4.08
C THR A 60 -9.22 2.17 5.33
N GLU A 61 -9.18 3.08 6.27
CA GLU A 61 -10.02 3.05 7.54
C GLU A 61 -9.48 2.19 8.70
N LYS A 62 -8.84 2.87 9.59
CA LYS A 62 -8.23 2.24 10.80
C LYS A 62 -8.80 2.87 12.10
N PRO A 63 -8.89 4.18 12.20
CA PRO A 63 -9.45 4.83 13.44
C PRO A 63 -10.93 4.46 13.56
N GLU A 64 -11.61 4.51 12.43
CA GLU A 64 -13.07 4.21 12.22
C GLU A 64 -13.76 5.45 11.64
N LEU A 1 19.78 -13.94 -4.40
CA LEU A 1 18.54 -14.02 -3.56
C LEU A 1 17.46 -13.20 -4.28
N THR A 2 17.77 -11.97 -4.58
CA THR A 2 16.81 -11.05 -5.28
C THR A 2 17.48 -10.46 -6.55
N PRO A 3 17.43 -11.18 -7.67
CA PRO A 3 18.04 -10.72 -8.95
C PRO A 3 17.33 -9.43 -9.42
N ALA A 4 16.05 -9.56 -9.61
CA ALA A 4 15.19 -8.42 -10.05
C ALA A 4 14.02 -8.20 -9.08
N VAL A 5 13.28 -7.15 -9.32
CA VAL A 5 12.09 -6.80 -8.48
C VAL A 5 10.85 -6.75 -9.37
N THR A 6 9.72 -6.63 -8.72
CA THR A 6 8.40 -6.57 -9.43
C THR A 6 7.69 -5.32 -8.91
N THR A 7 6.65 -4.90 -9.59
CA THR A 7 5.91 -3.68 -9.14
C THR A 7 4.55 -4.08 -8.58
N TYR A 8 4.11 -3.33 -7.60
CA TYR A 8 2.79 -3.59 -6.95
C TYR A 8 2.07 -2.25 -6.95
N LYS A 9 0.79 -2.31 -6.72
CA LYS A 9 -0.03 -1.06 -6.72
C LYS A 9 -0.76 -0.87 -5.39
N LEU A 10 -0.90 0.37 -5.01
CA LEU A 10 -1.60 0.75 -3.73
C LEU A 10 -2.58 1.91 -3.95
N VAL A 11 -3.71 1.82 -3.29
CA VAL A 11 -4.74 2.89 -3.38
C VAL A 11 -4.82 3.43 -1.94
N ILE A 12 -5.03 4.71 -1.85
CA ILE A 12 -5.12 5.38 -0.53
C ILE A 12 -6.59 5.83 -0.45
N ASN A 13 -7.15 5.72 0.72
CA ASN A 13 -8.56 6.13 0.98
C ASN A 13 -8.44 6.93 2.29
N GLY A 14 -7.78 8.05 2.18
CA GLY A 14 -7.57 8.93 3.37
C GLY A 14 -8.60 10.05 3.46
N LYS A 15 -8.33 10.96 4.35
CA LYS A 15 -9.24 12.13 4.58
C LYS A 15 -8.79 13.30 3.70
N THR A 16 -7.50 13.32 3.44
CA THR A 16 -6.88 14.39 2.60
C THR A 16 -6.42 13.81 1.25
N LEU A 17 -5.76 12.68 1.32
CA LEU A 17 -5.23 11.99 0.09
C LEU A 17 -5.87 10.63 -0.14
N LYS A 18 -6.70 10.57 -1.16
CA LYS A 18 -7.42 9.33 -1.54
C LYS A 18 -7.27 9.10 -3.06
N GLY A 19 -6.05 8.80 -3.44
CA GLY A 19 -5.70 8.55 -4.89
C GLY A 19 -4.97 7.22 -5.01
N GLU A 20 -4.30 6.99 -6.12
CA GLU A 20 -3.56 5.70 -6.32
C GLU A 20 -2.09 5.96 -6.69
N THR A 21 -1.26 5.09 -6.18
CA THR A 21 0.22 5.13 -6.40
C THR A 21 0.75 3.69 -6.52
N THR A 22 1.99 3.56 -6.89
CA THR A 22 2.61 2.19 -7.03
C THR A 22 4.01 2.19 -6.39
N THR A 23 4.56 1.02 -6.21
CA THR A 23 5.92 0.87 -5.62
C THR A 23 6.60 -0.36 -6.21
N GLU A 24 7.83 -0.56 -5.79
CA GLU A 24 8.65 -1.71 -6.25
C GLU A 24 8.86 -2.58 -5.01
N ALA A 25 8.55 -3.84 -5.18
CA ALA A 25 8.68 -4.84 -4.08
C ALA A 25 9.24 -6.17 -4.62
N VAL A 26 9.39 -7.08 -3.69
CA VAL A 26 9.92 -8.44 -4.02
C VAL A 26 8.73 -9.38 -3.78
N ASP A 27 8.25 -9.35 -2.57
CA ASP A 27 7.08 -10.20 -2.16
C ASP A 27 5.96 -9.30 -1.61
N ALA A 28 4.79 -9.88 -1.45
CA ALA A 28 3.61 -9.14 -0.91
C ALA A 28 4.02 -8.37 0.36
N ALA A 29 4.71 -9.06 1.24
CA ALA A 29 5.17 -8.44 2.51
C ALA A 29 6.05 -7.21 2.21
N THR A 30 7.03 -7.38 1.35
CA THR A 30 7.94 -6.24 0.97
C THR A 30 7.09 -5.02 0.60
N ALA A 31 6.15 -5.26 -0.28
CA ALA A 31 5.24 -4.16 -0.74
C ALA A 31 4.68 -3.45 0.47
N GLU A 32 4.04 -4.22 1.32
CA GLU A 32 3.46 -3.64 2.57
C GLU A 32 4.47 -2.73 3.26
N LYS A 33 5.65 -3.25 3.49
CA LYS A 33 6.71 -2.44 4.17
C LYS A 33 7.02 -1.11 3.48
N VAL A 34 7.33 -1.14 2.21
CA VAL A 34 7.64 0.14 1.51
C VAL A 34 6.45 1.09 1.54
N PHE A 35 5.32 0.60 1.09
CA PHE A 35 4.10 1.46 1.10
C PHE A 35 3.86 2.03 2.51
N LYS A 36 3.96 1.17 3.50
CA LYS A 36 3.75 1.62 4.91
C LYS A 36 4.76 2.70 5.27
N GLN A 37 6.04 2.45 5.10
CA GLN A 37 7.08 3.49 5.44
C GLN A 37 6.61 4.87 4.99
N TYR A 38 6.22 4.92 3.74
CA TYR A 38 5.74 6.20 3.14
C TYR A 38 4.50 6.72 3.91
N ALA A 39 3.45 5.94 3.93
CA ALA A 39 2.20 6.35 4.65
C ALA A 39 2.48 6.81 6.07
N ASN A 40 3.32 6.09 6.77
CA ASN A 40 3.68 6.44 8.18
C ASN A 40 4.28 7.85 8.14
N ASP A 41 5.34 8.00 7.39
CA ASP A 41 6.06 9.31 7.25
C ASP A 41 5.02 10.43 7.06
N ASN A 42 4.17 10.22 6.08
CA ASN A 42 3.09 11.19 5.73
C ASN A 42 2.22 11.52 6.96
N GLY A 43 1.70 10.50 7.60
CA GLY A 43 0.84 10.66 8.81
C GLY A 43 -0.49 9.93 8.58
N VAL A 44 -0.37 8.79 7.95
CA VAL A 44 -1.52 7.89 7.60
C VAL A 44 -1.22 6.51 8.24
N ASP A 45 -2.20 5.63 8.17
CA ASP A 45 -2.19 4.22 8.71
C ASP A 45 -3.30 3.97 9.76
N GLY A 46 -4.51 3.74 9.29
CA GLY A 46 -5.68 3.49 10.19
C GLY A 46 -6.05 2.01 9.96
N GLU A 47 -6.42 1.75 8.75
CA GLU A 47 -6.82 0.36 8.29
C GLU A 47 -5.80 0.19 7.16
N TRP A 48 -4.82 -0.64 7.37
CA TRP A 48 -3.75 -0.86 6.34
C TRP A 48 -3.55 -2.32 5.90
N THR A 49 -4.08 -2.67 4.77
CA THR A 49 -3.92 -4.10 4.30
C THR A 49 -3.98 -4.19 2.79
N TYR A 50 -3.87 -5.40 2.29
CA TYR A 50 -3.91 -5.64 0.81
C TYR A 50 -5.15 -6.29 0.20
N ASP A 51 -5.14 -6.20 -1.11
CA ASP A 51 -6.21 -6.72 -2.01
C ASP A 51 -5.66 -7.77 -2.97
N ASP A 52 -6.62 -8.54 -3.43
CA ASP A 52 -6.40 -9.65 -4.38
C ASP A 52 -7.29 -9.49 -5.60
N ALA A 53 -8.40 -8.84 -5.37
CA ALA A 53 -9.43 -8.57 -6.43
C ALA A 53 -8.76 -8.23 -7.77
N THR A 54 -7.79 -7.36 -7.66
CA THR A 54 -6.99 -6.87 -8.81
C THR A 54 -5.54 -7.32 -8.59
N LYS A 55 -5.12 -7.11 -7.36
CA LYS A 55 -3.75 -7.43 -6.79
C LYS A 55 -3.10 -6.07 -6.49
N THR A 56 -3.88 -5.33 -5.75
CA THR A 56 -3.52 -3.95 -5.30
C THR A 56 -3.38 -3.99 -3.78
N PHE A 57 -3.02 -2.88 -3.21
CA PHE A 57 -2.85 -2.79 -1.74
C PHE A 57 -3.76 -1.61 -1.31
N THR A 58 -4.14 -1.54 -0.06
CA THR A 58 -5.03 -0.43 0.41
C THR A 58 -4.82 0.08 1.81
N VAL A 59 -4.79 1.38 1.89
CA VAL A 59 -4.62 2.04 3.20
C VAL A 59 -5.75 3.07 3.32
N THR A 60 -6.44 2.97 4.41
CA THR A 60 -7.58 3.89 4.69
C THR A 60 -7.23 4.59 6.00
N GLU A 61 -7.72 5.79 6.13
CA GLU A 61 -7.47 6.61 7.35
C GLU A 61 -8.84 7.04 7.91
N LYS A 62 -9.46 6.11 8.56
CA LYS A 62 -10.81 6.33 9.18
C LYS A 62 -10.73 6.09 10.71
N PRO A 63 -10.36 7.11 11.47
CA PRO A 63 -10.23 7.03 12.95
C PRO A 63 -11.55 6.69 13.67
N GLU A 64 -11.54 6.88 14.96
CA GLU A 64 -12.75 6.60 15.81
C GLU A 64 -13.42 7.91 16.27
N LEU A 1 8.99 -16.41 -12.79
CA LEU A 1 9.62 -17.76 -12.64
C LEU A 1 10.84 -17.66 -11.73
N THR A 2 11.78 -16.84 -12.15
CA THR A 2 13.04 -16.63 -11.39
C THR A 2 13.17 -15.18 -10.90
N PRO A 3 12.95 -14.18 -11.73
CA PRO A 3 13.06 -12.76 -11.30
C PRO A 3 11.75 -12.43 -10.56
N ALA A 4 11.90 -11.89 -9.38
CA ALA A 4 10.71 -11.51 -8.56
C ALA A 4 10.86 -10.02 -8.22
N VAL A 5 10.96 -9.26 -9.27
CA VAL A 5 11.11 -7.78 -9.18
C VAL A 5 9.99 -7.20 -10.07
N THR A 6 8.87 -6.98 -9.44
CA THR A 6 7.68 -6.43 -10.14
C THR A 6 7.14 -5.23 -9.37
N THR A 7 6.20 -4.55 -9.99
CA THR A 7 5.59 -3.37 -9.34
C THR A 7 4.21 -3.76 -8.83
N TYR A 8 3.87 -3.18 -7.71
CA TYR A 8 2.57 -3.42 -7.03
C TYR A 8 1.91 -2.07 -6.91
N LYS A 9 0.64 -2.09 -6.65
CA LYS A 9 -0.11 -0.80 -6.51
C LYS A 9 -0.73 -0.63 -5.14
N LEU A 10 -0.88 0.62 -4.78
CA LEU A 10 -1.47 1.03 -3.48
C LEU A 10 -2.51 2.16 -3.64
N VAL A 11 -3.62 2.03 -2.98
CA VAL A 11 -4.68 3.08 -3.04
C VAL A 11 -4.86 3.53 -1.59
N ILE A 12 -5.14 4.79 -1.42
CA ILE A 12 -5.34 5.34 -0.05
C ILE A 12 -6.77 5.86 -0.02
N ASN A 13 -7.44 5.64 1.08
CA ASN A 13 -8.85 6.09 1.26
C ASN A 13 -8.94 7.07 2.42
N GLY A 14 -8.51 8.27 2.13
CA GLY A 14 -8.50 9.38 3.13
C GLY A 14 -9.62 10.38 2.74
N LYS A 15 -9.48 11.58 3.22
CA LYS A 15 -10.48 12.67 2.93
C LYS A 15 -9.92 13.64 1.88
N THR A 16 -8.63 13.82 1.93
CA THR A 16 -7.91 14.74 0.98
C THR A 16 -7.00 13.91 0.07
N LEU A 17 -6.44 12.87 0.63
CA LEU A 17 -5.52 11.96 -0.12
C LEU A 17 -6.25 10.64 -0.36
N LYS A 18 -7.16 10.72 -1.28
CA LYS A 18 -8.00 9.55 -1.70
C LYS A 18 -7.65 9.26 -3.17
N GLY A 19 -6.42 8.88 -3.36
CA GLY A 19 -5.88 8.56 -4.73
C GLY A 19 -5.01 7.31 -4.66
N GLU A 20 -4.26 7.08 -5.72
CA GLU A 20 -3.37 5.88 -5.74
C GLU A 20 -1.92 6.24 -6.11
N THR A 21 -1.08 5.34 -5.71
CA THR A 21 0.41 5.39 -5.93
C THR A 21 0.87 3.94 -6.13
N THR A 22 2.10 3.75 -6.52
CA THR A 22 2.61 2.36 -6.72
C THR A 22 4.05 2.25 -6.16
N THR A 23 4.52 1.04 -6.07
CA THR A 23 5.90 0.78 -5.54
C THR A 23 6.48 -0.47 -6.22
N GLU A 24 7.74 -0.72 -5.97
CA GLU A 24 8.43 -1.90 -6.54
C GLU A 24 8.67 -2.82 -5.34
N ALA A 25 8.40 -4.09 -5.53
CA ALA A 25 8.58 -5.08 -4.43
C ALA A 25 9.24 -6.36 -4.92
N VAL A 26 9.61 -7.18 -3.96
CA VAL A 26 10.26 -8.48 -4.26
C VAL A 26 9.22 -9.55 -3.93
N ASP A 27 8.77 -9.51 -2.70
CA ASP A 27 7.76 -10.48 -2.21
C ASP A 27 6.55 -9.71 -1.67
N ALA A 28 5.50 -10.45 -1.36
CA ALA A 28 4.25 -9.83 -0.81
C ALA A 28 4.61 -8.96 0.40
N ALA A 29 5.34 -9.55 1.30
CA ALA A 29 5.78 -8.84 2.54
C ALA A 29 6.55 -7.56 2.16
N THR A 30 7.48 -7.69 1.24
CA THR A 30 8.28 -6.50 0.80
C THR A 30 7.34 -5.33 0.49
N ALA A 31 6.39 -5.60 -0.37
CA ALA A 31 5.39 -4.55 -0.76
C ALA A 31 4.81 -3.90 0.49
N GLU A 32 4.25 -4.72 1.34
CA GLU A 32 3.65 -4.20 2.60
C GLU A 32 4.63 -3.27 3.30
N LYS A 33 5.82 -3.74 3.53
CA LYS A 33 6.85 -2.90 4.22
C LYS A 33 7.13 -1.56 3.54
N VAL A 34 7.42 -1.57 2.26
CA VAL A 34 7.71 -0.26 1.58
C VAL A 34 6.49 0.65 1.65
N PHE A 35 5.35 0.16 1.25
CA PHE A 35 4.12 0.99 1.29
C PHE A 35 3.91 1.53 2.72
N LYS A 36 3.99 0.66 3.70
CA LYS A 36 3.80 1.09 5.11
C LYS A 36 4.78 2.20 5.44
N GLN A 37 6.06 1.97 5.25
CA GLN A 37 7.08 3.01 5.56
C GLN A 37 6.61 4.38 5.04
N TYR A 38 6.27 4.40 3.77
CA TYR A 38 5.79 5.65 3.12
C TYR A 38 4.54 6.25 3.80
N ALA A 39 3.49 5.48 3.89
CA ALA A 39 2.24 5.99 4.54
C ALA A 39 2.46 6.42 5.98
N ASN A 40 3.38 5.78 6.65
CA ASN A 40 3.68 6.14 8.06
C ASN A 40 4.36 7.52 8.01
N ASP A 41 5.44 7.60 7.28
CA ASP A 41 6.21 8.86 7.10
C ASP A 41 5.24 10.04 6.96
N ASN A 42 4.32 9.86 6.04
CA ASN A 42 3.28 10.89 5.76
C ASN A 42 2.38 11.08 7.02
N GLY A 43 1.74 10.03 7.44
CA GLY A 43 0.84 10.06 8.63
C GLY A 43 -0.61 9.84 8.20
N VAL A 44 -0.81 8.86 7.34
CA VAL A 44 -2.18 8.54 6.82
C VAL A 44 -2.46 7.02 6.86
N ASP A 45 -2.45 6.48 8.05
CA ASP A 45 -2.70 5.02 8.23
C ASP A 45 -3.50 4.64 9.51
N GLY A 46 -4.60 3.94 9.30
CA GLY A 46 -5.49 3.48 10.41
C GLY A 46 -5.65 1.95 10.28
N GLU A 47 -6.04 1.59 9.09
CA GLU A 47 -6.27 0.16 8.66
C GLU A 47 -5.25 0.09 7.52
N TRP A 48 -4.26 -0.75 7.66
CA TRP A 48 -3.22 -0.85 6.58
C TRP A 48 -3.00 -2.30 6.13
N THR A 49 -3.54 -2.66 4.99
CA THR A 49 -3.36 -4.08 4.50
C THR A 49 -3.37 -4.15 2.98
N TYR A 50 -3.56 -5.34 2.46
CA TYR A 50 -3.58 -5.58 0.99
C TYR A 50 -4.98 -5.91 0.43
N ASP A 51 -5.04 -5.80 -0.88
CA ASP A 51 -6.26 -6.06 -1.68
C ASP A 51 -5.97 -7.15 -2.72
N ASP A 52 -6.95 -8.00 -2.88
CA ASP A 52 -6.83 -9.13 -3.85
C ASP A 52 -7.84 -8.88 -4.98
N ALA A 53 -8.12 -7.61 -5.18
CA ALA A 53 -9.08 -7.18 -6.24
C ALA A 53 -8.30 -6.35 -7.27
N THR A 54 -7.28 -7.01 -7.77
CA THR A 54 -6.30 -6.52 -8.82
C THR A 54 -4.93 -6.19 -8.19
N LYS A 55 -4.41 -7.14 -7.45
CA LYS A 55 -3.08 -7.04 -6.75
C LYS A 55 -2.71 -5.58 -6.38
N THR A 56 -3.60 -5.06 -5.60
CA THR A 56 -3.47 -3.65 -5.10
C THR A 56 -3.26 -3.74 -3.59
N PHE A 57 -2.87 -2.65 -2.99
CA PHE A 57 -2.63 -2.62 -1.52
C PHE A 57 -3.56 -1.49 -1.04
N THR A 58 -3.91 -1.46 0.21
CA THR A 58 -4.82 -0.36 0.68
C THR A 58 -4.60 0.11 2.10
N VAL A 59 -4.75 1.40 2.23
CA VAL A 59 -4.59 2.06 3.55
C VAL A 59 -5.84 2.92 3.68
N THR A 60 -6.55 2.64 4.72
CA THR A 60 -7.81 3.39 5.02
C THR A 60 -7.65 4.01 6.40
N GLU A 61 -8.45 5.00 6.68
CA GLU A 61 -8.39 5.70 8.00
C GLU A 61 -9.75 5.50 8.65
N LYS A 62 -10.04 4.24 8.87
CA LYS A 62 -11.32 3.84 9.50
C LYS A 62 -11.14 2.97 10.77
N PRO A 63 -10.52 3.53 11.79
CA PRO A 63 -10.26 2.81 13.09
C PRO A 63 -11.56 2.15 13.63
N GLU A 64 -12.65 2.78 13.28
CA GLU A 64 -14.01 2.31 13.70
C GLU A 64 -14.80 1.76 12.48
N LEU A 1 12.92 -15.19 -13.94
CA LEU A 1 11.81 -16.15 -14.20
C LEU A 1 11.03 -16.35 -12.90
N THR A 2 11.74 -16.83 -11.90
CA THR A 2 11.13 -17.10 -10.56
C THR A 2 11.74 -16.17 -9.48
N PRO A 3 13.04 -15.98 -9.43
CA PRO A 3 13.70 -15.11 -8.43
C PRO A 3 13.87 -13.68 -9.01
N ALA A 4 12.76 -13.12 -9.39
CA ALA A 4 12.73 -11.74 -9.97
C ALA A 4 11.93 -10.80 -9.07
N VAL A 5 11.88 -9.56 -9.49
CA VAL A 5 11.14 -8.51 -8.72
C VAL A 5 9.93 -8.10 -9.59
N THR A 6 8.89 -7.67 -8.93
CA THR A 6 7.65 -7.24 -9.64
C THR A 6 7.22 -5.88 -9.09
N THR A 7 6.29 -5.26 -9.76
CA THR A 7 5.78 -3.92 -9.33
C THR A 7 4.35 -4.10 -8.84
N TYR A 8 4.01 -3.38 -7.81
CA TYR A 8 2.64 -3.45 -7.21
C TYR A 8 2.13 -2.03 -7.10
N LYS A 9 0.84 -1.96 -6.84
CA LYS A 9 0.19 -0.61 -6.71
C LYS A 9 -0.46 -0.42 -5.34
N LEU A 10 -0.53 0.83 -4.96
CA LEU A 10 -1.14 1.24 -3.66
C LEU A 10 -2.09 2.43 -3.83
N VAL A 11 -3.21 2.36 -3.17
CA VAL A 11 -4.23 3.46 -3.22
C VAL A 11 -4.37 3.89 -1.76
N ILE A 12 -4.57 5.18 -1.60
CA ILE A 12 -4.72 5.79 -0.24
C ILE A 12 -6.09 6.48 -0.22
N ASN A 13 -6.87 6.22 0.79
CA ASN A 13 -8.22 6.86 0.89
C ASN A 13 -8.23 7.80 2.11
N GLY A 14 -7.24 8.66 2.06
CA GLY A 14 -6.97 9.72 3.10
C GLY A 14 -8.13 10.12 4.04
N LYS A 15 -8.99 10.97 3.52
CA LYS A 15 -10.17 11.47 4.31
C LYS A 15 -11.47 11.34 3.50
N THR A 16 -11.56 12.13 2.47
CA THR A 16 -12.75 12.15 1.55
C THR A 16 -12.30 11.81 0.14
N LEU A 17 -11.15 12.32 -0.19
CA LEU A 17 -10.56 12.09 -1.55
C LEU A 17 -9.43 11.07 -1.39
N LYS A 18 -9.11 10.44 -2.49
CA LYS A 18 -8.03 9.40 -2.51
C LYS A 18 -6.99 9.72 -3.59
N GLY A 19 -5.86 9.10 -3.41
CA GLY A 19 -4.71 9.26 -4.34
C GLY A 19 -4.09 7.87 -4.57
N GLU A 20 -3.23 7.77 -5.55
CA GLU A 20 -2.57 6.47 -5.84
C GLU A 20 -1.08 6.63 -6.13
N THR A 21 -0.37 5.62 -5.68
CA THR A 21 1.12 5.54 -5.84
C THR A 21 1.48 4.08 -6.12
N THR A 22 2.70 3.83 -6.49
CA THR A 22 3.15 2.43 -6.78
C THR A 22 4.56 2.20 -6.20
N THR A 23 4.94 0.95 -6.13
CA THR A 23 6.30 0.60 -5.60
C THR A 23 6.70 -0.77 -6.15
N GLU A 24 7.90 -1.17 -5.82
CA GLU A 24 8.41 -2.50 -6.28
C GLU A 24 8.47 -3.41 -5.06
N ALA A 25 8.34 -4.68 -5.33
CA ALA A 25 8.37 -5.71 -4.24
C ALA A 25 8.72 -7.09 -4.79
N VAL A 26 8.88 -8.00 -3.88
CA VAL A 26 9.21 -9.42 -4.22
C VAL A 26 7.97 -10.21 -3.80
N ASP A 27 7.64 -10.05 -2.54
CA ASP A 27 6.45 -10.75 -1.95
C ASP A 27 5.49 -9.70 -1.36
N ALA A 28 4.29 -10.16 -1.08
CA ALA A 28 3.23 -9.27 -0.49
C ALA A 28 3.83 -8.45 0.67
N ALA A 29 4.51 -9.15 1.54
CA ALA A 29 5.15 -8.51 2.72
C ALA A 29 6.09 -7.37 2.25
N THR A 30 7.02 -7.69 1.39
CA THR A 30 7.98 -6.65 0.86
C THR A 30 7.22 -5.36 0.52
N ALA A 31 6.20 -5.53 -0.29
CA ALA A 31 5.36 -4.37 -0.72
C ALA A 31 4.87 -3.64 0.52
N GLU A 32 4.18 -4.37 1.38
CA GLU A 32 3.64 -3.77 2.63
C GLU A 32 4.70 -2.91 3.32
N LYS A 33 5.88 -3.46 3.46
CA LYS A 33 6.98 -2.72 4.13
C LYS A 33 7.34 -1.40 3.45
N VAL A 34 7.66 -1.42 2.18
CA VAL A 34 8.02 -0.12 1.51
C VAL A 34 6.86 0.86 1.59
N PHE A 35 5.71 0.39 1.20
CA PHE A 35 4.49 1.23 1.24
C PHE A 35 4.28 1.81 2.65
N LYS A 36 4.40 0.95 3.65
CA LYS A 36 4.23 1.39 5.06
C LYS A 36 5.25 2.47 5.40
N GLN A 37 6.53 2.24 5.16
CA GLN A 37 7.56 3.29 5.48
C GLN A 37 7.08 4.65 4.99
N TYR A 38 6.73 4.68 3.72
CA TYR A 38 6.22 5.94 3.10
C TYR A 38 5.01 6.48 3.91
N ALA A 39 3.99 5.66 4.03
CA ALA A 39 2.76 6.08 4.77
C ALA A 39 3.04 6.46 6.24
N ASN A 40 4.10 5.95 6.80
CA ASN A 40 4.45 6.27 8.21
C ASN A 40 5.02 7.69 8.16
N ASP A 41 6.02 7.86 7.34
CA ASP A 41 6.71 9.17 7.14
C ASP A 41 5.63 10.27 7.10
N ASN A 42 4.69 10.01 6.24
CA ASN A 42 3.54 10.95 6.04
C ASN A 42 2.71 11.06 7.33
N GLY A 43 2.17 9.94 7.78
CA GLY A 43 1.33 9.88 9.03
C GLY A 43 -0.11 9.46 8.70
N VAL A 44 -0.22 8.44 7.89
CA VAL A 44 -1.56 7.89 7.46
C VAL A 44 -1.57 6.35 7.67
N ASP A 45 -1.73 5.94 8.91
CA ASP A 45 -1.74 4.48 9.24
C ASP A 45 -2.97 4.03 10.08
N GLY A 46 -4.04 3.64 9.41
CA GLY A 46 -5.29 3.18 10.12
C GLY A 46 -5.65 1.73 9.74
N GLU A 47 -6.09 1.56 8.53
CA GLU A 47 -6.50 0.23 7.95
C GLU A 47 -5.46 0.16 6.84
N TRP A 48 -4.34 -0.40 7.19
CA TRP A 48 -3.21 -0.53 6.23
C TRP A 48 -2.98 -2.00 5.83
N THR A 49 -3.63 -2.39 4.76
CA THR A 49 -3.49 -3.81 4.28
C THR A 49 -3.58 -3.88 2.77
N TYR A 50 -3.59 -5.07 2.24
CA TYR A 50 -3.68 -5.26 0.77
C TYR A 50 -4.99 -5.85 0.22
N ASP A 51 -5.07 -5.74 -1.08
CA ASP A 51 -6.22 -6.21 -1.91
C ASP A 51 -5.71 -7.21 -2.94
N ASP A 52 -6.46 -8.27 -3.06
CA ASP A 52 -6.11 -9.37 -4.02
C ASP A 52 -7.23 -9.48 -5.06
N ALA A 53 -7.86 -8.36 -5.30
CA ALA A 53 -8.97 -8.31 -6.29
C ALA A 53 -8.40 -7.69 -7.58
N THR A 54 -7.72 -6.59 -7.40
CA THR A 54 -7.08 -5.84 -8.52
C THR A 54 -5.58 -5.72 -8.18
N LYS A 55 -5.10 -6.68 -7.42
CA LYS A 55 -3.66 -6.74 -6.96
C LYS A 55 -3.09 -5.34 -6.66
N THR A 56 -3.79 -4.74 -5.76
CA THR A 56 -3.48 -3.35 -5.26
C THR A 56 -3.28 -3.43 -3.74
N PHE A 57 -2.79 -2.36 -3.18
CA PHE A 57 -2.55 -2.32 -1.70
C PHE A 57 -3.39 -1.13 -1.24
N THR A 58 -3.80 -1.08 0.00
CA THR A 58 -4.64 0.08 0.45
C THR A 58 -4.40 0.53 1.89
N VAL A 59 -4.54 1.82 2.04
CA VAL A 59 -4.38 2.46 3.35
C VAL A 59 -5.55 3.43 3.53
N THR A 60 -6.31 3.16 4.54
CA THR A 60 -7.50 4.02 4.86
C THR A 60 -7.38 4.51 6.31
N GLU A 61 -8.05 5.57 6.66
CA GLU A 61 -7.97 6.11 8.06
C GLU A 61 -9.38 6.18 8.62
N LYS A 62 -10.03 5.04 8.53
CA LYS A 62 -11.43 4.88 9.03
C LYS A 62 -11.53 3.61 9.89
N PRO A 63 -12.62 3.41 10.59
CA PRO A 63 -12.80 2.19 11.43
C PRO A 63 -12.99 1.00 10.49
N GLU A 64 -13.84 1.21 9.52
CA GLU A 64 -14.16 0.17 8.50
C GLU A 64 -13.83 0.73 7.11
N LEU A 1 6.17 -17.76 -15.87
CA LEU A 1 5.93 -18.64 -14.69
C LEU A 1 7.26 -18.71 -13.92
N THR A 2 7.74 -17.57 -13.49
CA THR A 2 9.03 -17.49 -12.72
C THR A 2 8.83 -16.69 -11.42
N PRO A 3 9.74 -16.79 -10.47
CA PRO A 3 9.61 -16.04 -9.18
C PRO A 3 9.70 -14.54 -9.50
N ALA A 4 10.84 -14.16 -10.03
CA ALA A 4 11.14 -12.74 -10.44
C ALA A 4 10.61 -11.64 -9.50
N VAL A 5 10.76 -10.43 -9.98
CA VAL A 5 10.30 -9.23 -9.21
C VAL A 5 9.13 -8.66 -10.02
N THR A 6 8.16 -8.13 -9.32
CA THR A 6 6.96 -7.54 -9.97
C THR A 6 6.69 -6.14 -9.42
N THR A 7 5.79 -5.46 -10.06
CA THR A 7 5.42 -4.07 -9.64
C THR A 7 4.00 -4.18 -9.09
N TYR A 8 3.80 -3.53 -7.96
CA TYR A 8 2.47 -3.53 -7.30
C TYR A 8 2.08 -2.09 -7.10
N LYS A 9 0.82 -1.91 -6.81
CA LYS A 9 0.32 -0.51 -6.60
C LYS A 9 -0.31 -0.37 -5.24
N LEU A 10 -0.15 0.79 -4.66
CA LEU A 10 -0.72 1.09 -3.32
C LEU A 10 -1.44 2.42 -3.39
N VAL A 11 -2.67 2.41 -2.96
CA VAL A 11 -3.51 3.65 -2.97
C VAL A 11 -3.64 4.05 -1.51
N ILE A 12 -3.67 5.33 -1.33
CA ILE A 12 -3.79 5.93 0.03
C ILE A 12 -5.07 6.74 0.09
N ASN A 13 -5.88 6.52 1.09
CA ASN A 13 -7.16 7.28 1.23
C ASN A 13 -7.19 7.87 2.63
N GLY A 14 -7.84 9.00 2.74
CA GLY A 14 -7.97 9.70 4.05
C GLY A 14 -9.42 9.51 4.49
N LYS A 15 -10.30 10.08 3.71
CA LYS A 15 -11.76 9.99 3.99
C LYS A 15 -12.46 9.67 2.67
N THR A 16 -12.33 10.59 1.76
CA THR A 16 -12.94 10.47 0.39
C THR A 16 -11.83 10.56 -0.65
N LEU A 17 -11.01 11.57 -0.51
CA LEU A 17 -9.88 11.78 -1.46
C LEU A 17 -8.76 10.75 -1.22
N LYS A 18 -8.07 10.46 -2.29
CA LYS A 18 -6.94 9.48 -2.27
C LYS A 18 -5.89 9.77 -3.37
N GLY A 19 -4.75 9.15 -3.16
CA GLY A 19 -3.58 9.28 -4.11
C GLY A 19 -3.10 7.87 -4.48
N GLU A 20 -2.39 7.76 -5.57
CA GLU A 20 -1.86 6.43 -6.04
C GLU A 20 -0.34 6.46 -6.22
N THR A 21 0.32 5.55 -5.55
CA THR A 21 1.80 5.41 -5.60
C THR A 21 2.09 3.94 -5.90
N THR A 22 3.22 3.64 -6.48
CA THR A 22 3.53 2.21 -6.78
C THR A 22 4.96 1.87 -6.34
N THR A 23 5.25 0.59 -6.29
CA THR A 23 6.62 0.13 -5.88
C THR A 23 6.91 -1.24 -6.51
N GLU A 24 8.13 -1.68 -6.31
CA GLU A 24 8.57 -3.00 -6.86
C GLU A 24 8.76 -3.88 -5.63
N ALA A 25 8.21 -5.06 -5.70
CA ALA A 25 8.28 -6.05 -4.59
C ALA A 25 8.45 -7.48 -5.11
N VAL A 26 8.60 -8.37 -4.17
CA VAL A 26 8.77 -9.82 -4.44
C VAL A 26 7.45 -10.44 -3.98
N ASP A 27 7.18 -10.19 -2.73
CA ASP A 27 5.93 -10.69 -2.06
C ASP A 27 5.16 -9.54 -1.40
N ALA A 28 3.98 -9.87 -0.95
CA ALA A 28 3.09 -8.89 -0.27
C ALA A 28 3.82 -8.06 0.80
N ALA A 29 4.45 -8.76 1.72
CA ALA A 29 5.21 -8.08 2.81
C ALA A 29 6.19 -7.02 2.29
N THR A 30 7.09 -7.42 1.43
CA THR A 30 8.10 -6.48 0.84
C THR A 30 7.42 -5.17 0.45
N ALA A 31 6.40 -5.31 -0.35
CA ALA A 31 5.63 -4.12 -0.82
C ALA A 31 5.18 -3.30 0.37
N GLU A 32 4.47 -3.95 1.26
CA GLU A 32 3.96 -3.25 2.47
C GLU A 32 5.08 -2.46 3.16
N LYS A 33 6.23 -3.08 3.34
CA LYS A 33 7.38 -2.40 4.00
C LYS A 33 7.76 -1.05 3.39
N VAL A 34 7.98 -1.02 2.10
CA VAL A 34 8.36 0.29 1.45
C VAL A 34 7.20 1.25 1.56
N PHE A 35 6.04 0.81 1.15
CA PHE A 35 4.87 1.72 1.24
C PHE A 35 4.63 2.11 2.71
N LYS A 36 5.00 1.25 3.63
CA LYS A 36 4.81 1.52 5.10
C LYS A 36 5.62 2.73 5.49
N GLN A 37 6.91 2.67 5.29
CA GLN A 37 7.79 3.83 5.66
C GLN A 37 7.14 5.12 5.15
N TYR A 38 6.74 5.10 3.89
CA TYR A 38 6.08 6.33 3.33
C TYR A 38 4.79 6.64 4.09
N ALA A 39 3.86 5.71 4.11
CA ALA A 39 2.55 5.91 4.82
C ALA A 39 2.73 6.49 6.22
N ASN A 40 3.74 6.01 6.90
CA ASN A 40 4.02 6.50 8.27
C ASN A 40 4.44 7.98 8.14
N ASP A 41 5.47 8.23 7.35
CA ASP A 41 5.96 9.63 7.13
C ASP A 41 4.77 10.58 6.92
N ASN A 42 3.90 10.13 6.05
CA ASN A 42 2.65 10.87 5.67
C ASN A 42 1.72 11.07 6.90
N GLY A 43 1.29 9.98 7.49
CA GLY A 43 0.39 10.00 8.69
C GLY A 43 -0.95 9.28 8.45
N VAL A 44 -0.88 8.18 7.73
CA VAL A 44 -2.09 7.35 7.41
C VAL A 44 -1.87 5.88 7.79
N ASP A 45 -2.31 5.51 8.97
CA ASP A 45 -2.16 4.11 9.48
C ASP A 45 -3.36 3.54 10.28
N GLY A 46 -4.46 3.29 9.60
CA GLY A 46 -5.70 2.73 10.25
C GLY A 46 -6.08 1.36 9.67
N GLU A 47 -6.26 1.36 8.36
CA GLU A 47 -6.63 0.14 7.58
C GLU A 47 -5.52 0.11 6.53
N TRP A 48 -4.41 -0.39 7.01
CA TRP A 48 -3.16 -0.51 6.21
C TRP A 48 -2.88 -1.97 5.85
N THR A 49 -3.60 -2.41 4.85
CA THR A 49 -3.44 -3.82 4.37
C THR A 49 -3.59 -3.85 2.86
N TYR A 50 -3.65 -5.03 2.31
CA TYR A 50 -3.79 -5.18 0.83
C TYR A 50 -5.14 -5.68 0.30
N ASP A 51 -5.24 -5.51 -0.99
CA ASP A 51 -6.43 -5.88 -1.81
C ASP A 51 -6.01 -6.92 -2.84
N ASP A 52 -6.87 -7.88 -2.98
CA ASP A 52 -6.67 -9.01 -3.95
C ASP A 52 -7.83 -9.09 -4.94
N ALA A 53 -8.46 -7.95 -5.10
CA ALA A 53 -9.63 -7.85 -6.03
C ALA A 53 -9.16 -7.20 -7.35
N THR A 54 -8.31 -6.22 -7.18
CA THR A 54 -7.70 -5.43 -8.28
C THR A 54 -6.19 -5.71 -8.32
N LYS A 55 -5.68 -6.14 -7.18
CA LYS A 55 -4.23 -6.49 -6.93
C LYS A 55 -3.48 -5.19 -6.63
N THR A 56 -4.06 -4.53 -5.68
CA THR A 56 -3.56 -3.22 -5.17
C THR A 56 -3.35 -3.37 -3.67
N PHE A 57 -2.78 -2.36 -3.09
CA PHE A 57 -2.51 -2.37 -1.63
C PHE A 57 -3.23 -1.11 -1.14
N THR A 58 -3.65 -1.05 0.10
CA THR A 58 -4.36 0.18 0.57
C THR A 58 -4.07 0.56 2.00
N VAL A 59 -4.12 1.83 2.19
CA VAL A 59 -3.89 2.44 3.51
C VAL A 59 -4.91 3.55 3.72
N THR A 60 -5.71 3.36 4.72
CA THR A 60 -6.76 4.38 5.05
C THR A 60 -6.57 4.72 6.51
N GLU A 61 -7.12 5.82 6.95
CA GLU A 61 -6.98 6.20 8.38
C GLU A 61 -8.41 6.21 8.93
N LYS A 62 -9.02 5.09 8.64
CA LYS A 62 -10.43 4.81 9.04
C LYS A 62 -10.44 3.35 9.57
N PRO A 63 -10.95 3.11 10.76
CA PRO A 63 -11.03 1.75 11.37
C PRO A 63 -11.40 0.66 10.36
N GLU A 64 -12.34 0.99 9.52
CA GLU A 64 -12.85 0.06 8.46
C GLU A 64 -12.49 0.62 7.06
N LEU A 1 5.65 -4.95 -16.20
CA LEU A 1 5.29 -6.13 -17.02
C LEU A 1 4.09 -6.85 -16.37
N THR A 2 4.31 -7.28 -15.16
CA THR A 2 3.24 -8.01 -14.39
C THR A 2 2.80 -7.15 -13.20
N PRO A 3 1.51 -7.01 -12.99
CA PRO A 3 0.96 -6.20 -11.87
C PRO A 3 1.37 -6.72 -10.48
N ALA A 4 1.95 -7.89 -10.44
CA ALA A 4 2.40 -8.51 -9.16
C ALA A 4 3.90 -8.83 -9.20
N VAL A 5 4.36 -9.28 -8.06
CA VAL A 5 5.78 -9.68 -7.77
C VAL A 5 6.90 -9.17 -8.70
N THR A 6 6.83 -7.88 -8.94
CA THR A 6 7.79 -7.16 -9.82
C THR A 6 7.66 -5.74 -9.29
N THR A 7 6.50 -5.30 -9.61
CA THR A 7 5.96 -3.96 -9.27
C THR A 7 4.57 -4.21 -8.68
N TYR A 8 4.23 -3.47 -7.66
CA TYR A 8 2.90 -3.61 -7.01
C TYR A 8 2.29 -2.23 -6.95
N LYS A 9 1.01 -2.21 -6.72
CA LYS A 9 0.30 -0.89 -6.64
C LYS A 9 -0.39 -0.73 -5.30
N LEU A 10 -0.47 0.51 -4.88
CA LEU A 10 -1.13 0.84 -3.57
C LEU A 10 -2.01 2.08 -3.70
N VAL A 11 -3.21 2.00 -3.16
CA VAL A 11 -4.17 3.14 -3.21
C VAL A 11 -4.38 3.61 -1.76
N ILE A 12 -4.69 4.86 -1.63
CA ILE A 12 -4.93 5.48 -0.30
C ILE A 12 -6.42 5.80 -0.29
N ASN A 13 -7.12 5.38 0.73
CA ASN A 13 -8.58 5.66 0.84
C ASN A 13 -8.82 6.33 2.19
N GLY A 14 -8.29 7.52 2.30
CA GLY A 14 -8.41 8.32 3.56
C GLY A 14 -9.49 9.40 3.40
N LYS A 15 -9.30 10.49 4.11
CA LYS A 15 -10.27 11.63 4.05
C LYS A 15 -9.71 12.80 3.23
N THR A 16 -8.40 12.94 3.30
CA THR A 16 -7.69 14.03 2.56
C THR A 16 -6.93 13.49 1.35
N LEU A 17 -6.42 12.29 1.47
CA LEU A 17 -5.65 11.66 0.35
C LEU A 17 -6.37 10.40 -0.17
N LYS A 18 -6.92 10.56 -1.36
CA LYS A 18 -7.66 9.46 -2.03
C LYS A 18 -7.08 9.30 -3.45
N GLY A 19 -5.81 8.97 -3.48
CA GLY A 19 -5.07 8.78 -4.78
C GLY A 19 -4.35 7.43 -4.79
N GLU A 20 -3.60 7.20 -5.84
CA GLU A 20 -2.85 5.92 -5.98
C GLU A 20 -1.38 6.16 -6.35
N THR A 21 -0.56 5.29 -5.82
CA THR A 21 0.92 5.31 -6.03
C THR A 21 1.37 3.86 -6.24
N THR A 22 2.58 3.66 -6.69
CA THR A 22 3.07 2.26 -6.90
C THR A 22 4.50 2.08 -6.37
N THR A 23 4.91 0.84 -6.28
CA THR A 23 6.29 0.48 -5.77
C THR A 23 6.80 -0.74 -6.55
N GLU A 24 8.00 -1.13 -6.20
CA GLU A 24 8.68 -2.30 -6.83
C GLU A 24 8.78 -3.37 -5.73
N ALA A 25 8.02 -4.44 -5.87
CA ALA A 25 8.05 -5.52 -4.83
C ALA A 25 8.42 -6.90 -5.40
N VAL A 26 8.70 -7.79 -4.47
CA VAL A 26 9.09 -9.18 -4.81
C VAL A 26 7.92 -10.02 -4.28
N ASP A 27 7.66 -9.85 -3.01
CA ASP A 27 6.55 -10.58 -2.33
C ASP A 27 5.65 -9.56 -1.59
N ALA A 28 4.57 -10.07 -1.05
CA ALA A 28 3.61 -9.22 -0.30
C ALA A 28 4.28 -8.35 0.76
N ALA A 29 5.10 -8.96 1.59
CA ALA A 29 5.79 -8.18 2.66
C ALA A 29 6.57 -6.98 2.10
N THR A 30 7.38 -7.19 1.10
CA THR A 30 8.17 -6.04 0.51
C THR A 30 7.26 -4.84 0.28
N ALA A 31 6.21 -5.09 -0.46
CA ALA A 31 5.23 -4.00 -0.77
C ALA A 31 4.75 -3.36 0.52
N GLU A 32 4.21 -4.17 1.38
CA GLU A 32 3.69 -3.67 2.68
C GLU A 32 4.69 -2.75 3.37
N LYS A 33 5.92 -3.19 3.45
CA LYS A 33 6.97 -2.35 4.12
C LYS A 33 7.24 -1.01 3.44
N VAL A 34 7.51 -1.00 2.15
CA VAL A 34 7.78 0.32 1.50
C VAL A 34 6.56 1.23 1.59
N PHE A 35 5.43 0.69 1.19
CA PHE A 35 4.19 1.49 1.25
C PHE A 35 3.94 1.97 2.69
N LYS A 36 4.07 1.08 3.66
CA LYS A 36 3.84 1.49 5.07
C LYS A 36 4.79 2.62 5.44
N GLN A 37 6.08 2.46 5.24
CA GLN A 37 7.05 3.55 5.59
C GLN A 37 6.50 4.90 5.08
N TYR A 38 6.16 4.92 3.82
CA TYR A 38 5.61 6.15 3.17
C TYR A 38 4.34 6.64 3.88
N ALA A 39 3.34 5.79 3.93
CA ALA A 39 2.05 6.17 4.59
C ALA A 39 2.27 6.70 6.00
N ASN A 40 3.16 6.07 6.74
CA ASN A 40 3.43 6.52 8.13
C ASN A 40 4.00 7.94 8.05
N ASP A 41 5.09 8.07 7.33
CA ASP A 41 5.78 9.38 7.12
C ASP A 41 4.74 10.48 6.88
N ASN A 42 3.90 10.19 5.92
CA ASN A 42 2.80 11.13 5.52
C ASN A 42 1.83 11.43 6.68
N GLY A 43 1.30 10.38 7.28
CA GLY A 43 0.34 10.51 8.42
C GLY A 43 -1.01 9.86 8.06
N VAL A 44 -0.91 8.70 7.44
CA VAL A 44 -2.11 7.91 7.02
C VAL A 44 -2.07 6.58 7.79
N ASP A 45 -2.57 6.63 9.01
CA ASP A 45 -2.60 5.43 9.90
C ASP A 45 -3.95 4.99 10.54
N GLY A 46 -4.76 4.29 9.79
CA GLY A 46 -6.09 3.81 10.29
C GLY A 46 -6.12 2.27 10.16
N GLU A 47 -6.26 1.84 8.93
CA GLU A 47 -6.30 0.38 8.55
C GLU A 47 -5.19 0.27 7.51
N TRP A 48 -4.44 -0.81 7.47
CA TRP A 48 -3.35 -0.90 6.45
C TRP A 48 -3.17 -2.35 5.98
N THR A 49 -3.72 -2.71 4.84
CA THR A 49 -3.56 -4.12 4.37
C THR A 49 -3.55 -4.20 2.86
N TYR A 50 -3.56 -5.39 2.34
CA TYR A 50 -3.55 -5.59 0.86
C TYR A 50 -4.87 -6.10 0.25
N ASP A 51 -4.95 -5.88 -1.04
CA ASP A 51 -6.12 -6.25 -1.90
C ASP A 51 -5.73 -7.33 -2.92
N ASP A 52 -6.75 -8.08 -3.26
CA ASP A 52 -6.62 -9.19 -4.24
C ASP A 52 -7.44 -8.90 -5.48
N ALA A 53 -8.37 -8.02 -5.30
CA ALA A 53 -9.29 -7.60 -6.43
C ALA A 53 -8.49 -7.37 -7.72
N THR A 54 -7.50 -6.52 -7.59
CA THR A 54 -6.60 -6.15 -8.73
C THR A 54 -5.16 -6.10 -8.21
N LYS A 55 -4.82 -7.07 -7.39
CA LYS A 55 -3.45 -7.19 -6.77
C LYS A 55 -2.80 -5.83 -6.48
N THR A 56 -3.59 -5.10 -5.73
CA THR A 56 -3.24 -3.73 -5.26
C THR A 56 -3.10 -3.81 -3.74
N PHE A 57 -2.64 -2.74 -3.15
CA PHE A 57 -2.47 -2.70 -1.67
C PHE A 57 -3.34 -1.52 -1.23
N THR A 58 -3.75 -1.47 0.01
CA THR A 58 -4.63 -0.32 0.43
C THR A 58 -4.47 0.08 1.88
N VAL A 59 -4.62 1.35 2.07
CA VAL A 59 -4.53 1.93 3.43
C VAL A 59 -5.77 2.81 3.54
N THR A 60 -6.38 2.76 4.68
CA THR A 60 -7.62 3.57 4.92
C THR A 60 -7.36 4.39 6.17
N GLU A 61 -7.99 5.53 6.26
CA GLU A 61 -7.78 6.39 7.47
C GLU A 61 -9.14 6.72 8.08
N LYS A 62 -9.80 5.68 8.53
CA LYS A 62 -11.14 5.81 9.17
C LYS A 62 -11.03 5.48 10.68
N PRO A 63 -10.44 4.37 11.08
CA PRO A 63 -10.30 4.03 12.53
C PRO A 63 -8.93 4.56 12.99
N GLU A 64 -8.78 5.84 12.78
CA GLU A 64 -7.56 6.70 13.09
C GLU A 64 -6.91 7.13 11.75
N LEU A 1 11.03 -18.41 -9.84
CA LEU A 1 10.71 -18.37 -11.29
C LEU A 1 11.45 -17.19 -11.95
N THR A 2 11.28 -16.03 -11.37
CA THR A 2 11.94 -14.79 -11.91
C THR A 2 12.95 -14.24 -10.87
N PRO A 3 14.16 -13.94 -11.30
CA PRO A 3 15.20 -13.39 -10.39
C PRO A 3 15.16 -11.84 -10.42
N ALA A 4 14.04 -11.32 -10.85
CA ALA A 4 13.82 -9.85 -10.95
C ALA A 4 12.75 -9.45 -9.93
N VAL A 5 12.40 -8.19 -9.97
CA VAL A 5 11.37 -7.65 -9.04
C VAL A 5 10.04 -7.50 -9.76
N THR A 6 9.02 -7.27 -8.97
CA THR A 6 7.64 -7.10 -9.50
C THR A 6 7.13 -5.74 -9.02
N THR A 7 6.18 -5.20 -9.73
CA THR A 7 5.61 -3.88 -9.38
C THR A 7 4.18 -4.08 -8.87
N TYR A 8 3.88 -3.43 -7.78
CA TYR A 8 2.51 -3.53 -7.18
C TYR A 8 1.97 -2.11 -7.06
N LYS A 9 0.70 -2.02 -6.80
CA LYS A 9 0.05 -0.68 -6.68
C LYS A 9 -0.64 -0.47 -5.33
N LEU A 10 -0.64 0.77 -4.91
CA LEU A 10 -1.27 1.17 -3.61
C LEU A 10 -2.14 2.44 -3.74
N VAL A 11 -3.28 2.41 -3.11
CA VAL A 11 -4.22 3.58 -3.15
C VAL A 11 -4.39 3.99 -1.68
N ILE A 12 -4.51 5.27 -1.50
CA ILE A 12 -4.67 5.86 -0.14
C ILE A 12 -6.08 6.48 -0.06
N ASN A 13 -6.67 6.37 1.10
CA ASN A 13 -8.03 6.92 1.36
C ASN A 13 -7.84 7.68 2.68
N GLY A 14 -7.88 8.99 2.63
CA GLY A 14 -7.70 9.79 3.88
C GLY A 14 -9.02 10.32 4.45
N LYS A 15 -9.68 11.16 3.68
CA LYS A 15 -10.99 11.73 4.15
C LYS A 15 -12.09 11.55 3.11
N THR A 16 -11.94 12.27 2.01
CA THR A 16 -12.94 12.21 0.89
C THR A 16 -12.21 11.89 -0.41
N LEU A 17 -11.02 12.42 -0.52
CA LEU A 17 -10.20 12.19 -1.75
C LEU A 17 -9.18 11.07 -1.47
N LYS A 18 -8.66 10.56 -2.55
CA LYS A 18 -7.64 9.46 -2.48
C LYS A 18 -6.36 9.84 -3.22
N GLY A 19 -5.34 9.09 -2.92
CA GLY A 19 -3.99 9.30 -3.54
C GLY A 19 -3.58 7.96 -4.18
N GLU A 20 -2.66 8.01 -5.12
CA GLU A 20 -2.20 6.77 -5.79
C GLU A 20 -0.67 6.72 -5.84
N THR A 21 -0.14 5.61 -5.40
CA THR A 21 1.33 5.37 -5.36
C THR A 21 1.60 3.90 -5.72
N THR A 22 2.85 3.58 -5.96
CA THR A 22 3.22 2.16 -6.31
C THR A 22 4.55 1.80 -5.64
N THR A 23 4.87 0.52 -5.68
CA THR A 23 6.14 0.01 -5.07
C THR A 23 6.76 -1.09 -5.93
N GLU A 24 8.04 -1.26 -5.73
CA GLU A 24 8.83 -2.29 -6.47
C GLU A 24 9.26 -3.23 -5.32
N ALA A 25 8.73 -4.42 -5.35
CA ALA A 25 9.03 -5.45 -4.30
C ALA A 25 9.40 -6.81 -4.90
N VAL A 26 9.67 -7.74 -4.01
CA VAL A 26 10.04 -9.13 -4.42
C VAL A 26 8.83 -9.99 -4.08
N ASP A 27 8.48 -9.96 -2.83
CA ASP A 27 7.31 -10.74 -2.31
C ASP A 27 6.33 -9.81 -1.57
N ALA A 28 5.19 -10.38 -1.23
CA ALA A 28 4.12 -9.64 -0.52
C ALA A 28 4.65 -8.82 0.68
N ALA A 29 5.34 -9.50 1.55
CA ALA A 29 5.91 -8.81 2.76
C ALA A 29 6.74 -7.59 2.35
N THR A 30 7.71 -7.79 1.51
CA THR A 30 8.58 -6.66 1.03
C THR A 30 7.72 -5.46 0.64
N ALA A 31 6.76 -5.73 -0.22
CA ALA A 31 5.84 -4.66 -0.68
C ALA A 31 5.23 -3.93 0.51
N GLU A 32 4.58 -4.70 1.35
CA GLU A 32 3.94 -4.12 2.56
C GLU A 32 4.92 -3.22 3.30
N LYS A 33 6.12 -3.74 3.53
CA LYS A 33 7.16 -2.97 4.25
C LYS A 33 7.47 -1.61 3.62
N VAL A 34 7.85 -1.60 2.37
CA VAL A 34 8.16 -0.29 1.69
C VAL A 34 6.95 0.62 1.75
N PHE A 35 5.82 0.07 1.35
CA PHE A 35 4.56 0.85 1.35
C PHE A 35 4.36 1.48 2.75
N LYS A 36 4.45 0.68 3.78
CA LYS A 36 4.26 1.23 5.16
C LYS A 36 5.26 2.34 5.44
N GLN A 37 6.53 2.12 5.23
CA GLN A 37 7.54 3.22 5.50
C GLN A 37 7.04 4.55 4.95
N TYR A 38 6.70 4.53 3.69
CA TYR A 38 6.19 5.77 3.03
C TYR A 38 4.91 6.28 3.72
N ALA A 39 3.91 5.45 3.79
CA ALA A 39 2.63 5.86 4.44
C ALA A 39 2.81 6.37 5.87
N ASN A 40 3.78 5.85 6.55
CA ASN A 40 4.06 6.29 7.96
C ASN A 40 4.60 7.71 7.85
N ASP A 41 5.66 7.85 7.08
CA ASP A 41 6.31 9.18 6.85
C ASP A 41 5.20 10.23 6.63
N ASN A 42 4.34 9.89 5.71
CA ASN A 42 3.18 10.76 5.34
C ASN A 42 2.28 11.02 6.56
N GLY A 43 1.75 9.96 7.13
CA GLY A 43 0.84 10.06 8.33
C GLY A 43 -0.54 9.48 8.06
N VAL A 44 -0.57 8.40 7.33
CA VAL A 44 -1.86 7.70 6.97
C VAL A 44 -1.75 6.20 7.32
N ASP A 45 -1.93 5.90 8.58
CA ASP A 45 -1.85 4.48 9.06
C ASP A 45 -3.00 4.02 9.99
N GLY A 46 -4.14 3.72 9.42
CA GLY A 46 -5.33 3.27 10.22
C GLY A 46 -5.71 1.82 9.86
N GLU A 47 -6.05 1.64 8.61
CA GLU A 47 -6.46 0.33 8.01
C GLU A 47 -5.39 0.26 6.95
N TRP A 48 -4.34 -0.46 7.24
CA TRP A 48 -3.22 -0.59 6.27
C TRP A 48 -2.98 -2.04 5.82
N THR A 49 -3.67 -2.43 4.79
CA THR A 49 -3.51 -3.84 4.27
C THR A 49 -3.64 -3.87 2.77
N TYR A 50 -3.68 -5.05 2.21
CA TYR A 50 -3.80 -5.19 0.72
C TYR A 50 -5.15 -5.65 0.18
N ASP A 51 -5.28 -5.45 -1.12
CA ASP A 51 -6.49 -5.80 -1.91
C ASP A 51 -6.14 -6.89 -2.94
N ASP A 52 -7.05 -7.82 -3.03
CA ASP A 52 -6.89 -8.95 -3.97
C ASP A 52 -8.11 -8.96 -4.91
N ALA A 53 -8.72 -7.81 -5.04
CA ALA A 53 -9.93 -7.67 -5.91
C ALA A 53 -9.61 -6.83 -7.16
N THR A 54 -8.34 -6.50 -7.27
CA THR A 54 -7.79 -5.68 -8.41
C THR A 54 -6.30 -6.08 -8.51
N LYS A 55 -5.71 -6.15 -7.33
CA LYS A 55 -4.28 -6.52 -7.01
C LYS A 55 -3.53 -5.22 -6.75
N THR A 56 -4.16 -4.53 -5.83
CA THR A 56 -3.71 -3.21 -5.32
C THR A 56 -3.51 -3.36 -3.81
N PHE A 57 -3.05 -2.31 -3.19
CA PHE A 57 -2.80 -2.32 -1.72
C PHE A 57 -3.61 -1.12 -1.23
N THR A 58 -3.98 -1.09 0.03
CA THR A 58 -4.78 0.08 0.51
C THR A 58 -4.43 0.51 1.93
N VAL A 59 -4.53 1.78 2.07
CA VAL A 59 -4.26 2.46 3.35
C VAL A 59 -5.38 3.47 3.54
N THR A 60 -6.29 3.04 4.35
CA THR A 60 -7.50 3.86 4.68
C THR A 60 -7.35 4.34 6.12
N GLU A 61 -8.12 5.33 6.48
CA GLU A 61 -8.07 5.90 7.85
C GLU A 61 -9.51 5.78 8.35
N LYS A 62 -9.83 6.61 9.30
CA LYS A 62 -11.20 6.61 9.87
C LYS A 62 -11.56 5.20 10.44
N PRO A 63 -10.86 4.77 11.47
CA PRO A 63 -11.09 3.45 12.13
C PRO A 63 -12.58 3.17 12.37
N GLU A 64 -13.21 4.13 12.98
CA GLU A 64 -14.66 4.07 13.30
C GLU A 64 -15.36 5.24 12.61
N LEU A 1 19.22 -10.85 -2.52
CA LEU A 1 18.44 -10.13 -3.58
C LEU A 1 17.99 -11.16 -4.63
N THR A 2 17.10 -10.75 -5.49
CA THR A 2 16.56 -11.64 -6.58
C THR A 2 16.91 -11.05 -7.97
N PRO A 3 16.72 -11.80 -9.04
CA PRO A 3 17.03 -11.34 -10.42
C PRO A 3 16.24 -10.07 -10.80
N ALA A 4 14.93 -10.21 -10.80
CA ALA A 4 14.03 -9.06 -11.14
C ALA A 4 12.98 -8.83 -10.05
N VAL A 5 12.26 -7.74 -10.23
CA VAL A 5 11.17 -7.34 -9.29
C VAL A 5 9.87 -7.17 -10.10
N THR A 6 8.80 -7.02 -9.37
CA THR A 6 7.46 -6.83 -10.00
C THR A 6 6.88 -5.53 -9.44
N THR A 7 5.82 -5.07 -10.03
CA THR A 7 5.19 -3.81 -9.54
C THR A 7 3.89 -4.14 -8.80
N TYR A 8 3.64 -3.34 -7.80
CA TYR A 8 2.42 -3.50 -6.96
C TYR A 8 1.78 -2.13 -7.00
N LYS A 9 0.52 -2.10 -6.71
CA LYS A 9 -0.23 -0.79 -6.71
C LYS A 9 -0.83 -0.51 -5.36
N LEU A 10 -0.90 0.76 -5.04
CA LEU A 10 -1.47 1.23 -3.74
C LEU A 10 -2.48 2.36 -3.94
N VAL A 11 -3.58 2.27 -3.22
CA VAL A 11 -4.64 3.31 -3.28
C VAL A 11 -4.76 3.77 -1.82
N ILE A 12 -4.99 5.04 -1.64
CA ILE A 12 -5.13 5.60 -0.26
C ILE A 12 -6.50 6.24 -0.10
N ASN A 13 -7.07 6.07 1.06
CA ASN A 13 -8.41 6.65 1.40
C ASN A 13 -8.24 7.40 2.73
N GLY A 14 -7.53 8.49 2.62
CA GLY A 14 -7.25 9.38 3.80
C GLY A 14 -8.10 10.64 3.74
N LYS A 15 -7.86 11.53 4.68
CA LYS A 15 -8.60 12.83 4.78
C LYS A 15 -8.83 13.48 3.41
N THR A 16 -7.72 13.81 2.80
CA THR A 16 -7.73 14.46 1.45
C THR A 16 -6.77 13.71 0.50
N LEU A 17 -6.48 12.48 0.85
CA LEU A 17 -5.57 11.63 0.04
C LEU A 17 -6.38 10.46 -0.52
N LYS A 18 -7.08 10.74 -1.58
CA LYS A 18 -7.93 9.69 -2.25
C LYS A 18 -7.42 9.50 -3.68
N GLY A 19 -6.17 9.11 -3.74
CA GLY A 19 -5.49 8.86 -5.05
C GLY A 19 -4.77 7.52 -5.01
N GLU A 20 -4.09 7.24 -6.10
CA GLU A 20 -3.33 5.97 -6.22
C GLU A 20 -1.89 6.23 -6.70
N THR A 21 -1.04 5.37 -6.21
CA THR A 21 0.43 5.38 -6.50
C THR A 21 0.87 3.93 -6.65
N THR A 22 2.08 3.72 -7.09
CA THR A 22 2.59 2.32 -7.25
C THR A 22 4.03 2.20 -6.72
N THR A 23 4.48 0.99 -6.57
CA THR A 23 5.87 0.74 -6.06
C THR A 23 6.41 -0.54 -6.72
N GLU A 24 7.67 -0.81 -6.44
CA GLU A 24 8.37 -2.01 -6.99
C GLU A 24 8.66 -2.86 -5.76
N ALA A 25 8.17 -4.08 -5.81
CA ALA A 25 8.34 -5.07 -4.70
C ALA A 25 8.70 -6.44 -5.27
N VAL A 26 8.84 -7.37 -4.36
CA VAL A 26 9.19 -8.77 -4.73
C VAL A 26 7.91 -9.56 -4.47
N ASP A 27 7.50 -9.52 -3.23
CA ASP A 27 6.27 -10.22 -2.78
C ASP A 27 5.33 -9.27 -2.01
N ALA A 28 4.19 -9.80 -1.64
CA ALA A 28 3.16 -9.02 -0.88
C ALA A 28 3.76 -8.28 0.32
N ALA A 29 4.46 -9.01 1.16
CA ALA A 29 5.09 -8.39 2.37
C ALA A 29 5.95 -7.18 2.00
N THR A 30 6.87 -7.37 1.09
CA THR A 30 7.78 -6.25 0.64
C THR A 30 6.93 -5.02 0.35
N ALA A 31 5.94 -5.21 -0.49
CA ALA A 31 5.02 -4.09 -0.86
C ALA A 31 4.53 -3.41 0.40
N GLU A 32 3.92 -4.20 1.24
CA GLU A 32 3.38 -3.69 2.54
C GLU A 32 4.40 -2.81 3.25
N LYS A 33 5.59 -3.33 3.41
CA LYS A 33 6.65 -2.54 4.11
C LYS A 33 6.99 -1.22 3.43
N VAL A 34 7.24 -1.22 2.14
CA VAL A 34 7.58 0.08 1.48
C VAL A 34 6.40 1.05 1.55
N PHE A 35 5.26 0.59 1.11
CA PHE A 35 4.04 1.46 1.15
C PHE A 35 3.79 1.96 2.59
N LYS A 36 3.84 1.07 3.54
CA LYS A 36 3.60 1.46 4.95
C LYS A 36 4.65 2.47 5.41
N GLN A 37 5.92 2.20 5.22
CA GLN A 37 6.98 3.17 5.65
C GLN A 37 6.55 4.58 5.26
N TYR A 38 6.26 4.73 3.99
CA TYR A 38 5.82 6.08 3.48
C TYR A 38 4.54 6.56 4.20
N ALA A 39 3.49 5.79 4.10
CA ALA A 39 2.19 6.17 4.75
C ALA A 39 2.31 6.47 6.25
N ASN A 40 3.26 5.83 6.89
CA ASN A 40 3.49 6.03 8.35
C ASN A 40 4.15 7.41 8.48
N ASP A 41 5.25 7.58 7.78
CA ASP A 41 6.00 8.87 7.78
C ASP A 41 4.99 10.02 7.66
N ASN A 42 4.15 9.87 6.66
CA ASN A 42 3.08 10.86 6.36
C ASN A 42 2.17 11.00 7.59
N GLY A 43 1.55 9.91 7.99
CA GLY A 43 0.64 9.89 9.17
C GLY A 43 -0.82 9.63 8.78
N VAL A 44 -1.00 8.70 7.87
CA VAL A 44 -2.38 8.35 7.38
C VAL A 44 -2.60 6.83 7.46
N ASP A 45 -2.49 6.32 8.66
CA ASP A 45 -2.67 4.85 8.91
C ASP A 45 -3.74 4.50 9.97
N GLY A 46 -4.76 3.83 9.51
CA GLY A 46 -5.91 3.39 10.37
C GLY A 46 -6.07 1.87 10.10
N GLU A 47 -6.26 1.61 8.84
CA GLU A 47 -6.45 0.23 8.28
C GLU A 47 -5.34 0.15 7.22
N TRP A 48 -4.63 -0.95 7.12
CA TRP A 48 -3.53 -1.02 6.08
C TRP A 48 -3.36 -2.46 5.56
N THR A 49 -4.02 -2.78 4.47
CA THR A 49 -3.89 -4.18 3.91
C THR A 49 -3.92 -4.20 2.39
N TYR A 50 -4.18 -5.33 1.79
CA TYR A 50 -4.24 -5.44 0.29
C TYR A 50 -5.63 -5.80 -0.26
N ASP A 51 -5.91 -5.37 -1.48
CA ASP A 51 -7.25 -5.66 -2.10
C ASP A 51 -7.33 -5.75 -3.61
N ASP A 52 -6.76 -6.79 -4.09
CA ASP A 52 -6.73 -7.06 -5.56
C ASP A 52 -7.18 -8.47 -5.85
N ALA A 53 -6.62 -9.26 -4.98
CA ALA A 53 -6.75 -10.74 -4.93
C ALA A 53 -5.31 -11.15 -5.31
N THR A 54 -4.72 -10.32 -6.16
CA THR A 54 -3.33 -10.54 -6.65
C THR A 54 -2.35 -9.41 -6.26
N LYS A 55 -2.62 -8.16 -6.60
CA LYS A 55 -1.63 -7.09 -6.21
C LYS A 55 -1.99 -5.59 -5.96
N THR A 56 -2.99 -5.34 -5.16
CA THR A 56 -3.39 -3.92 -4.85
C THR A 56 -3.20 -3.80 -3.35
N PHE A 57 -2.82 -2.63 -2.92
CA PHE A 57 -2.61 -2.42 -1.47
C PHE A 57 -3.52 -1.22 -1.18
N THR A 58 -4.06 -1.17 -0.01
CA THR A 58 -4.97 -0.05 0.37
C THR A 58 -4.79 0.36 1.82
N VAL A 59 -4.80 1.64 2.00
CA VAL A 59 -4.64 2.24 3.35
C VAL A 59 -5.82 3.18 3.57
N THR A 60 -6.36 3.08 4.74
CA THR A 60 -7.52 3.96 5.08
C THR A 60 -7.22 4.54 6.46
N GLU A 61 -7.81 5.67 6.74
CA GLU A 61 -7.58 6.32 8.07
C GLU A 61 -8.93 6.27 8.81
N LYS A 62 -9.46 5.08 8.83
CA LYS A 62 -10.76 4.79 9.49
C LYS A 62 -10.53 3.71 10.59
N PRO A 63 -10.56 4.08 11.86
CA PRO A 63 -10.36 3.16 12.99
C PRO A 63 -11.66 2.46 13.43
N GLU A 64 -11.63 1.94 14.63
CA GLU A 64 -12.81 1.22 15.22
C GLU A 64 -13.46 2.05 16.34
N LEU A 1 18.69 -14.51 -5.23
CA LEU A 1 17.72 -14.02 -4.22
C LEU A 1 16.74 -13.04 -4.87
N THR A 2 17.28 -11.92 -5.28
CA THR A 2 16.47 -10.85 -5.95
C THR A 2 17.05 -10.55 -7.34
N PRO A 3 16.90 -11.48 -8.26
CA PRO A 3 17.41 -11.32 -9.65
C PRO A 3 16.63 -10.19 -10.33
N ALA A 4 15.33 -10.26 -10.18
CA ALA A 4 14.39 -9.26 -10.77
C ALA A 4 13.54 -8.64 -9.66
N VAL A 5 12.86 -7.59 -10.02
CA VAL A 5 11.96 -6.85 -9.07
C VAL A 5 10.56 -6.83 -9.72
N THR A 6 9.56 -6.70 -8.90
CA THR A 6 8.15 -6.66 -9.42
C THR A 6 7.48 -5.40 -8.87
N THR A 7 6.44 -4.97 -9.54
CA THR A 7 5.72 -3.75 -9.08
C THR A 7 4.28 -4.11 -8.68
N TYR A 8 3.85 -3.44 -7.64
CA TYR A 8 2.47 -3.65 -7.08
C TYR A 8 1.85 -2.26 -7.02
N LYS A 9 0.57 -2.24 -6.76
CA LYS A 9 -0.13 -0.92 -6.68
C LYS A 9 -0.83 -0.73 -5.35
N LEU A 10 -0.92 0.51 -4.96
CA LEU A 10 -1.57 0.94 -3.69
C LEU A 10 -2.50 2.14 -3.89
N VAL A 11 -3.60 2.14 -3.18
CA VAL A 11 -4.58 3.26 -3.26
C VAL A 11 -4.73 3.70 -1.80
N ILE A 12 -4.89 4.98 -1.61
CA ILE A 12 -5.04 5.53 -0.23
C ILE A 12 -6.40 6.23 -0.22
N ASN A 13 -7.18 5.99 0.80
CA ASN A 13 -8.53 6.63 0.91
C ASN A 13 -8.73 7.18 2.34
N GLY A 14 -8.17 8.33 2.60
CA GLY A 14 -8.31 8.93 3.96
C GLY A 14 -9.43 9.99 4.04
N LYS A 15 -9.08 11.24 3.86
CA LYS A 15 -10.12 12.33 3.92
C LYS A 15 -10.03 13.25 2.70
N THR A 16 -8.88 13.83 2.51
CA THR A 16 -8.62 14.75 1.36
C THR A 16 -7.60 14.15 0.38
N LEU A 17 -6.85 13.20 0.89
CA LEU A 17 -5.81 12.50 0.09
C LEU A 17 -6.28 11.10 -0.33
N LYS A 18 -7.06 11.13 -1.38
CA LYS A 18 -7.64 9.88 -1.99
C LYS A 18 -7.04 9.71 -3.39
N GLY A 19 -5.81 9.25 -3.42
CA GLY A 19 -5.08 9.03 -4.72
C GLY A 19 -4.47 7.63 -4.80
N GLU A 20 -3.74 7.41 -5.86
CA GLU A 20 -3.07 6.09 -6.08
C GLU A 20 -1.56 6.27 -6.31
N THR A 21 -0.85 5.29 -5.85
CA THR A 21 0.65 5.22 -5.95
C THR A 21 1.04 3.76 -6.17
N THR A 22 2.28 3.53 -6.50
CA THR A 22 2.76 2.12 -6.74
C THR A 22 4.13 1.94 -6.06
N THR A 23 4.55 0.70 -5.93
CA THR A 23 5.87 0.42 -5.29
C THR A 23 6.60 -0.70 -6.03
N GLU A 24 7.88 -0.77 -5.77
CA GLU A 24 8.78 -1.78 -6.38
C GLU A 24 9.17 -2.68 -5.19
N ALA A 25 8.74 -3.91 -5.27
CA ALA A 25 9.01 -4.91 -4.20
C ALA A 25 9.58 -6.21 -4.78
N VAL A 26 9.88 -7.10 -3.88
CA VAL A 26 10.45 -8.43 -4.27
C VAL A 26 9.33 -9.44 -4.01
N ASP A 27 8.91 -9.48 -2.77
CA ASP A 27 7.83 -10.40 -2.33
C ASP A 27 6.70 -9.63 -1.60
N ALA A 28 5.65 -10.35 -1.28
CA ALA A 28 4.47 -9.77 -0.57
C ALA A 28 4.87 -8.86 0.60
N ALA A 29 5.67 -9.41 1.48
CA ALA A 29 6.14 -8.64 2.68
C ALA A 29 6.81 -7.34 2.26
N THR A 30 7.80 -7.45 1.41
CA THR A 30 8.56 -6.25 0.92
C THR A 30 7.57 -5.15 0.54
N ALA A 31 6.61 -5.51 -0.27
CA ALA A 31 5.58 -4.51 -0.71
C ALA A 31 4.98 -3.82 0.50
N GLU A 32 4.41 -4.63 1.39
CA GLU A 32 3.78 -4.07 2.62
C GLU A 32 4.75 -3.10 3.31
N LYS A 33 5.97 -3.53 3.49
CA LYS A 33 6.99 -2.67 4.15
C LYS A 33 7.25 -1.34 3.44
N VAL A 34 7.56 -1.36 2.17
CA VAL A 34 7.83 -0.06 1.47
C VAL A 34 6.58 0.83 1.54
N PHE A 35 5.46 0.26 1.15
CA PHE A 35 4.19 1.04 1.20
C PHE A 35 3.98 1.62 2.61
N LYS A 36 4.07 0.79 3.61
CA LYS A 36 3.88 1.25 5.01
C LYS A 36 4.87 2.38 5.34
N GLN A 37 6.14 2.18 5.11
CA GLN A 37 7.16 3.24 5.40
C GLN A 37 6.63 4.58 4.89
N TYR A 38 6.28 4.58 3.64
CA TYR A 38 5.74 5.82 2.98
C TYR A 38 4.48 6.33 3.71
N ALA A 39 3.49 5.49 3.80
CA ALA A 39 2.21 5.88 4.49
C ALA A 39 2.41 6.36 5.92
N ASN A 40 3.45 5.87 6.56
CA ASN A 40 3.77 6.26 7.96
C ASN A 40 4.31 7.68 7.86
N ASP A 41 5.37 7.83 7.07
CA ASP A 41 6.02 9.16 6.84
C ASP A 41 4.94 10.22 6.69
N ASN A 42 4.02 9.90 5.82
CA ASN A 42 2.86 10.81 5.52
C ASN A 42 1.98 10.98 6.79
N GLY A 43 1.45 9.90 7.29
CA GLY A 43 0.58 9.93 8.51
C GLY A 43 -0.85 9.46 8.23
N VAL A 44 -0.97 8.39 7.48
CA VAL A 44 -2.30 7.80 7.12
C VAL A 44 -2.34 6.30 7.42
N ASP A 45 -2.21 5.96 8.68
CA ASP A 45 -2.21 4.52 9.10
C ASP A 45 -3.31 4.14 10.13
N GLY A 46 -4.49 3.85 9.64
CA GLY A 46 -5.66 3.46 10.50
C GLY A 46 -5.94 1.98 10.18
N GLU A 47 -6.15 1.74 8.92
CA GLU A 47 -6.44 0.39 8.35
C GLU A 47 -5.33 0.30 7.31
N TRP A 48 -4.56 -0.76 7.31
CA TRP A 48 -3.45 -0.85 6.30
C TRP A 48 -3.23 -2.29 5.81
N THR A 49 -3.87 -2.65 4.73
CA THR A 49 -3.69 -4.05 4.21
C THR A 49 -3.87 -4.12 2.71
N TYR A 50 -3.81 -5.30 2.17
CA TYR A 50 -3.95 -5.49 0.71
C TYR A 50 -5.22 -6.19 0.20
N ASP A 51 -5.36 -6.09 -1.10
CA ASP A 51 -6.48 -6.64 -1.90
C ASP A 51 -6.00 -7.69 -2.91
N ASP A 52 -6.95 -8.51 -3.29
CA ASP A 52 -6.71 -9.60 -4.27
C ASP A 52 -7.79 -9.59 -5.35
N ALA A 53 -8.55 -8.52 -5.34
CA ALA A 53 -9.64 -8.38 -6.35
C ALA A 53 -8.96 -7.88 -7.63
N THR A 54 -8.22 -6.82 -7.47
CA THR A 54 -7.46 -6.18 -8.57
C THR A 54 -5.99 -6.08 -8.11
N LYS A 55 -5.61 -7.05 -7.29
CA LYS A 55 -4.24 -7.16 -6.70
C LYS A 55 -3.55 -5.81 -6.51
N THR A 56 -4.23 -5.07 -5.67
CA THR A 56 -3.84 -3.69 -5.26
C THR A 56 -3.63 -3.73 -3.74
N PHE A 57 -3.17 -2.63 -3.20
CA PHE A 57 -2.92 -2.56 -1.72
C PHE A 57 -3.80 -1.38 -1.28
N THR A 58 -4.20 -1.33 -0.03
CA THR A 58 -5.06 -0.20 0.43
C THR A 58 -4.77 0.25 1.84
N VAL A 59 -4.97 1.51 2.03
CA VAL A 59 -4.75 2.13 3.36
C VAL A 59 -5.85 3.16 3.57
N THR A 60 -6.37 3.13 4.76
CA THR A 60 -7.46 4.08 5.15
C THR A 60 -7.01 4.69 6.48
N GLU A 61 -7.57 5.82 6.83
CA GLU A 61 -7.18 6.47 8.12
C GLU A 61 -8.44 6.59 8.98
N LYS A 62 -8.87 5.44 9.43
CA LYS A 62 -10.10 5.33 10.29
C LYS A 62 -9.65 4.72 11.65
N PRO A 63 -10.26 5.13 12.75
CA PRO A 63 -9.95 4.65 14.13
C PRO A 63 -9.49 3.19 14.25
N GLU A 64 -10.30 2.30 13.71
CA GLU A 64 -10.04 0.83 13.73
C GLU A 64 -9.23 0.36 14.97
N LEU A 1 7.65 -16.28 0.00
CA LEU A 1 8.57 -17.02 -0.89
C LEU A 1 8.40 -16.39 -2.30
N THR A 2 9.00 -15.23 -2.43
CA THR A 2 8.99 -14.40 -3.69
C THR A 2 8.00 -14.84 -4.79
N PRO A 3 6.73 -14.60 -4.56
CA PRO A 3 5.64 -14.95 -5.51
C PRO A 3 5.54 -13.87 -6.59
N ALA A 4 5.49 -12.64 -6.13
CA ALA A 4 5.38 -11.46 -7.04
C ALA A 4 6.56 -10.48 -6.87
N VAL A 5 7.52 -10.60 -7.74
CA VAL A 5 8.72 -9.71 -7.71
C VAL A 5 8.53 -8.77 -8.91
N THR A 6 7.44 -8.06 -8.81
CA THR A 6 7.02 -7.08 -9.85
C THR A 6 6.60 -5.77 -9.16
N THR A 7 6.03 -4.92 -9.96
CA THR A 7 5.56 -3.60 -9.48
C THR A 7 4.13 -3.83 -8.98
N TYR A 8 3.89 -3.33 -7.81
CA TYR A 8 2.55 -3.45 -7.15
C TYR A 8 2.03 -2.04 -7.01
N LYS A 9 0.75 -1.98 -6.75
CA LYS A 9 0.08 -0.65 -6.60
C LYS A 9 -0.46 -0.40 -5.19
N LEU A 10 -0.60 0.86 -4.88
CA LEU A 10 -1.13 1.30 -3.56
C LEU A 10 -2.14 2.45 -3.69
N VAL A 11 -3.22 2.38 -2.97
CA VAL A 11 -4.26 3.44 -2.99
C VAL A 11 -4.37 3.91 -1.53
N ILE A 12 -4.74 5.14 -1.37
CA ILE A 12 -4.89 5.73 0.00
C ILE A 12 -6.40 5.97 0.10
N ASN A 13 -7.01 5.60 1.20
CA ASN A 13 -8.49 5.82 1.33
C ASN A 13 -8.88 6.20 2.77
N GLY A 14 -8.56 7.40 3.19
CA GLY A 14 -8.92 7.81 4.59
C GLY A 14 -8.11 8.95 5.18
N LYS A 15 -7.80 9.92 4.36
CA LYS A 15 -7.01 11.10 4.84
C LYS A 15 -7.70 12.36 4.30
N THR A 16 -7.55 12.59 3.02
CA THR A 16 -8.17 13.78 2.36
C THR A 16 -8.82 13.36 1.03
N LEU A 17 -8.03 12.67 0.25
CA LEU A 17 -8.46 12.17 -1.10
C LEU A 17 -8.28 10.65 -1.19
N LYS A 18 -8.74 10.12 -2.29
CA LYS A 18 -8.66 8.65 -2.60
C LYS A 18 -7.83 8.57 -3.90
N GLY A 19 -6.54 8.70 -3.75
CA GLY A 19 -5.60 8.65 -4.92
C GLY A 19 -4.64 7.46 -4.77
N GLU A 20 -3.78 7.28 -5.74
CA GLU A 20 -2.81 6.14 -5.68
C GLU A 20 -1.34 6.50 -5.99
N THR A 21 -0.53 5.56 -5.58
CA THR A 21 0.95 5.56 -5.73
C THR A 21 1.31 4.10 -6.06
N THR A 22 2.56 3.83 -6.32
CA THR A 22 3.00 2.43 -6.63
C THR A 22 4.43 2.14 -6.10
N THR A 23 4.80 0.89 -6.09
CA THR A 23 6.16 0.47 -5.61
C THR A 23 6.57 -0.88 -6.24
N GLU A 24 7.75 -1.32 -5.88
CA GLU A 24 8.31 -2.62 -6.40
C GLU A 24 8.41 -3.53 -5.16
N ALA A 25 7.94 -4.75 -5.27
CA ALA A 25 8.00 -5.68 -4.10
C ALA A 25 8.60 -7.04 -4.46
N VAL A 26 8.74 -7.85 -3.44
CA VAL A 26 9.30 -9.23 -3.59
C VAL A 26 8.16 -10.13 -3.09
N ASP A 27 7.75 -9.87 -1.87
CA ASP A 27 6.65 -10.62 -1.20
C ASP A 27 5.55 -9.63 -0.78
N ALA A 28 4.40 -10.19 -0.44
CA ALA A 28 3.24 -9.35 0.00
C ALA A 28 3.70 -8.41 1.12
N ALA A 29 4.37 -9.00 2.08
CA ALA A 29 4.89 -8.22 3.24
C ALA A 29 5.84 -7.12 2.73
N THR A 30 6.78 -7.47 1.87
CA THR A 30 7.74 -6.46 1.33
C THR A 30 6.98 -5.21 0.86
N ALA A 31 6.00 -5.47 0.02
CA ALA A 31 5.16 -4.34 -0.51
C ALA A 31 4.65 -3.51 0.65
N GLU A 32 3.96 -4.16 1.55
CA GLU A 32 3.40 -3.44 2.73
C GLU A 32 4.48 -2.61 3.43
N LYS A 33 5.66 -3.15 3.61
CA LYS A 33 6.76 -2.41 4.29
C LYS A 33 7.16 -1.12 3.53
N VAL A 34 7.43 -1.23 2.25
CA VAL A 34 7.84 0.01 1.50
C VAL A 34 6.67 1.00 1.51
N PHE A 35 5.51 0.50 1.15
CA PHE A 35 4.31 1.36 1.13
C PHE A 35 4.10 1.97 2.53
N LYS A 36 4.32 1.19 3.55
CA LYS A 36 4.14 1.68 4.96
C LYS A 36 5.09 2.84 5.16
N GLN A 37 6.37 2.65 4.92
CA GLN A 37 7.37 3.77 5.10
C GLN A 37 6.76 5.07 4.53
N TYR A 38 6.37 4.96 3.29
CA TYR A 38 5.73 6.12 2.55
C TYR A 38 4.53 6.67 3.33
N ALA A 39 3.56 5.83 3.56
CA ALA A 39 2.33 6.23 4.30
C ALA A 39 2.61 6.79 5.70
N ASN A 40 3.67 6.33 6.31
CA ASN A 40 4.05 6.81 7.68
C ASN A 40 4.54 8.24 7.48
N ASP A 41 5.51 8.39 6.61
CA ASP A 41 6.11 9.72 6.27
C ASP A 41 4.96 10.74 6.16
N ASN A 42 4.02 10.35 5.33
CA ASN A 42 2.80 11.19 5.08
C ASN A 42 2.04 11.43 6.41
N GLY A 43 1.60 10.36 7.02
CA GLY A 43 0.85 10.40 8.31
C GLY A 43 -0.55 9.79 8.16
N VAL A 44 -0.64 8.70 7.43
CA VAL A 44 -1.94 7.98 7.20
C VAL A 44 -1.78 6.48 7.50
N ASP A 45 -2.25 6.06 8.65
CA ASP A 45 -2.16 4.62 9.05
C ASP A 45 -3.28 4.11 10.00
N GLY A 46 -4.28 3.49 9.43
CA GLY A 46 -5.43 2.94 10.23
C GLY A 46 -5.51 1.42 10.04
N GLU A 47 -5.97 1.04 8.87
CA GLU A 47 -6.14 -0.38 8.44
C GLU A 47 -5.24 -0.37 7.21
N TRP A 48 -4.11 -0.99 7.36
CA TRP A 48 -3.09 -1.08 6.27
C TRP A 48 -3.06 -2.53 5.77
N THR A 49 -3.76 -2.78 4.69
CA THR A 49 -3.79 -4.17 4.13
C THR A 49 -3.81 -4.15 2.62
N TYR A 50 -3.97 -5.31 2.03
CA TYR A 50 -3.99 -5.40 0.54
C TYR A 50 -5.29 -5.87 -0.14
N ASP A 51 -5.24 -5.71 -1.44
CA ASP A 51 -6.32 -6.04 -2.40
C ASP A 51 -5.76 -7.10 -3.36
N ASP A 52 -6.58 -8.10 -3.55
CA ASP A 52 -6.21 -9.23 -4.44
C ASP A 52 -7.11 -9.20 -5.68
N ALA A 53 -7.54 -8.00 -6.01
CA ALA A 53 -8.44 -7.83 -7.21
C ALA A 53 -7.64 -7.28 -8.40
N THR A 54 -6.91 -6.22 -8.15
CA THR A 54 -6.08 -5.56 -9.21
C THR A 54 -4.65 -5.38 -8.66
N LYS A 55 -4.21 -6.39 -7.95
CA LYS A 55 -2.84 -6.41 -7.32
C LYS A 55 -2.47 -5.03 -6.78
N THR A 56 -3.36 -4.58 -5.93
CA THR A 56 -3.22 -3.25 -5.27
C THR A 56 -3.12 -3.40 -3.75
N PHE A 57 -2.68 -2.36 -3.10
CA PHE A 57 -2.54 -2.36 -1.62
C PHE A 57 -3.34 -1.16 -1.13
N THR A 58 -3.75 -1.13 0.10
CA THR A 58 -4.55 0.04 0.60
C THR A 58 -4.35 0.35 2.07
N VAL A 59 -4.44 1.62 2.31
CA VAL A 59 -4.29 2.18 3.67
C VAL A 59 -5.55 3.02 3.82
N THR A 60 -6.45 2.44 4.56
CA THR A 60 -7.75 3.12 4.81
C THR A 60 -7.87 3.42 6.30
N GLU A 61 -8.80 4.27 6.63
CA GLU A 61 -9.02 4.65 8.05
C GLU A 61 -10.51 4.49 8.30
N LYS A 62 -10.94 3.31 7.90
CA LYS A 62 -12.37 2.87 8.01
C LYS A 62 -12.46 1.50 8.73
N PRO A 63 -13.62 1.15 9.24
CA PRO A 63 -13.84 -0.15 9.95
C PRO A 63 -13.24 -1.29 9.12
N GLU A 64 -13.60 -1.27 7.86
CA GLU A 64 -13.13 -2.29 6.88
C GLU A 64 -12.45 -1.49 5.75
N LEU A 1 6.89 -18.62 -9.53
CA LEU A 1 5.54 -17.99 -9.41
C LEU A 1 5.69 -16.47 -9.21
N THR A 2 6.42 -16.11 -8.18
CA THR A 2 6.66 -14.68 -7.83
C THR A 2 8.18 -14.35 -7.88
N PRO A 3 8.64 -13.70 -8.94
CA PRO A 3 10.08 -13.32 -9.09
C PRO A 3 10.48 -12.32 -7.99
N ALA A 4 11.71 -11.85 -8.04
CA ALA A 4 12.16 -10.87 -7.01
C ALA A 4 12.18 -9.47 -7.61
N VAL A 5 11.24 -9.32 -8.50
CA VAL A 5 10.99 -8.06 -9.25
C VAL A 5 9.48 -8.06 -9.56
N THR A 6 8.70 -7.62 -8.61
CA THR A 6 7.21 -7.56 -8.78
C THR A 6 6.75 -6.12 -8.58
N THR A 7 5.68 -5.76 -9.25
CA THR A 7 5.13 -4.38 -9.13
C THR A 7 3.74 -4.51 -8.50
N TYR A 8 3.49 -3.65 -7.55
CA TYR A 8 2.19 -3.64 -6.82
C TYR A 8 1.64 -2.22 -6.90
N LYS A 9 0.37 -2.11 -6.62
CA LYS A 9 -0.30 -0.77 -6.66
C LYS A 9 -0.92 -0.44 -5.29
N LEU A 10 -0.94 0.83 -4.99
CA LEU A 10 -1.52 1.33 -3.70
C LEU A 10 -2.46 2.53 -3.88
N VAL A 11 -3.59 2.50 -3.23
CA VAL A 11 -4.59 3.61 -3.31
C VAL A 11 -4.78 4.06 -1.84
N ILE A 12 -5.01 5.32 -1.64
CA ILE A 12 -5.21 5.84 -0.24
C ILE A 12 -6.64 6.39 -0.18
N ASN A 13 -7.34 6.13 0.90
CA ASN A 13 -8.74 6.64 1.03
C ASN A 13 -8.94 7.11 2.48
N GLY A 14 -8.04 7.93 2.92
CA GLY A 14 -8.08 8.48 4.32
C GLY A 14 -8.11 10.01 4.34
N LYS A 15 -9.07 10.58 3.63
CA LYS A 15 -9.30 12.06 3.51
C LYS A 15 -8.04 12.96 3.66
N THR A 16 -6.95 12.40 3.22
CA THR A 16 -5.61 13.09 3.26
C THR A 16 -4.92 12.65 1.96
N LEU A 17 -5.74 12.66 0.93
CA LEU A 17 -5.41 12.29 -0.49
C LEU A 17 -6.22 11.01 -0.81
N LYS A 18 -6.93 11.08 -1.91
CA LYS A 18 -7.77 9.92 -2.37
C LYS A 18 -7.32 9.65 -3.80
N GLY A 19 -6.06 9.34 -3.89
CA GLY A 19 -5.41 9.03 -5.21
C GLY A 19 -4.62 7.74 -5.07
N GLU A 20 -3.87 7.44 -6.11
CA GLU A 20 -3.04 6.19 -6.07
C GLU A 20 -1.58 6.46 -6.46
N THR A 21 -0.80 5.52 -6.05
CA THR A 21 0.68 5.47 -6.27
C THR A 21 1.02 3.99 -6.44
N THR A 22 2.25 3.70 -6.83
CA THR A 22 2.65 2.26 -7.01
C THR A 22 4.04 2.03 -6.41
N THR A 23 4.39 0.77 -6.28
CA THR A 23 5.72 0.39 -5.71
C THR A 23 6.30 -0.83 -6.43
N GLU A 24 7.60 -0.89 -6.39
CA GLU A 24 8.37 -1.99 -7.03
C GLU A 24 8.94 -2.69 -5.79
N ALA A 25 8.56 -3.93 -5.64
CA ALA A 25 9.00 -4.77 -4.49
C ALA A 25 9.57 -6.10 -4.98
N VAL A 26 9.91 -6.92 -4.01
CA VAL A 26 10.49 -8.26 -4.29
C VAL A 26 9.31 -9.23 -4.12
N ASP A 27 8.86 -9.32 -2.89
CA ASP A 27 7.72 -10.21 -2.53
C ASP A 27 6.60 -9.43 -1.81
N ALA A 28 5.52 -10.14 -1.52
CA ALA A 28 4.34 -9.55 -0.83
C ALA A 28 4.72 -8.67 0.37
N ALA A 29 5.50 -9.24 1.25
CA ALA A 29 5.95 -8.49 2.46
C ALA A 29 6.68 -7.20 2.06
N THR A 30 7.69 -7.32 1.22
CA THR A 30 8.47 -6.14 0.74
C THR A 30 7.51 -4.98 0.41
N ALA A 31 6.52 -5.31 -0.40
CA ALA A 31 5.52 -4.28 -0.80
C ALA A 31 4.96 -3.60 0.45
N GLU A 32 4.36 -4.41 1.29
CA GLU A 32 3.76 -3.91 2.56
C GLU A 32 4.75 -2.98 3.28
N LYS A 33 5.98 -3.38 3.37
CA LYS A 33 7.02 -2.55 4.07
C LYS A 33 7.24 -1.18 3.42
N VAL A 34 7.53 -1.15 2.13
CA VAL A 34 7.76 0.19 1.49
C VAL A 34 6.51 1.05 1.62
N PHE A 35 5.40 0.47 1.24
CA PHE A 35 4.10 1.19 1.32
C PHE A 35 3.89 1.67 2.76
N LYS A 36 4.12 0.81 3.72
CA LYS A 36 3.95 1.18 5.15
C LYS A 36 4.79 2.42 5.47
N GLN A 37 6.07 2.35 5.22
CA GLN A 37 6.97 3.52 5.49
C GLN A 37 6.31 4.79 4.92
N TYR A 38 5.94 4.72 3.67
CA TYR A 38 5.29 5.87 2.98
C TYR A 38 4.06 6.33 3.81
N ALA A 39 3.16 5.43 4.04
CA ALA A 39 1.93 5.76 4.83
C ALA A 39 2.26 6.37 6.19
N ASN A 40 3.35 5.93 6.79
CA ASN A 40 3.74 6.49 8.12
C ASN A 40 4.16 7.94 7.88
N ASP A 41 5.11 8.11 7.00
CA ASP A 41 5.63 9.46 6.63
C ASP A 41 4.45 10.44 6.50
N ASN A 42 3.50 9.99 5.71
CA ASN A 42 2.26 10.78 5.44
C ASN A 42 1.44 11.00 6.74
N GLY A 43 1.05 9.91 7.37
CA GLY A 43 0.26 9.95 8.64
C GLY A 43 -1.13 9.32 8.44
N VAL A 44 -1.16 8.20 7.76
CA VAL A 44 -2.44 7.47 7.48
C VAL A 44 -2.30 5.96 7.77
N ASP A 45 -2.38 5.59 9.02
CA ASP A 45 -2.26 4.14 9.43
C ASP A 45 -3.43 3.62 10.32
N GLY A 46 -4.57 3.39 9.70
CA GLY A 46 -5.78 2.87 10.43
C GLY A 46 -6.14 1.45 9.92
N GLU A 47 -6.43 1.37 8.65
CA GLU A 47 -6.80 0.06 7.99
C GLU A 47 -5.70 0.05 6.93
N TRP A 48 -4.80 -0.89 6.96
CA TRP A 48 -3.71 -0.91 5.93
C TRP A 48 -3.51 -2.34 5.38
N THR A 49 -4.28 -2.66 4.38
CA THR A 49 -4.19 -4.04 3.77
C THR A 49 -4.36 -4.02 2.25
N TYR A 50 -4.55 -5.15 1.63
CA TYR A 50 -4.71 -5.21 0.13
C TYR A 50 -6.15 -5.43 -0.39
N ASP A 51 -6.45 -4.82 -1.53
CA ASP A 51 -7.82 -4.95 -2.15
C ASP A 51 -7.91 -4.92 -3.66
N ASP A 52 -7.53 -6.04 -4.19
CA ASP A 52 -7.53 -6.25 -5.67
C ASP A 52 -8.19 -7.56 -6.03
N ALA A 53 -7.76 -8.46 -5.21
CA ALA A 53 -8.11 -9.91 -5.20
C ALA A 53 -6.73 -10.51 -5.57
N THR A 54 -6.01 -9.75 -6.38
CA THR A 54 -4.65 -10.15 -6.86
C THR A 54 -3.52 -9.17 -6.44
N LYS A 55 -3.61 -7.89 -6.72
CA LYS A 55 -2.48 -6.97 -6.29
C LYS A 55 -2.63 -5.44 -6.02
N THR A 56 -3.59 -5.04 -5.22
CA THR A 56 -3.78 -3.57 -4.90
C THR A 56 -3.56 -3.50 -3.41
N PHE A 57 -3.12 -2.36 -2.96
CA PHE A 57 -2.88 -2.17 -1.53
C PHE A 57 -3.76 -0.96 -1.24
N THR A 58 -4.32 -0.91 -0.08
CA THR A 58 -5.20 0.22 0.29
C THR A 58 -4.93 0.61 1.71
N VAL A 59 -4.98 1.89 1.92
CA VAL A 59 -4.76 2.42 3.26
C VAL A 59 -5.82 3.48 3.60
N THR A 60 -6.33 3.34 4.78
CA THR A 60 -7.37 4.26 5.31
C THR A 60 -6.90 4.64 6.72
N GLU A 61 -7.59 5.55 7.34
CA GLU A 61 -7.21 6.00 8.72
C GLU A 61 -8.41 5.68 9.64
N LYS A 62 -8.23 5.97 10.90
CA LYS A 62 -9.26 5.75 12.00
C LYS A 62 -9.02 4.35 12.61
N PRO A 63 -7.98 4.20 13.39
CA PRO A 63 -7.60 2.92 14.06
C PRO A 63 -8.76 2.11 14.68
N GLU A 64 -9.68 2.81 15.30
CA GLU A 64 -10.85 2.12 15.95
C GLU A 64 -12.15 2.34 15.13
#